data_2NAX
#
_entry.id   2NAX
#
loop_
_entity.id
_entity.type
_entity.pdbx_description
1 polymer 'Protein PCF11'
2 non-polymer 'ZINC ION'
#
_entity_poly.entity_id   1
_entity_poly.type   'polypeptide(L)'
_entity_poly.pdbx_seq_one_letter_code
;GGSEFSDRSNELEIRGKYVVVPETSQDMAFKCPICKETVTGVYDEESGEWVWKNTIEVNGKYFHSTCYHETSQNSS
;
_entity_poly.pdbx_strand_id   A
#
# COMPACT_ATOMS: atom_id res chain seq x y z
N GLY A 1 19.99 -0.61 -18.46
CA GLY A 1 19.23 0.42 -19.20
C GLY A 1 17.94 -0.14 -19.79
N GLY A 2 16.90 -0.26 -18.96
CA GLY A 2 15.56 -0.71 -19.41
C GLY A 2 14.87 0.31 -20.33
N SER A 3 14.01 -0.19 -21.25
CA SER A 3 13.24 0.64 -22.20
C SER A 3 12.14 1.45 -21.50
N GLU A 4 11.37 0.80 -20.61
CA GLU A 4 10.32 1.41 -19.78
C GLU A 4 10.35 0.94 -18.30
N PHE A 5 10.95 -0.22 -18.01
CA PHE A 5 11.19 -0.71 -16.65
C PHE A 5 12.26 0.12 -15.92
N SER A 6 12.07 0.36 -14.62
CA SER A 6 13.10 0.96 -13.76
C SER A 6 14.14 -0.07 -13.32
N ASP A 7 15.42 0.30 -13.41
CA ASP A 7 16.56 -0.50 -12.93
C ASP A 7 16.90 -0.26 -11.44
N ARG A 8 16.16 0.61 -10.75
CA ARG A 8 16.40 1.06 -9.36
C ARG A 8 15.96 0.05 -8.26
N SER A 9 16.03 -1.25 -8.57
CA SER A 9 15.64 -2.40 -7.74
C SER A 9 14.14 -2.46 -7.36
N ASN A 10 13.73 -3.57 -6.74
CA ASN A 10 12.36 -3.85 -6.29
C ASN A 10 11.92 -2.98 -5.09
N GLU A 11 12.84 -2.28 -4.42
CA GLU A 11 12.57 -1.44 -3.24
C GLU A 11 11.48 -0.39 -3.49
N LEU A 12 11.49 0.24 -4.68
CA LEU A 12 10.48 1.22 -5.09
C LEU A 12 9.14 0.57 -5.52
N GLU A 13 9.21 -0.64 -6.09
CA GLU A 13 8.06 -1.36 -6.65
C GLU A 13 7.05 -1.83 -5.58
N ILE A 14 7.53 -2.14 -4.38
CA ILE A 14 6.67 -2.43 -3.21
C ILE A 14 5.80 -1.22 -2.86
N ARG A 15 6.38 -0.01 -2.87
CA ARG A 15 5.71 1.25 -2.50
C ARG A 15 4.77 1.77 -3.60
N GLY A 16 5.00 1.38 -4.84
CA GLY A 16 4.14 1.72 -6.00
C GLY A 16 2.78 1.00 -6.05
N LYS A 17 2.54 -0.03 -5.21
CA LYS A 17 1.27 -0.77 -5.13
C LYS A 17 0.13 0.06 -4.56
N TYR A 18 -1.10 -0.26 -4.95
CA TYR A 18 -2.34 0.32 -4.40
C TYR A 18 -3.55 -0.61 -4.54
N VAL A 19 -4.63 -0.28 -3.82
CA VAL A 19 -5.94 -0.96 -3.84
C VAL A 19 -7.07 0.07 -3.89
N VAL A 20 -8.14 -0.17 -4.67
CA VAL A 20 -9.26 0.79 -4.82
C VAL A 20 -10.07 0.92 -3.54
N VAL A 21 -10.33 2.15 -3.10
CA VAL A 21 -11.23 2.46 -1.98
C VAL A 21 -12.70 2.40 -2.45
N PRO A 22 -13.56 1.57 -1.84
CA PRO A 22 -14.99 1.52 -2.18
C PRO A 22 -15.77 2.71 -1.61
N GLU A 23 -16.90 3.05 -2.22
CA GLU A 23 -17.83 4.07 -1.74
C GLU A 23 -18.51 3.71 -0.41
N THR A 24 -18.48 2.43 -0.02
CA THR A 24 -18.94 1.89 1.27
C THR A 24 -17.89 2.05 2.38
N SER A 25 -16.66 2.46 2.07
CA SER A 25 -15.58 2.66 3.05
C SER A 25 -15.92 3.71 4.11
N GLN A 26 -15.53 3.44 5.36
CA GLN A 26 -15.63 4.37 6.49
C GLN A 26 -14.55 5.47 6.36
N ASP A 27 -14.93 6.63 5.81
CA ASP A 27 -14.09 7.83 5.63
C ASP A 27 -12.77 7.59 4.84
N MET A 28 -12.72 6.56 3.99
CA MET A 28 -11.57 6.19 3.15
C MET A 28 -10.27 5.90 3.94
N ALA A 29 -10.38 5.36 5.16
CA ALA A 29 -9.24 5.16 6.05
C ALA A 29 -9.20 3.81 6.79
N PHE A 30 -7.98 3.35 7.07
CA PHE A 30 -7.63 2.20 7.91
C PHE A 30 -6.26 2.44 8.58
N LYS A 31 -5.90 1.64 9.61
CA LYS A 31 -4.64 1.77 10.35
C LYS A 31 -3.76 0.52 10.22
N CYS A 32 -2.47 0.76 9.95
CA CYS A 32 -1.39 -0.22 9.97
C CYS A 32 -1.02 -0.59 11.42
N PRO A 33 -1.27 -1.83 11.89
CA PRO A 33 -0.86 -2.26 13.23
C PRO A 33 0.66 -2.45 13.40
N ILE A 34 1.44 -2.52 12.31
CA ILE A 34 2.89 -2.72 12.34
C ILE A 34 3.61 -1.44 12.81
N CYS A 35 3.38 -0.31 12.12
CA CYS A 35 3.99 0.98 12.42
C CYS A 35 3.04 1.96 13.16
N LYS A 36 1.79 1.53 13.41
CA LYS A 36 0.70 2.29 14.06
C LYS A 36 0.28 3.55 13.27
N GLU A 37 0.18 3.47 11.94
CA GLU A 37 -0.10 4.65 11.09
C GLU A 37 -1.35 4.51 10.23
N THR A 38 -2.06 5.61 10.00
CA THR A 38 -3.36 5.63 9.30
C THR A 38 -3.18 5.92 7.80
N VAL A 39 -3.62 5.01 6.93
CA VAL A 39 -3.74 5.23 5.47
C VAL A 39 -5.02 6.00 5.13
N THR A 40 -4.95 6.80 4.06
CA THR A 40 -6.09 7.55 3.50
C THR A 40 -6.16 7.37 1.98
N GLY A 41 -7.38 7.32 1.43
CA GLY A 41 -7.63 7.22 0.00
C GLY A 41 -7.22 8.48 -0.80
N VAL A 42 -6.88 8.30 -2.08
CA VAL A 42 -6.49 9.35 -3.04
C VAL A 42 -7.22 9.18 -4.38
N TYR A 43 -7.72 10.26 -5.00
CA TYR A 43 -8.54 10.19 -6.21
C TYR A 43 -7.78 9.75 -7.47
N ASP A 44 -8.44 8.93 -8.30
CA ASP A 44 -8.03 8.52 -9.64
C ASP A 44 -9.00 9.06 -10.69
N GLU A 45 -8.54 10.04 -11.47
CA GLU A 45 -9.32 10.70 -12.53
C GLU A 45 -9.69 9.79 -13.72
N GLU A 46 -8.89 8.75 -14.01
CA GLU A 46 -9.11 7.86 -15.16
C GLU A 46 -10.28 6.89 -14.92
N SER A 47 -10.29 6.17 -13.78
CA SER A 47 -11.39 5.30 -13.37
C SER A 47 -12.57 6.11 -12.81
N GLY A 48 -12.29 7.25 -12.16
CA GLY A 48 -13.28 8.05 -11.46
C GLY A 48 -13.59 7.52 -10.06
N GLU A 49 -12.60 6.87 -9.44
CA GLU A 49 -12.66 6.21 -8.13
C GLU A 49 -11.50 6.68 -7.24
N TRP A 50 -11.33 6.09 -6.05
CA TRP A 50 -10.25 6.42 -5.11
C TRP A 50 -9.35 5.20 -4.87
N VAL A 51 -8.10 5.42 -4.45
CA VAL A 51 -7.07 4.37 -4.22
C VAL A 51 -6.27 4.61 -2.94
N TRP A 52 -5.98 3.53 -2.23
CA TRP A 52 -5.13 3.46 -1.06
C TRP A 52 -3.70 3.16 -1.51
N LYS A 53 -2.83 4.19 -1.47
CA LYS A 53 -1.42 4.12 -1.89
C LYS A 53 -0.56 3.32 -0.90
N ASN A 54 0.41 2.55 -1.38
CA ASN A 54 1.28 1.67 -0.58
C ASN A 54 0.50 0.73 0.38
N THR A 55 -0.64 0.17 -0.04
CA THR A 55 -1.57 -0.59 0.83
C THR A 55 -1.84 -2.00 0.33
N ILE A 56 -2.10 -2.92 1.27
CA ILE A 56 -2.42 -4.33 1.07
C ILE A 56 -3.51 -4.79 2.06
N GLU A 57 -4.47 -5.57 1.58
CA GLU A 57 -5.46 -6.30 2.39
C GLU A 57 -5.14 -7.80 2.39
N VAL A 58 -5.25 -8.45 3.55
CA VAL A 58 -5.00 -9.89 3.73
C VAL A 58 -5.82 -10.45 4.89
N ASN A 59 -6.62 -11.47 4.58
CA ASN A 59 -7.43 -12.24 5.53
C ASN A 59 -8.27 -11.38 6.50
N GLY A 60 -8.88 -10.30 6.00
CA GLY A 60 -9.72 -9.38 6.77
C GLY A 60 -8.98 -8.24 7.50
N LYS A 61 -7.65 -8.14 7.37
CA LYS A 61 -6.80 -7.09 7.96
C LYS A 61 -6.15 -6.21 6.89
N TYR A 62 -5.85 -4.96 7.26
CA TYR A 62 -5.18 -3.97 6.40
C TYR A 62 -3.78 -3.64 6.90
N PHE A 63 -2.87 -3.38 5.96
CA PHE A 63 -1.46 -3.11 6.20
C PHE A 63 -0.86 -2.23 5.08
N HIS A 64 0.32 -1.65 5.34
CA HIS A 64 1.14 -1.04 4.30
C HIS A 64 1.86 -2.15 3.53
N SER A 65 2.06 -1.99 2.22
CA SER A 65 2.77 -2.98 1.40
C SER A 65 4.25 -3.11 1.84
N THR A 66 4.93 -1.98 2.06
CA THR A 66 6.32 -1.94 2.58
C THR A 66 6.48 -2.50 4.00
N CYS A 67 5.48 -2.31 4.87
CA CYS A 67 5.47 -2.87 6.23
C CYS A 67 5.25 -4.40 6.21
N TYR A 68 4.16 -4.84 5.57
CA TYR A 68 3.80 -6.26 5.48
C TYR A 68 4.87 -7.10 4.77
N HIS A 69 5.56 -6.56 3.75
CA HIS A 69 6.66 -7.23 3.04
C HIS A 69 7.80 -7.71 3.97
N GLU A 70 8.06 -6.99 5.08
CA GLU A 70 9.03 -7.39 6.11
C GLU A 70 8.54 -8.56 7.00
N THR A 71 7.22 -8.74 7.14
CA THR A 71 6.58 -9.74 8.03
C THR A 71 5.97 -10.95 7.28
N SER A 72 6.06 -11.00 5.95
CA SER A 72 5.51 -12.07 5.09
C SER A 72 6.19 -13.44 5.32
N GLN A 73 5.70 -14.24 6.26
CA GLN A 73 6.12 -15.63 6.44
C GLN A 73 5.74 -16.48 5.22
N ASN A 74 6.76 -17.05 4.54
CA ASN A 74 6.58 -17.84 3.32
C ASN A 74 7.73 -18.86 3.12
N SER A 75 7.43 -20.01 2.49
CA SER A 75 8.40 -21.05 2.10
C SER A 75 7.79 -22.05 1.10
N SER A 76 6.54 -22.49 1.34
CA SER A 76 5.73 -23.33 0.45
C SER A 76 5.24 -22.61 -0.82
N GLY A 1 13.46 0.26 -16.88
CA GLY A 1 13.82 1.69 -16.88
C GLY A 1 15.08 1.96 -17.70
N GLY A 2 15.52 3.22 -17.75
CA GLY A 2 16.72 3.64 -18.47
C GLY A 2 18.03 3.14 -17.84
N SER A 3 19.06 2.91 -18.66
CA SER A 3 20.39 2.45 -18.24
C SER A 3 21.20 3.51 -17.45
N GLU A 4 20.90 4.79 -17.66
CA GLU A 4 21.45 5.94 -16.92
C GLU A 4 20.34 6.97 -16.69
N PHE A 5 19.70 6.89 -15.52
CA PHE A 5 18.47 7.60 -15.15
C PHE A 5 18.36 7.79 -13.62
N SER A 6 17.26 8.40 -13.15
CA SER A 6 16.91 8.56 -11.74
C SER A 6 16.84 7.24 -10.95
N ASP A 7 16.94 7.31 -9.62
CA ASP A 7 17.02 6.18 -8.68
C ASP A 7 15.69 5.41 -8.52
N ARG A 8 15.25 4.70 -9.57
CA ARG A 8 14.08 3.81 -9.60
C ARG A 8 14.30 2.50 -8.82
N SER A 9 14.51 2.64 -7.51
CA SER A 9 14.70 1.53 -6.56
C SER A 9 13.45 0.65 -6.42
N ASN A 10 13.64 -0.63 -6.08
CA ASN A 10 12.56 -1.56 -5.70
C ASN A 10 11.73 -1.04 -4.52
N GLU A 11 12.32 -0.21 -3.64
CA GLU A 11 11.63 0.48 -2.53
C GLU A 11 10.42 1.29 -3.03
N LEU A 12 10.54 1.93 -4.20
CA LEU A 12 9.46 2.73 -4.79
C LEU A 12 8.34 1.86 -5.37
N GLU A 13 8.69 0.71 -5.95
CA GLU A 13 7.73 -0.23 -6.56
C GLU A 13 6.86 -0.96 -5.52
N ILE A 14 7.41 -1.26 -4.34
CA ILE A 14 6.63 -1.79 -3.21
C ILE A 14 5.64 -0.73 -2.69
N ARG A 15 6.01 0.56 -2.69
CA ARG A 15 5.16 1.68 -2.25
C ARG A 15 4.10 2.08 -3.28
N GLY A 16 4.37 1.82 -4.56
CA GLY A 16 3.46 2.05 -5.69
C GLY A 16 2.24 1.13 -5.74
N LYS A 17 2.18 0.09 -4.89
CA LYS A 17 1.00 -0.77 -4.69
C LYS A 17 -0.18 0.03 -4.12
N TYR A 18 -1.41 -0.38 -4.44
CA TYR A 18 -2.63 0.20 -3.92
C TYR A 18 -3.83 -0.77 -3.98
N VAL A 19 -4.89 -0.41 -3.27
CA VAL A 19 -6.23 -1.03 -3.32
C VAL A 19 -7.29 0.06 -3.51
N VAL A 20 -8.32 -0.19 -4.34
CA VAL A 20 -9.37 0.82 -4.63
C VAL A 20 -10.26 1.03 -3.41
N VAL A 21 -10.44 2.29 -3.00
CA VAL A 21 -11.42 2.67 -1.96
C VAL A 21 -12.82 2.73 -2.59
N PRO A 22 -13.84 2.02 -2.05
CA PRO A 22 -15.18 2.01 -2.62
C PRO A 22 -15.86 3.38 -2.53
N GLU A 23 -16.68 3.72 -3.54
CA GLU A 23 -17.47 4.96 -3.57
C GLU A 23 -18.53 5.04 -2.45
N THR A 24 -18.85 3.89 -1.82
CA THR A 24 -19.70 3.78 -0.63
C THR A 24 -19.04 4.42 0.60
N SER A 25 -17.71 4.41 0.69
CA SER A 25 -16.96 5.10 1.76
C SER A 25 -16.81 6.61 1.46
N GLN A 26 -17.14 7.45 2.45
CA GLN A 26 -16.87 8.88 2.47
C GLN A 26 -15.64 9.24 3.35
N ASP A 27 -15.35 8.39 4.35
CA ASP A 27 -14.23 8.58 5.28
C ASP A 27 -12.87 8.19 4.67
N MET A 28 -12.83 7.12 3.85
CA MET A 28 -11.66 6.66 3.09
C MET A 28 -10.38 6.48 3.93
N ALA A 29 -10.49 6.02 5.18
CA ALA A 29 -9.38 5.92 6.13
C ALA A 29 -9.30 4.57 6.84
N PHE A 30 -8.06 4.13 7.14
CA PHE A 30 -7.74 2.94 7.94
C PHE A 30 -6.35 3.09 8.60
N LYS A 31 -5.88 2.11 9.38
CA LYS A 31 -4.56 2.15 10.07
C LYS A 31 -3.78 0.83 9.94
N CYS A 32 -2.47 0.93 9.70
CA CYS A 32 -1.50 -0.15 9.73
C CYS A 32 -1.26 -0.60 11.18
N PRO A 33 -1.58 -1.85 11.57
CA PRO A 33 -1.30 -2.35 12.92
C PRO A 33 0.20 -2.64 13.17
N ILE A 34 1.04 -2.76 12.14
CA ILE A 34 2.48 -3.07 12.26
C ILE A 34 3.25 -1.84 12.79
N CYS A 35 3.13 -0.70 12.10
CA CYS A 35 3.80 0.54 12.45
C CYS A 35 2.87 1.59 13.13
N LYS A 36 1.61 1.22 13.37
CA LYS A 36 0.52 2.04 13.97
C LYS A 36 0.27 3.35 13.21
N GLU A 37 0.24 3.31 11.86
CA GLU A 37 0.11 4.53 11.03
C GLU A 37 -1.13 4.56 10.13
N THR A 38 -1.78 5.73 10.05
CA THR A 38 -3.01 5.95 9.27
C THR A 38 -2.76 6.03 7.76
N VAL A 39 -3.66 5.45 6.97
CA VAL A 39 -3.76 5.58 5.50
C VAL A 39 -5.05 6.27 5.10
N THR A 40 -4.99 7.07 4.03
CA THR A 40 -6.14 7.80 3.47
C THR A 40 -6.22 7.65 1.95
N GLY A 41 -7.44 7.54 1.41
CA GLY A 41 -7.71 7.37 -0.02
C GLY A 41 -7.44 8.64 -0.85
N VAL A 42 -7.01 8.44 -2.10
CA VAL A 42 -6.67 9.52 -3.05
C VAL A 42 -7.37 9.29 -4.41
N TYR A 43 -7.85 10.34 -5.07
CA TYR A 43 -8.60 10.23 -6.33
C TYR A 43 -7.75 9.67 -7.48
N ASP A 44 -8.31 8.68 -8.18
CA ASP A 44 -7.78 8.06 -9.39
C ASP A 44 -8.40 8.68 -10.66
N GLU A 45 -7.66 9.60 -11.29
CA GLU A 45 -8.08 10.30 -12.52
C GLU A 45 -8.20 9.39 -13.76
N GLU A 46 -7.54 8.22 -13.78
CA GLU A 46 -7.52 7.31 -14.93
C GLU A 46 -8.86 6.57 -15.13
N SER A 47 -9.53 6.23 -14.04
CA SER A 47 -10.82 5.49 -14.01
C SER A 47 -11.96 6.21 -13.28
N GLY A 48 -11.66 7.26 -12.50
CA GLY A 48 -12.66 8.07 -11.80
C GLY A 48 -13.09 7.48 -10.46
N GLU A 49 -12.16 6.81 -9.76
CA GLU A 49 -12.39 6.14 -8.47
C GLU A 49 -11.43 6.69 -7.42
N TRP A 50 -11.22 6.00 -6.30
CA TRP A 50 -10.26 6.38 -5.26
C TRP A 50 -9.35 5.21 -4.89
N VAL A 51 -8.14 5.46 -4.38
CA VAL A 51 -7.12 4.45 -4.10
C VAL A 51 -6.38 4.69 -2.78
N TRP A 52 -6.21 3.62 -2.00
CA TRP A 52 -5.38 3.53 -0.79
C TRP A 52 -3.95 3.14 -1.23
N LYS A 53 -3.08 4.15 -1.37
CA LYS A 53 -1.67 3.99 -1.78
C LYS A 53 -0.81 3.40 -0.65
N ASN A 54 0.24 2.65 -1.01
CA ASN A 54 1.12 1.86 -0.13
C ASN A 54 0.38 0.68 0.60
N THR A 55 -0.93 0.46 0.38
CA THR A 55 -1.78 -0.48 1.12
C THR A 55 -1.90 -1.87 0.46
N ILE A 56 -2.06 -2.90 1.28
CA ILE A 56 -2.34 -4.30 0.92
C ILE A 56 -3.43 -4.88 1.85
N GLU A 57 -4.27 -5.77 1.33
CA GLU A 57 -5.24 -6.57 2.11
C GLU A 57 -4.79 -8.04 2.18
N VAL A 58 -4.71 -8.60 3.38
CA VAL A 58 -4.26 -9.98 3.65
C VAL A 58 -4.85 -10.52 4.95
N ASN A 59 -5.32 -11.77 4.89
CA ASN A 59 -5.93 -12.48 6.01
C ASN A 59 -7.10 -11.70 6.68
N GLY A 60 -7.90 -11.01 5.87
CA GLY A 60 -9.07 -10.23 6.30
C GLY A 60 -8.76 -8.88 6.97
N LYS A 61 -7.52 -8.40 6.91
CA LYS A 61 -7.05 -7.14 7.51
C LYS A 61 -6.21 -6.31 6.54
N TYR A 62 -6.17 -4.99 6.76
CA TYR A 62 -5.35 -4.05 5.99
C TYR A 62 -3.98 -3.81 6.64
N PHE A 63 -3.00 -3.59 5.78
CA PHE A 63 -1.57 -3.45 6.09
C PHE A 63 -0.88 -2.55 5.05
N HIS A 64 0.37 -2.16 5.29
CA HIS A 64 1.24 -1.53 4.29
C HIS A 64 2.01 -2.62 3.53
N SER A 65 2.17 -2.47 2.23
CA SER A 65 2.95 -3.42 1.39
C SER A 65 4.41 -3.51 1.85
N THR A 66 5.04 -2.38 2.18
CA THR A 66 6.41 -2.30 2.72
C THR A 66 6.54 -2.97 4.08
N CYS A 67 5.57 -2.77 4.99
CA CYS A 67 5.54 -3.38 6.31
C CYS A 67 5.36 -4.91 6.20
N TYR A 68 4.35 -5.35 5.45
CA TYR A 68 4.06 -6.76 5.21
C TYR A 68 5.25 -7.50 4.58
N HIS A 69 6.01 -6.85 3.70
CA HIS A 69 7.25 -7.40 3.12
C HIS A 69 8.38 -7.66 4.13
N GLU A 70 8.37 -7.00 5.30
CA GLU A 70 9.29 -7.31 6.41
C GLU A 70 8.73 -8.35 7.39
N THR A 71 7.42 -8.36 7.62
CA THR A 71 6.74 -9.23 8.62
C THR A 71 6.24 -10.57 8.05
N SER A 72 6.53 -10.89 6.79
CA SER A 72 6.08 -12.12 6.11
C SER A 72 6.61 -13.43 6.73
N GLN A 73 7.74 -13.37 7.44
CA GLN A 73 8.36 -14.50 8.14
C GLN A 73 8.03 -14.51 9.64
N ASN A 74 7.66 -15.66 10.18
CA ASN A 74 7.39 -15.84 11.62
C ASN A 74 8.68 -15.91 12.46
N SER A 75 8.56 -15.72 13.78
CA SER A 75 9.66 -15.80 14.75
C SER A 75 10.16 -17.23 15.05
N SER A 76 9.41 -18.27 14.64
CA SER A 76 9.74 -19.70 14.80
C SER A 76 10.98 -20.15 14.02
N GLY A 1 32.90 1.12 -6.67
CA GLY A 1 33.24 0.54 -5.35
C GLY A 1 32.05 -0.20 -4.75
N GLY A 2 31.76 0.04 -3.47
CA GLY A 2 30.60 -0.51 -2.76
C GLY A 2 29.26 0.18 -3.09
N SER A 3 28.21 -0.14 -2.33
CA SER A 3 26.87 0.46 -2.48
C SER A 3 26.87 1.97 -2.18
N GLU A 4 26.12 2.73 -2.97
CA GLU A 4 25.93 4.18 -2.78
C GLU A 4 24.97 4.54 -1.62
N PHE A 5 24.14 3.60 -1.15
CA PHE A 5 23.18 3.84 -0.06
C PHE A 5 22.75 2.54 0.64
N SER A 6 22.11 1.60 -0.08
CA SER A 6 21.66 0.30 0.44
C SER A 6 21.48 -0.75 -0.67
N ASP A 7 21.23 -1.99 -0.27
CA ASP A 7 20.96 -3.14 -1.16
C ASP A 7 19.54 -3.17 -1.77
N ARG A 8 18.69 -2.18 -1.49
CA ARG A 8 17.32 -2.09 -2.02
C ARG A 8 17.29 -1.82 -3.54
N SER A 9 16.29 -2.40 -4.21
CA SER A 9 15.97 -2.20 -5.64
C SER A 9 14.46 -2.33 -5.92
N ASN A 10 13.65 -2.40 -4.86
CA ASN A 10 12.22 -2.73 -4.82
C ASN A 10 11.33 -1.57 -4.36
N GLU A 11 11.93 -0.48 -3.85
CA GLU A 11 11.21 0.63 -3.21
C GLU A 11 10.22 1.37 -4.14
N LEU A 12 10.51 1.43 -5.44
CA LEU A 12 9.60 2.00 -6.44
C LEU A 12 8.36 1.12 -6.66
N GLU A 13 8.54 -0.19 -6.66
CA GLU A 13 7.49 -1.17 -7.02
C GLU A 13 6.56 -1.50 -5.85
N ILE A 14 7.08 -1.64 -4.63
CA ILE A 14 6.28 -1.85 -3.41
C ILE A 14 5.38 -0.63 -3.13
N ARG A 15 5.88 0.59 -3.41
CA ARG A 15 5.12 1.83 -3.26
C ARG A 15 4.07 2.05 -4.36
N GLY A 16 4.23 1.39 -5.52
CA GLY A 16 3.27 1.39 -6.62
C GLY A 16 2.00 0.57 -6.38
N LYS A 17 1.98 -0.28 -5.33
CA LYS A 17 0.80 -1.08 -4.95
C LYS A 17 -0.32 -0.21 -4.38
N TYR A 18 -1.57 -0.56 -4.67
CA TYR A 18 -2.78 0.08 -4.11
C TYR A 18 -3.97 -0.88 -4.06
N VAL A 19 -4.98 -0.47 -3.28
CA VAL A 19 -6.32 -1.08 -3.20
C VAL A 19 -7.38 0.02 -3.32
N VAL A 20 -8.48 -0.21 -4.05
CA VAL A 20 -9.51 0.83 -4.30
C VAL A 20 -10.32 1.11 -3.03
N VAL A 21 -10.58 2.40 -2.76
CA VAL A 21 -11.50 2.84 -1.70
C VAL A 21 -12.93 2.83 -2.24
N PRO A 22 -13.87 2.05 -1.67
CA PRO A 22 -15.26 2.03 -2.12
C PRO A 22 -16.03 3.30 -1.71
N GLU A 23 -17.10 3.63 -2.43
CA GLU A 23 -18.00 4.76 -2.09
C GLU A 23 -18.66 4.60 -0.70
N THR A 24 -18.80 3.36 -0.21
CA THR A 24 -19.33 3.03 1.12
C THR A 24 -18.37 3.33 2.28
N SER A 25 -17.06 3.46 2.01
CA SER A 25 -16.07 3.90 3.01
C SER A 25 -16.17 5.41 3.25
N GLN A 26 -16.93 5.78 4.29
CA GLN A 26 -17.35 7.16 4.58
C GLN A 26 -16.18 8.15 4.76
N ASP A 27 -15.13 7.74 5.48
CA ASP A 27 -13.97 8.59 5.80
C ASP A 27 -12.79 8.44 4.83
N MET A 28 -12.80 7.42 3.96
CA MET A 28 -11.69 6.99 3.09
C MET A 28 -10.35 6.79 3.83
N ALA A 29 -10.42 6.38 5.11
CA ALA A 29 -9.27 6.17 5.98
C ALA A 29 -9.29 4.77 6.64
N PHE A 30 -8.10 4.23 6.90
CA PHE A 30 -7.88 2.95 7.60
C PHE A 30 -6.54 2.99 8.34
N LYS A 31 -6.22 1.99 9.17
CA LYS A 31 -4.95 1.92 9.91
C LYS A 31 -4.07 0.71 9.56
N CYS A 32 -2.77 0.85 9.82
CA CYS A 32 -1.74 -0.17 9.79
C CYS A 32 -1.46 -0.67 11.21
N PRO A 33 -1.84 -1.92 11.57
CA PRO A 33 -1.52 -2.52 12.86
C PRO A 33 -0.02 -2.72 13.14
N ILE A 34 0.84 -2.72 12.11
CA ILE A 34 2.30 -2.93 12.27
C ILE A 34 2.96 -1.68 12.86
N CYS A 35 2.89 -0.54 12.16
CA CYS A 35 3.52 0.73 12.56
C CYS A 35 2.57 1.70 13.31
N LYS A 36 1.31 1.28 13.49
CA LYS A 36 0.22 2.07 14.12
C LYS A 36 -0.03 3.39 13.37
N GLU A 37 -0.12 3.35 12.03
CA GLU A 37 -0.30 4.57 11.22
C GLU A 37 -1.60 4.59 10.41
N THR A 38 -2.05 5.77 9.96
CA THR A 38 -3.28 5.94 9.19
C THR A 38 -3.02 6.13 7.70
N VAL A 39 -3.69 5.33 6.85
CA VAL A 39 -3.76 5.53 5.38
C VAL A 39 -4.99 6.36 5.02
N THR A 40 -4.89 7.14 3.94
CA THR A 40 -6.00 7.93 3.37
C THR A 40 -6.08 7.72 1.86
N GLY A 41 -7.31 7.66 1.32
CA GLY A 41 -7.56 7.49 -0.10
C GLY A 41 -7.14 8.69 -0.95
N VAL A 42 -6.80 8.43 -2.23
CA VAL A 42 -6.43 9.45 -3.23
C VAL A 42 -7.14 9.23 -4.55
N TYR A 43 -7.71 10.28 -5.15
CA TYR A 43 -8.55 10.16 -6.34
C TYR A 43 -7.79 9.80 -7.63
N ASP A 44 -8.24 8.77 -8.34
CA ASP A 44 -7.80 8.41 -9.69
C ASP A 44 -8.81 8.98 -10.71
N GLU A 45 -8.37 9.94 -11.53
CA GLU A 45 -9.23 10.67 -12.47
C GLU A 45 -9.67 9.84 -13.69
N GLU A 46 -8.89 8.83 -14.11
CA GLU A 46 -9.20 7.97 -15.25
C GLU A 46 -10.15 6.83 -14.87
N SER A 47 -9.91 6.16 -13.73
CA SER A 47 -10.83 5.17 -13.16
C SER A 47 -12.09 5.81 -12.57
N GLY A 48 -11.97 7.04 -12.08
CA GLY A 48 -13.06 7.80 -11.45
C GLY A 48 -13.33 7.35 -10.01
N GLU A 49 -12.32 6.79 -9.32
CA GLU A 49 -12.43 6.14 -8.02
C GLU A 49 -11.18 6.45 -7.16
N TRP A 50 -11.33 6.48 -5.84
CA TRP A 50 -10.24 6.75 -4.90
C TRP A 50 -9.44 5.47 -4.59
N VAL A 51 -8.15 5.59 -4.27
CA VAL A 51 -7.22 4.46 -4.01
C VAL A 51 -6.37 4.67 -2.75
N TRP A 52 -6.17 3.60 -1.98
CA TRP A 52 -5.25 3.51 -0.84
C TRP A 52 -3.89 3.03 -1.37
N LYS A 53 -2.95 3.96 -1.54
CA LYS A 53 -1.59 3.68 -2.03
C LYS A 53 -0.68 3.10 -0.93
N ASN A 54 0.39 2.41 -1.31
CA ASN A 54 1.31 1.67 -0.41
C ASN A 54 0.58 0.67 0.50
N THR A 55 -0.54 0.09 0.05
CA THR A 55 -1.47 -0.72 0.87
C THR A 55 -1.65 -2.13 0.32
N ILE A 56 -1.86 -3.09 1.22
CA ILE A 56 -2.10 -4.52 0.96
C ILE A 56 -3.22 -5.06 1.87
N GLU A 57 -4.04 -5.95 1.31
CA GLU A 57 -5.02 -6.76 2.06
C GLU A 57 -4.51 -8.20 2.25
N VAL A 58 -4.49 -8.70 3.49
CA VAL A 58 -4.00 -10.04 3.85
C VAL A 58 -4.69 -10.54 5.11
N ASN A 59 -5.15 -11.79 5.05
CA ASN A 59 -5.85 -12.48 6.14
C ASN A 59 -7.06 -11.68 6.68
N GLY A 60 -7.85 -11.09 5.77
CA GLY A 60 -9.06 -10.31 6.08
C GLY A 60 -8.81 -8.92 6.69
N LYS A 61 -7.57 -8.43 6.68
CA LYS A 61 -7.11 -7.19 7.33
C LYS A 61 -6.21 -6.36 6.41
N TYR A 62 -6.15 -5.06 6.66
CA TYR A 62 -5.33 -4.11 5.90
C TYR A 62 -4.01 -3.76 6.58
N PHE A 63 -3.00 -3.53 5.74
CA PHE A 63 -1.60 -3.31 6.11
C PHE A 63 -0.91 -2.43 5.06
N HIS A 64 0.27 -1.89 5.36
CA HIS A 64 1.12 -1.25 4.36
C HIS A 64 1.90 -2.31 3.59
N SER A 65 2.10 -2.12 2.29
CA SER A 65 2.89 -3.01 1.44
C SER A 65 4.35 -3.11 1.91
N THR A 66 4.99 -2.00 2.24
CA THR A 66 6.35 -1.93 2.80
C THR A 66 6.47 -2.60 4.18
N CYS A 67 5.51 -2.34 5.07
CA CYS A 67 5.45 -2.91 6.42
C CYS A 67 5.33 -4.45 6.38
N TYR A 68 4.45 -4.97 5.52
CA TYR A 68 4.31 -6.41 5.36
C TYR A 68 5.48 -7.07 4.60
N HIS A 69 6.12 -6.37 3.66
CA HIS A 69 7.17 -6.93 2.78
C HIS A 69 8.54 -7.12 3.46
N GLU A 70 9.35 -6.07 3.58
CA GLU A 70 10.73 -6.15 4.10
C GLU A 70 10.84 -5.82 5.59
N THR A 71 9.74 -5.37 6.22
CA THR A 71 9.69 -4.97 7.63
C THR A 71 9.30 -6.13 8.55
N SER A 72 8.23 -6.87 8.20
CA SER A 72 7.85 -8.10 8.89
C SER A 72 8.84 -9.24 8.59
N GLN A 73 8.99 -10.21 9.51
CA GLN A 73 9.87 -11.37 9.33
C GLN A 73 9.37 -12.25 8.16
N ASN A 74 10.23 -12.48 7.16
CA ASN A 74 9.84 -13.10 5.90
C ASN A 74 9.49 -14.60 6.04
N SER A 75 8.34 -15.01 5.49
CA SER A 75 7.91 -16.41 5.41
C SER A 75 8.59 -17.19 4.27
N SER A 76 8.51 -18.52 4.32
CA SER A 76 8.93 -19.44 3.24
C SER A 76 8.10 -19.30 1.95
N GLY A 1 27.40 5.95 -8.04
CA GLY A 1 26.80 6.03 -9.38
C GLY A 1 27.16 7.33 -10.08
N GLY A 2 27.37 7.28 -11.40
CA GLY A 2 27.65 8.45 -12.24
C GLY A 2 26.38 9.21 -12.68
N SER A 3 26.46 9.89 -13.83
CA SER A 3 25.30 10.54 -14.49
C SER A 3 24.26 9.54 -15.03
N GLU A 4 24.62 8.26 -15.15
CA GLU A 4 23.76 7.13 -15.51
C GLU A 4 24.09 5.90 -14.63
N PHE A 5 23.08 5.35 -13.96
CA PHE A 5 23.21 4.20 -13.04
C PHE A 5 21.85 3.48 -12.85
N SER A 6 21.87 2.33 -12.17
CA SER A 6 20.69 1.51 -11.86
C SER A 6 20.86 0.75 -10.53
N ASP A 7 19.75 0.31 -9.94
CA ASP A 7 19.70 -0.40 -8.64
C ASP A 7 18.56 -1.43 -8.58
N ARG A 8 18.52 -2.26 -7.53
CA ARG A 8 17.61 -3.42 -7.41
C ARG A 8 16.69 -3.38 -6.19
N SER A 9 16.48 -2.21 -5.58
CA SER A 9 15.52 -2.04 -4.47
C SER A 9 14.10 -2.37 -4.93
N ASN A 10 13.48 -3.37 -4.30
CA ASN A 10 12.09 -3.76 -4.57
C ASN A 10 11.09 -2.81 -3.88
N GLU A 11 11.52 -2.05 -2.86
CA GLU A 11 10.62 -1.26 -2.00
C GLU A 11 9.87 -0.15 -2.75
N LEU A 12 10.45 0.41 -3.84
CA LEU A 12 9.79 1.38 -4.70
C LEU A 12 8.57 0.76 -5.44
N GLU A 13 8.71 -0.48 -5.90
CA GLU A 13 7.64 -1.21 -6.57
C GLU A 13 6.57 -1.74 -5.59
N ILE A 14 6.97 -2.06 -4.36
CA ILE A 14 6.06 -2.36 -3.26
C ILE A 14 5.26 -1.10 -2.86
N ARG A 15 5.91 0.08 -2.84
CA ARG A 15 5.26 1.36 -2.46
C ARG A 15 4.19 1.78 -3.48
N GLY A 16 4.35 1.39 -4.75
CA GLY A 16 3.38 1.62 -5.83
C GLY A 16 2.09 0.76 -5.75
N LYS A 17 2.00 -0.21 -4.84
CA LYS A 17 0.80 -1.06 -4.65
C LYS A 17 -0.36 -0.27 -4.02
N TYR A 18 -1.59 -0.57 -4.43
CA TYR A 18 -2.80 0.07 -3.90
C TYR A 18 -4.03 -0.83 -3.89
N VAL A 19 -5.06 -0.39 -3.17
CA VAL A 19 -6.40 -1.01 -3.06
C VAL A 19 -7.49 0.08 -3.15
N VAL A 20 -8.59 -0.15 -3.87
CA VAL A 20 -9.67 0.83 -4.06
C VAL A 20 -10.46 1.05 -2.75
N VAL A 21 -10.71 2.32 -2.40
CA VAL A 21 -11.48 2.71 -1.20
C VAL A 21 -12.98 2.87 -1.52
N PRO A 22 -13.89 2.17 -0.82
CA PRO A 22 -15.33 2.42 -0.89
C PRO A 22 -15.75 3.61 -0.03
N GLU A 23 -16.83 4.32 -0.38
CA GLU A 23 -17.35 5.42 0.45
C GLU A 23 -17.92 4.95 1.81
N THR A 24 -18.22 3.66 1.97
CA THR A 24 -18.62 3.03 3.24
C THR A 24 -17.47 2.88 4.25
N SER A 25 -16.21 2.88 3.79
CA SER A 25 -15.03 2.94 4.67
C SER A 25 -14.86 4.35 5.23
N GLN A 26 -14.86 4.47 6.57
CA GLN A 26 -14.96 5.75 7.29
C GLN A 26 -13.90 6.77 6.85
N ASP A 27 -14.35 7.88 6.27
CA ASP A 27 -13.53 9.02 5.81
C ASP A 27 -12.40 8.65 4.83
N MET A 28 -12.47 7.48 4.16
CA MET A 28 -11.38 6.88 3.40
C MET A 28 -10.07 6.72 4.20
N ALA A 29 -10.18 6.47 5.51
CA ALA A 29 -9.07 6.35 6.44
C ALA A 29 -9.11 5.03 7.25
N PHE A 30 -7.95 4.35 7.35
CA PHE A 30 -7.77 3.14 8.16
C PHE A 30 -6.33 3.10 8.69
N LYS A 31 -6.06 2.30 9.74
CA LYS A 31 -4.77 2.28 10.45
C LYS A 31 -4.00 0.97 10.26
N CYS A 32 -2.73 1.09 9.91
CA CYS A 32 -1.74 0.02 9.90
C CYS A 32 -1.45 -0.42 11.35
N PRO A 33 -1.82 -1.63 11.79
CA PRO A 33 -1.52 -2.11 13.15
C PRO A 33 -0.02 -2.40 13.37
N ILE A 34 0.77 -2.54 12.30
CA ILE A 34 2.21 -2.87 12.37
C ILE A 34 3.02 -1.67 12.91
N CYS A 35 2.83 -0.49 12.32
CA CYS A 35 3.52 0.75 12.69
C CYS A 35 2.61 1.81 13.37
N LYS A 36 1.32 1.49 13.52
CA LYS A 36 0.26 2.36 14.08
C LYS A 36 0.06 3.66 13.28
N GLU A 37 -0.01 3.56 11.94
CA GLU A 37 -0.13 4.75 11.07
C GLU A 37 -1.39 4.75 10.19
N THR A 38 -2.04 5.90 10.04
CA THR A 38 -3.27 6.04 9.23
C THR A 38 -2.97 6.24 7.74
N VAL A 39 -3.48 5.34 6.89
CA VAL A 39 -3.53 5.49 5.42
C VAL A 39 -4.79 6.22 5.01
N THR A 40 -4.70 7.06 3.96
CA THR A 40 -5.81 7.86 3.42
C THR A 40 -6.01 7.62 1.92
N GLY A 41 -7.27 7.60 1.49
CA GLY A 41 -7.65 7.40 0.09
C GLY A 41 -7.40 8.61 -0.79
N VAL A 42 -7.04 8.39 -2.05
CA VAL A 42 -6.68 9.41 -3.05
C VAL A 42 -7.35 9.13 -4.41
N TYR A 43 -7.81 10.15 -5.12
CA TYR A 43 -8.52 9.97 -6.40
C TYR A 43 -7.59 9.52 -7.54
N ASP A 44 -7.97 8.44 -8.21
CA ASP A 44 -7.40 7.93 -9.45
C ASP A 44 -8.18 8.47 -10.67
N GLU A 45 -7.59 9.44 -11.35
CA GLU A 45 -8.16 10.14 -12.51
C GLU A 45 -8.36 9.25 -13.75
N GLU A 46 -7.55 8.20 -13.93
CA GLU A 46 -7.62 7.30 -15.09
C GLU A 46 -8.78 6.28 -14.96
N SER A 47 -8.95 5.68 -13.78
CA SER A 47 -10.03 4.74 -13.47
C SER A 47 -11.35 5.46 -13.11
N GLY A 48 -11.26 6.61 -12.44
CA GLY A 48 -12.41 7.34 -11.88
C GLY A 48 -12.86 6.83 -10.51
N GLU A 49 -11.90 6.36 -9.70
CA GLU A 49 -12.14 5.74 -8.38
C GLU A 49 -11.23 6.38 -7.31
N TRP A 50 -11.32 5.95 -6.04
CA TRP A 50 -10.40 6.35 -4.97
C TRP A 50 -9.54 5.16 -4.54
N VAL A 51 -8.29 5.40 -4.17
CA VAL A 51 -7.28 4.35 -3.87
C VAL A 51 -6.44 4.65 -2.64
N TRP A 52 -6.20 3.63 -1.83
CA TRP A 52 -5.25 3.62 -0.70
C TRP A 52 -3.88 3.21 -1.26
N LYS A 53 -2.99 4.20 -1.48
CA LYS A 53 -1.61 3.97 -1.96
C LYS A 53 -0.74 3.38 -0.85
N ASN A 54 0.35 2.70 -1.23
CA ASN A 54 1.27 1.99 -0.33
C ASN A 54 0.54 0.98 0.58
N THR A 55 -0.52 0.33 0.09
CA THR A 55 -1.45 -0.51 0.90
C THR A 55 -1.70 -1.88 0.27
N ILE A 56 -1.91 -2.88 1.12
CA ILE A 56 -2.19 -4.28 0.78
C ILE A 56 -3.33 -4.84 1.66
N GLU A 57 -4.17 -5.70 1.07
CA GLU A 57 -5.16 -6.53 1.77
C GLU A 57 -4.69 -7.99 1.81
N VAL A 58 -4.83 -8.66 2.96
CA VAL A 58 -4.55 -10.09 3.13
C VAL A 58 -5.47 -10.70 4.18
N ASN A 59 -6.19 -11.74 3.77
CA ASN A 59 -7.07 -12.55 4.61
C ASN A 59 -8.08 -11.73 5.45
N GLY A 60 -8.60 -10.63 4.89
CA GLY A 60 -9.54 -9.71 5.52
C GLY A 60 -8.92 -8.56 6.31
N LYS A 61 -7.60 -8.56 6.54
CA LYS A 61 -6.83 -7.50 7.22
C LYS A 61 -6.21 -6.53 6.21
N TYR A 62 -5.98 -5.29 6.65
CA TYR A 62 -5.28 -4.24 5.91
C TYR A 62 -3.95 -3.86 6.55
N PHE A 63 -2.97 -3.59 5.69
CA PHE A 63 -1.57 -3.32 6.02
C PHE A 63 -0.94 -2.35 5.02
N HIS A 64 0.16 -1.69 5.39
CA HIS A 64 1.00 -0.98 4.42
C HIS A 64 1.73 -2.06 3.60
N SER A 65 1.84 -1.87 2.30
CA SER A 65 2.55 -2.82 1.43
C SER A 65 4.01 -3.02 1.83
N THR A 66 4.71 -1.92 2.17
CA THR A 66 6.12 -1.92 2.63
C THR A 66 6.30 -2.49 4.04
N CYS A 67 5.34 -2.29 4.95
CA CYS A 67 5.34 -2.92 6.29
C CYS A 67 5.15 -4.44 6.17
N TYR A 68 4.12 -4.89 5.46
CA TYR A 68 3.88 -6.32 5.22
C TYR A 68 5.08 -7.00 4.54
N HIS A 69 5.70 -6.33 3.56
CA HIS A 69 6.92 -6.79 2.87
C HIS A 69 8.10 -7.09 3.83
N GLU A 70 8.41 -6.21 4.77
CA GLU A 70 9.45 -6.49 5.79
C GLU A 70 9.00 -7.43 6.92
N THR A 71 7.69 -7.52 7.19
CA THR A 71 7.09 -8.40 8.23
C THR A 71 7.03 -9.86 7.80
N SER A 72 6.90 -10.14 6.49
CA SER A 72 6.70 -11.49 5.93
C SER A 72 7.82 -12.48 6.34
N GLN A 73 7.44 -13.46 7.15
CA GLN A 73 8.31 -14.48 7.74
C GLN A 73 7.51 -15.71 8.21
N ASN A 74 6.33 -15.47 8.78
CA ASN A 74 5.35 -16.49 9.20
C ASN A 74 4.61 -17.18 8.03
N SER A 75 4.78 -16.69 6.80
CA SER A 75 4.08 -17.17 5.59
C SER A 75 4.41 -18.64 5.24
N SER A 76 3.41 -19.38 4.76
CA SER A 76 3.50 -20.80 4.35
C SER A 76 4.41 -21.03 3.12
N GLY A 1 31.58 -1.58 -15.55
CA GLY A 1 30.58 -2.03 -14.54
C GLY A 1 29.22 -1.37 -14.75
N GLY A 2 28.34 -1.43 -13.74
CA GLY A 2 27.02 -0.79 -13.78
C GLY A 2 25.98 -1.47 -14.69
N SER A 3 26.17 -2.76 -15.00
CA SER A 3 25.29 -3.55 -15.89
C SER A 3 23.90 -3.84 -15.32
N GLU A 4 23.69 -3.64 -14.01
CA GLU A 4 22.39 -3.69 -13.32
C GLU A 4 22.35 -2.60 -12.25
N PHE A 5 21.53 -1.56 -12.46
CA PHE A 5 21.52 -0.32 -11.68
C PHE A 5 20.92 -0.44 -10.26
N SER A 6 20.09 -1.46 -10.00
CA SER A 6 19.44 -1.71 -8.69
C SER A 6 19.96 -2.95 -7.95
N ASP A 7 20.86 -3.74 -8.54
CA ASP A 7 21.25 -5.08 -8.06
C ASP A 7 20.02 -6.02 -7.93
N ARG A 8 20.12 -7.17 -7.24
CA ARG A 8 18.98 -8.07 -6.96
C ARG A 8 17.91 -7.47 -6.05
N SER A 9 18.23 -6.38 -5.35
CA SER A 9 17.34 -5.67 -4.42
C SER A 9 16.15 -5.03 -5.14
N ASN A 10 14.93 -5.26 -4.63
CA ASN A 10 13.68 -4.74 -5.18
C ASN A 10 12.73 -4.32 -4.04
N GLU A 11 12.34 -3.03 -4.03
CA GLU A 11 11.43 -2.44 -3.02
C GLU A 11 10.62 -1.24 -3.55
N LEU A 12 11.16 -0.47 -4.50
CA LEU A 12 10.48 0.71 -5.07
C LEU A 12 9.24 0.32 -5.89
N GLU A 13 9.26 -0.85 -6.53
CA GLU A 13 8.14 -1.40 -7.30
C GLU A 13 6.90 -1.70 -6.42
N ILE A 14 7.12 -2.05 -5.14
CA ILE A 14 6.07 -2.40 -4.17
C ILE A 14 5.13 -1.20 -3.91
N ARG A 15 5.67 0.03 -3.92
CA ARG A 15 4.92 1.28 -3.71
C ARG A 15 3.81 1.51 -4.77
N GLY A 16 3.92 0.87 -5.94
CA GLY A 16 2.93 0.92 -7.02
C GLY A 16 1.63 0.13 -6.74
N LYS A 17 1.58 -0.71 -5.70
CA LYS A 17 0.36 -1.41 -5.24
C LYS A 17 -0.66 -0.44 -4.62
N TYR A 18 -1.95 -0.73 -4.81
CA TYR A 18 -3.07 -0.04 -4.15
C TYR A 18 -4.32 -0.92 -4.11
N VAL A 19 -5.29 -0.50 -3.30
CA VAL A 19 -6.65 -1.06 -3.25
C VAL A 19 -7.67 0.06 -3.36
N VAL A 20 -8.70 -0.11 -4.21
CA VAL A 20 -9.77 0.89 -4.42
C VAL A 20 -10.63 1.02 -3.16
N VAL A 21 -10.90 2.26 -2.71
CA VAL A 21 -11.70 2.51 -1.50
C VAL A 21 -13.21 2.37 -1.81
N PRO A 22 -13.95 1.45 -1.16
CA PRO A 22 -15.39 1.31 -1.36
C PRO A 22 -16.19 2.37 -0.59
N GLU A 23 -17.41 2.68 -1.03
CA GLU A 23 -18.30 3.62 -0.34
C GLU A 23 -18.78 3.10 1.04
N THR A 24 -18.67 1.79 1.28
CA THR A 24 -18.97 1.15 2.58
C THR A 24 -17.89 1.40 3.65
N SER A 25 -16.65 1.72 3.24
CA SER A 25 -15.56 2.09 4.17
C SER A 25 -15.67 3.55 4.61
N GLN A 26 -15.96 3.77 5.90
CA GLN A 26 -16.22 5.10 6.46
C GLN A 26 -15.02 6.07 6.35
N ASP A 27 -15.31 7.31 5.95
CA ASP A 27 -14.37 8.44 5.82
C ASP A 27 -13.12 8.17 4.94
N MET A 28 -13.14 7.10 4.12
CA MET A 28 -11.99 6.59 3.36
C MET A 28 -10.72 6.36 4.19
N ALA A 29 -10.84 6.00 5.47
CA ALA A 29 -9.70 5.87 6.39
C ALA A 29 -9.58 4.48 7.05
N PHE A 30 -8.34 4.01 7.23
CA PHE A 30 -7.98 2.78 7.95
C PHE A 30 -6.53 2.90 8.49
N LYS A 31 -6.00 1.89 9.20
CA LYS A 31 -4.67 1.93 9.84
C LYS A 31 -3.80 0.70 9.52
N CYS A 32 -2.47 0.87 9.57
CA CYS A 32 -1.43 -0.14 9.49
C CYS A 32 -0.97 -0.55 10.90
N PRO A 33 -1.31 -1.75 11.42
CA PRO A 33 -0.81 -2.21 12.72
C PRO A 33 0.73 -2.40 12.81
N ILE A 34 1.43 -2.54 11.67
CA ILE A 34 2.89 -2.78 11.62
C ILE A 34 3.68 -1.55 12.07
N CYS A 35 3.39 -0.39 11.47
CA CYS A 35 4.05 0.89 11.78
C CYS A 35 3.13 1.89 12.54
N LYS A 36 1.88 1.49 12.81
CA LYS A 36 0.82 2.27 13.47
C LYS A 36 0.46 3.56 12.72
N GLU A 37 0.32 3.49 11.37
CA GLU A 37 0.02 4.68 10.54
C GLU A 37 -1.36 4.64 9.92
N THR A 38 -2.06 5.79 9.89
CA THR A 38 -3.39 5.91 9.28
C THR A 38 -3.28 6.20 7.78
N VAL A 39 -3.85 5.33 6.93
CA VAL A 39 -4.02 5.53 5.48
C VAL A 39 -5.34 6.25 5.20
N THR A 40 -5.35 7.11 4.19
CA THR A 40 -6.54 7.81 3.68
C THR A 40 -6.66 7.65 2.16
N GLY A 41 -7.89 7.55 1.66
CA GLY A 41 -8.18 7.35 0.26
C GLY A 41 -7.92 8.61 -0.58
N VAL A 42 -7.37 8.42 -1.79
CA VAL A 42 -7.01 9.50 -2.72
C VAL A 42 -7.52 9.24 -4.13
N TYR A 43 -8.03 10.25 -4.83
CA TYR A 43 -8.53 10.07 -6.20
C TYR A 43 -7.36 9.95 -7.21
N ASP A 44 -7.22 8.77 -7.83
CA ASP A 44 -6.30 8.53 -8.95
C ASP A 44 -6.94 8.99 -10.27
N GLU A 45 -6.32 9.96 -10.93
CA GLU A 45 -6.87 10.60 -12.14
C GLU A 45 -6.80 9.73 -13.40
N GLU A 46 -5.83 8.81 -13.48
CA GLU A 46 -5.64 7.91 -14.64
C GLU A 46 -6.57 6.69 -14.58
N SER A 47 -6.74 6.10 -13.40
CA SER A 47 -7.70 5.03 -13.12
C SER A 47 -9.15 5.55 -13.04
N GLY A 48 -9.34 6.76 -12.50
CA GLY A 48 -10.65 7.37 -12.29
C GLY A 48 -11.36 6.87 -11.02
N GLU A 49 -10.61 6.54 -9.97
CA GLU A 49 -11.09 5.88 -8.75
C GLU A 49 -10.36 6.37 -7.51
N TRP A 50 -11.05 6.36 -6.36
CA TRP A 50 -10.42 6.61 -5.06
C TRP A 50 -9.65 5.36 -4.58
N VAL A 51 -8.43 5.54 -4.09
CA VAL A 51 -7.47 4.46 -3.82
C VAL A 51 -6.70 4.66 -2.53
N TRP A 52 -6.41 3.55 -1.84
CA TRP A 52 -5.47 3.46 -0.72
C TRP A 52 -4.12 3.06 -1.32
N LYS A 53 -3.25 4.04 -1.54
CA LYS A 53 -1.93 3.87 -2.18
C LYS A 53 -0.91 3.21 -1.24
N ASN A 54 -0.04 2.37 -1.80
CA ASN A 54 0.90 1.48 -1.09
C ASN A 54 0.19 0.58 -0.04
N THR A 55 -1.03 0.09 -0.31
CA THR A 55 -1.83 -0.71 0.63
C THR A 55 -2.14 -2.11 0.09
N ILE A 56 -2.23 -3.09 0.99
CA ILE A 56 -2.48 -4.52 0.77
C ILE A 56 -3.49 -5.06 1.80
N GLU A 57 -4.34 -6.01 1.39
CA GLU A 57 -5.21 -6.79 2.27
C GLU A 57 -4.68 -8.22 2.44
N VAL A 58 -4.48 -8.66 3.68
CA VAL A 58 -3.97 -10.00 4.03
C VAL A 58 -4.35 -10.36 5.47
N ASN A 59 -4.62 -11.64 5.74
CA ASN A 59 -5.04 -12.14 7.07
C ASN A 59 -6.26 -11.37 7.64
N GLY A 60 -7.21 -11.02 6.77
CA GLY A 60 -8.44 -10.28 7.10
C GLY A 60 -8.25 -8.83 7.57
N LYS A 61 -7.07 -8.25 7.37
CA LYS A 61 -6.67 -6.90 7.80
C LYS A 61 -5.95 -6.14 6.67
N TYR A 62 -5.91 -4.82 6.76
CA TYR A 62 -5.07 -3.99 5.89
C TYR A 62 -3.69 -3.74 6.48
N PHE A 63 -2.73 -3.59 5.59
CA PHE A 63 -1.31 -3.28 5.84
C PHE A 63 -0.77 -2.39 4.71
N HIS A 64 0.39 -1.77 4.92
CA HIS A 64 1.14 -1.16 3.81
C HIS A 64 1.85 -2.26 3.03
N SER A 65 1.91 -2.16 1.71
CA SER A 65 2.51 -3.21 0.88
C SER A 65 4.02 -3.33 1.13
N THR A 66 4.75 -2.21 1.26
CA THR A 66 6.18 -2.19 1.63
C THR A 66 6.42 -2.74 3.05
N CYS A 67 5.59 -2.36 4.04
CA CYS A 67 5.65 -2.88 5.41
C CYS A 67 5.53 -4.42 5.41
N TYR A 68 4.44 -4.95 4.85
CA TYR A 68 4.18 -6.39 4.78
C TYR A 68 5.29 -7.14 4.02
N HIS A 69 5.70 -6.65 2.85
CA HIS A 69 6.70 -7.29 1.99
C HIS A 69 8.05 -7.51 2.68
N GLU A 70 8.59 -6.49 3.36
CA GLU A 70 9.88 -6.60 4.06
C GLU A 70 9.77 -7.36 5.40
N THR A 71 8.62 -7.30 6.07
CA THR A 71 8.41 -7.92 7.40
C THR A 71 8.09 -9.41 7.31
N SER A 72 7.37 -9.85 6.26
CA SER A 72 6.88 -11.24 6.12
C SER A 72 8.02 -12.26 6.00
N GLN A 73 7.96 -13.33 6.81
CA GLN A 73 8.85 -14.50 6.77
C GLN A 73 8.04 -15.75 6.39
N ASN A 74 8.57 -16.58 5.48
CA ASN A 74 7.88 -17.72 4.87
C ASN A 74 8.80 -18.96 4.74
N SER A 75 8.20 -20.14 4.71
CA SER A 75 8.90 -21.43 4.57
C SER A 75 9.47 -21.64 3.15
N SER A 76 10.56 -22.41 3.04
CA SER A 76 11.30 -22.69 1.79
C SER A 76 10.48 -23.44 0.73
N GLY A 1 28.69 4.09 -7.21
CA GLY A 1 29.12 5.41 -6.72
C GLY A 1 28.95 6.48 -7.78
N GLY A 2 28.04 7.44 -7.55
CA GLY A 2 27.75 8.56 -8.46
C GLY A 2 26.44 8.46 -9.26
N SER A 3 25.52 7.57 -8.86
CA SER A 3 24.23 7.33 -9.54
C SER A 3 23.04 7.13 -8.57
N GLU A 4 23.32 6.89 -7.28
CA GLU A 4 22.37 6.50 -6.23
C GLU A 4 21.35 7.58 -5.79
N PHE A 5 21.31 8.74 -6.46
CA PHE A 5 20.23 9.74 -6.28
C PHE A 5 18.85 9.24 -6.79
N SER A 6 18.83 8.20 -7.62
CA SER A 6 17.64 7.44 -8.05
C SER A 6 18.02 5.98 -8.38
N ASP A 7 17.04 5.07 -8.31
CA ASP A 7 17.24 3.63 -8.51
C ASP A 7 16.08 2.96 -9.27
N ARG A 8 16.38 1.84 -9.94
CA ARG A 8 15.41 0.93 -10.58
C ARG A 8 14.92 -0.17 -9.62
N SER A 9 15.02 0.08 -8.31
CA SER A 9 14.77 -0.88 -7.22
C SER A 9 13.26 -1.15 -6.99
N ASN A 10 12.98 -2.08 -6.07
CA ASN A 10 11.61 -2.46 -5.68
C ASN A 10 10.80 -1.32 -5.03
N GLU A 11 11.41 -0.20 -4.66
CA GLU A 11 10.71 0.95 -4.06
C GLU A 11 9.52 1.40 -4.91
N LEU A 12 9.73 1.68 -6.21
CA LEU A 12 8.68 2.11 -7.14
C LEU A 12 7.62 1.01 -7.37
N GLU A 13 8.03 -0.26 -7.35
CA GLU A 13 7.16 -1.40 -7.61
C GLU A 13 6.20 -1.70 -6.45
N ILE A 14 6.69 -1.62 -5.22
CA ILE A 14 5.88 -1.72 -3.99
C ILE A 14 5.01 -0.47 -3.80
N ARG A 15 5.47 0.71 -4.25
CA ARG A 15 4.71 1.97 -4.22
C ARG A 15 3.52 1.94 -5.19
N GLY A 16 3.68 1.27 -6.33
CA GLY A 16 2.65 1.07 -7.36
C GLY A 16 1.53 0.09 -6.99
N LYS A 17 1.60 -0.62 -5.86
CA LYS A 17 0.51 -1.46 -5.32
C LYS A 17 -0.57 -0.58 -4.69
N TYR A 18 -1.82 -0.72 -5.11
CA TYR A 18 -2.97 -0.01 -4.54
C TYR A 18 -4.27 -0.80 -4.61
N VAL A 19 -5.24 -0.36 -3.81
CA VAL A 19 -6.60 -0.92 -3.69
C VAL A 19 -7.63 0.21 -3.66
N VAL A 20 -8.75 0.03 -4.36
CA VAL A 20 -9.80 1.06 -4.50
C VAL A 20 -10.56 1.27 -3.18
N VAL A 21 -10.79 2.52 -2.79
CA VAL A 21 -11.60 2.89 -1.62
C VAL A 21 -13.07 2.46 -1.89
N PRO A 22 -13.68 1.62 -1.05
CA PRO A 22 -14.97 0.97 -1.30
C PRO A 22 -16.20 1.80 -0.89
N GLU A 23 -15.99 2.91 -0.17
CA GLU A 23 -16.98 3.74 0.53
C GLU A 23 -17.71 3.02 1.70
N THR A 24 -17.81 1.67 1.68
CA THR A 24 -18.27 0.84 2.82
C THR A 24 -17.32 0.94 4.02
N SER A 25 -16.09 1.38 3.80
CA SER A 25 -15.09 1.77 4.82
C SER A 25 -15.47 3.01 5.64
N GLN A 26 -16.56 3.71 5.26
CA GLN A 26 -17.25 4.80 5.98
C GLN A 26 -16.48 6.13 6.13
N ASP A 27 -15.16 6.11 6.33
CA ASP A 27 -14.30 7.29 6.46
C ASP A 27 -13.11 7.30 5.47
N MET A 28 -13.15 6.43 4.45
CA MET A 28 -12.13 6.25 3.40
C MET A 28 -10.71 5.93 3.93
N ALA A 29 -10.62 5.40 5.16
CA ALA A 29 -9.38 5.22 5.91
C ALA A 29 -9.29 3.80 6.53
N PHE A 30 -8.07 3.31 6.75
CA PHE A 30 -7.78 2.05 7.49
C PHE A 30 -6.41 2.13 8.21
N LYS A 31 -6.23 1.34 9.28
CA LYS A 31 -5.00 1.30 10.09
C LYS A 31 -3.92 0.37 9.53
N CYS A 32 -2.65 0.68 9.83
CA CYS A 32 -1.48 -0.20 9.68
C CYS A 32 -1.06 -0.71 11.07
N PRO A 33 -1.38 -1.96 11.48
CA PRO A 33 -0.93 -2.51 12.76
C PRO A 33 0.59 -2.62 12.95
N ILE A 34 1.38 -2.63 11.86
CA ILE A 34 2.86 -2.78 11.89
C ILE A 34 3.55 -1.50 12.41
N CYS A 35 3.32 -0.36 11.74
CA CYS A 35 3.89 0.94 12.12
C CYS A 35 2.92 1.82 12.94
N LYS A 36 1.72 1.30 13.26
CA LYS A 36 0.61 1.96 13.97
C LYS A 36 0.16 3.28 13.34
N GLU A 37 0.07 3.30 12.01
CA GLU A 37 -0.37 4.49 11.24
C GLU A 37 -1.76 4.31 10.61
N THR A 38 -2.24 5.30 9.84
CA THR A 38 -3.54 5.26 9.15
C THR A 38 -3.39 5.69 7.69
N VAL A 39 -3.76 4.81 6.75
CA VAL A 39 -3.92 5.12 5.33
C VAL A 39 -5.29 5.75 5.08
N THR A 40 -5.38 6.62 4.08
CA THR A 40 -6.66 7.18 3.59
C THR A 40 -6.63 7.50 2.09
N GLY A 41 -7.80 7.52 1.47
CA GLY A 41 -8.02 7.56 0.02
C GLY A 41 -7.42 8.76 -0.73
N VAL A 42 -7.02 8.52 -1.98
CA VAL A 42 -6.55 9.54 -2.94
C VAL A 42 -7.16 9.33 -4.33
N TYR A 43 -7.66 10.38 -4.97
CA TYR A 43 -8.37 10.27 -6.26
C TYR A 43 -7.42 10.01 -7.44
N ASP A 44 -7.71 8.97 -8.24
CA ASP A 44 -7.08 8.68 -9.53
C ASP A 44 -7.98 9.15 -10.68
N GLU A 45 -7.46 10.02 -11.56
CA GLU A 45 -8.18 10.53 -12.73
C GLU A 45 -8.33 9.49 -13.86
N GLU A 46 -7.46 8.49 -13.96
CA GLU A 46 -7.46 7.51 -15.05
C GLU A 46 -8.58 6.46 -14.87
N SER A 47 -8.64 5.80 -13.71
CA SER A 47 -9.79 4.94 -13.34
C SER A 47 -11.03 5.76 -12.95
N GLY A 48 -10.83 7.01 -12.50
CA GLY A 48 -11.90 7.92 -12.07
C GLY A 48 -12.45 7.61 -10.67
N GLU A 49 -11.62 7.05 -9.80
CA GLU A 49 -11.99 6.53 -8.47
C GLU A 49 -10.90 6.78 -7.41
N TRP A 50 -11.27 6.75 -6.12
CA TRP A 50 -10.35 6.91 -5.00
C TRP A 50 -9.59 5.61 -4.71
N VAL A 51 -8.28 5.69 -4.44
CA VAL A 51 -7.37 4.56 -4.17
C VAL A 51 -6.54 4.76 -2.91
N TRP A 52 -6.16 3.64 -2.28
CA TRP A 52 -5.19 3.54 -1.18
C TRP A 52 -3.81 3.14 -1.73
N LYS A 53 -2.89 4.11 -1.81
CA LYS A 53 -1.50 3.90 -2.28
C LYS A 53 -0.67 3.08 -1.29
N ASN A 54 0.29 2.29 -1.78
CA ASN A 54 1.18 1.44 -0.96
C ASN A 54 0.40 0.56 0.05
N THR A 55 -0.69 -0.09 -0.38
CA THR A 55 -1.63 -0.79 0.53
C THR A 55 -1.97 -2.22 0.10
N ILE A 56 -2.17 -3.09 1.09
CA ILE A 56 -2.47 -4.52 1.00
C ILE A 56 -3.46 -4.95 2.09
N GLU A 57 -4.27 -5.98 1.85
CA GLU A 57 -5.11 -6.66 2.84
C GLU A 57 -4.70 -8.13 2.96
N VAL A 58 -4.42 -8.58 4.19
CA VAL A 58 -3.92 -9.92 4.55
C VAL A 58 -4.57 -10.38 5.85
N ASN A 59 -5.06 -11.61 5.83
CA ASN A 59 -5.72 -12.27 6.97
C ASN A 59 -6.86 -11.44 7.60
N GLY A 60 -7.64 -10.73 6.77
CA GLY A 60 -8.77 -9.88 7.19
C GLY A 60 -8.39 -8.51 7.77
N LYS A 61 -7.10 -8.12 7.68
CA LYS A 61 -6.55 -6.85 8.20
C LYS A 61 -5.79 -6.08 7.10
N TYR A 62 -5.80 -4.75 7.18
CA TYR A 62 -5.08 -3.86 6.26
C TYR A 62 -3.65 -3.56 6.74
N PHE A 63 -2.74 -3.35 5.79
CA PHE A 63 -1.33 -3.06 6.01
C PHE A 63 -0.75 -2.20 4.87
N HIS A 64 0.41 -1.57 5.11
CA HIS A 64 1.21 -0.94 4.05
C HIS A 64 1.98 -2.03 3.31
N SER A 65 2.12 -1.92 2.00
CA SER A 65 2.86 -2.93 1.20
C SER A 65 4.36 -2.92 1.57
N THR A 66 4.97 -1.76 1.80
CA THR A 66 6.36 -1.64 2.30
C THR A 66 6.54 -2.27 3.69
N CYS A 67 5.63 -1.98 4.63
CA CYS A 67 5.66 -2.54 5.98
C CYS A 67 5.57 -4.08 5.96
N TYR A 68 4.54 -4.61 5.31
CA TYR A 68 4.31 -6.06 5.21
C TYR A 68 5.46 -6.78 4.49
N HIS A 69 5.98 -6.21 3.39
CA HIS A 69 7.13 -6.76 2.65
C HIS A 69 8.40 -6.83 3.51
N GLU A 70 8.71 -5.79 4.28
CA GLU A 70 9.88 -5.75 5.17
C GLU A 70 9.73 -6.65 6.41
N THR A 71 8.51 -6.79 6.96
CA THR A 71 8.24 -7.48 8.22
C THR A 71 7.96 -8.98 8.07
N SER A 72 7.18 -9.39 7.06
CA SER A 72 6.66 -10.77 6.94
C SER A 72 7.65 -11.75 6.30
N GLN A 73 8.70 -12.12 7.03
CA GLN A 73 9.64 -13.18 6.62
C GLN A 73 8.97 -14.57 6.57
N ASN A 74 7.85 -14.76 7.26
CA ASN A 74 7.06 -16.00 7.24
C ASN A 74 6.37 -16.26 5.88
N SER A 75 6.09 -15.20 5.10
CA SER A 75 5.44 -15.28 3.79
C SER A 75 6.34 -15.82 2.66
N SER A 76 7.67 -15.85 2.88
CA SER A 76 8.70 -16.31 1.91
C SER A 76 8.55 -17.79 1.50
N GLY A 1 29.66 15.57 -13.14
CA GLY A 1 29.28 14.20 -13.56
C GLY A 1 27.94 14.20 -14.30
N GLY A 2 27.83 13.39 -15.36
CA GLY A 2 26.60 13.25 -16.15
C GLY A 2 25.48 12.46 -15.44
N SER A 3 24.24 12.67 -15.90
CA SER A 3 23.03 12.01 -15.36
C SER A 3 23.02 10.50 -15.59
N GLU A 4 22.52 9.73 -14.61
CA GLU A 4 22.35 8.28 -14.69
C GLU A 4 21.10 7.87 -15.51
N PHE A 5 21.16 6.71 -16.16
CA PHE A 5 20.05 6.10 -16.90
C PHE A 5 19.06 5.34 -15.99
N SER A 6 17.83 5.14 -16.47
CA SER A 6 16.73 4.46 -15.75
C SER A 6 16.94 2.94 -15.59
N ASP A 7 16.34 2.34 -14.55
CA ASP A 7 16.34 0.90 -14.27
C ASP A 7 14.95 0.39 -13.82
N ARG A 8 14.73 -0.94 -13.92
CA ARG A 8 13.42 -1.61 -13.78
C ARG A 8 13.21 -2.31 -12.43
N SER A 9 13.93 -1.87 -11.39
CA SER A 9 14.02 -2.50 -10.07
C SER A 9 12.68 -2.61 -9.33
N ASN A 10 12.53 -3.67 -8.50
CA ASN A 10 11.32 -3.98 -7.74
C ASN A 10 10.92 -2.89 -6.72
N GLU A 11 11.84 -2.00 -6.34
CA GLU A 11 11.54 -0.82 -5.50
C GLU A 11 10.50 0.14 -6.14
N LEU A 12 10.33 0.11 -7.47
CA LEU A 12 9.28 0.82 -8.21
C LEU A 12 7.93 0.06 -8.22
N GLU A 13 7.93 -1.24 -7.93
CA GLU A 13 6.74 -2.11 -7.98
C GLU A 13 6.00 -2.18 -6.64
N ILE A 14 6.72 -2.20 -5.50
CA ILE A 14 6.09 -2.20 -4.16
C ILE A 14 5.26 -0.91 -3.95
N ARG A 15 5.74 0.23 -4.44
CA ARG A 15 5.05 1.53 -4.31
C ARG A 15 3.84 1.69 -5.23
N GLY A 16 3.74 0.86 -6.28
CA GLY A 16 2.66 0.87 -7.27
C GLY A 16 1.38 0.17 -6.81
N LYS A 17 1.41 -0.56 -5.68
CA LYS A 17 0.25 -1.29 -5.13
C LYS A 17 -0.79 -0.33 -4.49
N TYR A 18 -2.07 -0.66 -4.63
CA TYR A 18 -3.20 0.03 -3.99
C TYR A 18 -4.46 -0.85 -3.94
N VAL A 19 -5.43 -0.40 -3.15
CA VAL A 19 -6.80 -0.94 -3.06
C VAL A 19 -7.83 0.19 -3.10
N VAL A 20 -8.96 0.00 -3.77
CA VAL A 20 -9.93 1.08 -4.05
C VAL A 20 -10.77 1.46 -2.81
N VAL A 21 -10.96 2.76 -2.58
CA VAL A 21 -11.88 3.31 -1.55
C VAL A 21 -13.33 3.17 -2.04
N PRO A 22 -14.25 2.54 -1.27
CA PRO A 22 -15.66 2.49 -1.60
C PRO A 22 -16.37 3.82 -1.24
N GLU A 23 -17.32 4.27 -2.06
CA GLU A 23 -18.18 5.43 -1.74
C GLU A 23 -19.07 5.21 -0.50
N THR A 24 -19.23 3.96 -0.08
CA THR A 24 -19.88 3.54 1.17
C THR A 24 -19.11 4.00 2.41
N SER A 25 -17.79 4.19 2.33
CA SER A 25 -16.97 4.63 3.47
C SER A 25 -17.24 6.10 3.83
N GLN A 26 -17.58 6.36 5.10
CA GLN A 26 -17.79 7.71 5.61
C GLN A 26 -16.47 8.49 5.83
N ASP A 27 -15.35 7.80 6.08
CA ASP A 27 -14.07 8.40 6.47
C ASP A 27 -12.92 8.12 5.48
N MET A 28 -13.11 7.19 4.51
CA MET A 28 -12.15 6.83 3.46
C MET A 28 -10.78 6.37 4.00
N ALA A 29 -10.77 5.67 5.16
CA ALA A 29 -9.56 5.34 5.92
C ALA A 29 -9.52 3.93 6.52
N PHE A 30 -8.28 3.44 6.71
CA PHE A 30 -7.88 2.23 7.44
C PHE A 30 -6.48 2.46 8.08
N LYS A 31 -5.96 1.54 8.89
CA LYS A 31 -4.70 1.70 9.64
C LYS A 31 -3.76 0.49 9.50
N CYS A 32 -2.45 0.75 9.41
CA CYS A 32 -1.35 -0.20 9.42
C CYS A 32 -0.96 -0.58 10.87
N PRO A 33 -1.11 -1.85 11.31
CA PRO A 33 -0.65 -2.31 12.63
C PRO A 33 0.88 -2.24 12.83
N ILE A 34 1.68 -2.32 11.76
CA ILE A 34 3.15 -2.43 11.82
C ILE A 34 3.78 -1.10 12.29
N CYS A 35 3.47 0.00 11.59
CA CYS A 35 3.97 1.34 11.89
C CYS A 35 2.92 2.26 12.59
N LYS A 36 1.73 1.71 12.84
CA LYS A 36 0.57 2.38 13.50
C LYS A 36 0.09 3.60 12.70
N GLU A 37 0.01 3.51 11.36
CA GLU A 37 -0.33 4.67 10.50
C GLU A 37 -1.65 4.54 9.76
N THR A 38 -2.45 5.60 9.78
CA THR A 38 -3.74 5.68 9.08
C THR A 38 -3.56 6.09 7.62
N VAL A 39 -3.96 5.22 6.69
CA VAL A 39 -4.07 5.53 5.25
C VAL A 39 -5.40 6.23 4.95
N THR A 40 -5.39 7.10 3.94
CA THR A 40 -6.57 7.83 3.46
C THR A 40 -6.68 7.77 1.92
N GLY A 41 -7.89 7.95 1.39
CA GLY A 41 -8.17 7.90 -0.04
C GLY A 41 -7.52 9.00 -0.87
N VAL A 42 -7.04 8.63 -2.07
CA VAL A 42 -6.39 9.54 -3.03
C VAL A 42 -6.94 9.29 -4.45
N TYR A 43 -7.34 10.32 -5.18
CA TYR A 43 -7.99 10.17 -6.48
C TYR A 43 -7.03 9.74 -7.61
N ASP A 44 -7.36 8.62 -8.27
CA ASP A 44 -6.71 8.15 -9.50
C ASP A 44 -7.52 8.67 -10.72
N GLU A 45 -6.88 9.54 -11.52
CA GLU A 45 -7.50 10.22 -12.67
C GLU A 45 -7.78 9.28 -13.87
N GLU A 46 -7.01 8.20 -14.03
CA GLU A 46 -7.17 7.23 -15.14
C GLU A 46 -8.17 6.12 -14.79
N SER A 47 -8.16 5.63 -13.54
CA SER A 47 -9.21 4.73 -13.03
C SER A 47 -10.55 5.45 -12.83
N GLY A 48 -10.49 6.72 -12.41
CA GLY A 48 -11.65 7.56 -12.09
C GLY A 48 -12.20 7.31 -10.68
N GLU A 49 -11.35 6.83 -9.76
CA GLU A 49 -11.74 6.35 -8.43
C GLU A 49 -10.72 6.76 -7.35
N TRP A 50 -11.17 6.89 -6.10
CA TRP A 50 -10.31 7.10 -4.94
C TRP A 50 -9.64 5.78 -4.51
N VAL A 51 -8.36 5.80 -4.16
CA VAL A 51 -7.54 4.62 -3.81
C VAL A 51 -6.68 4.82 -2.55
N TRP A 52 -6.46 3.73 -1.83
CA TRP A 52 -5.50 3.60 -0.71
C TRP A 52 -4.14 3.22 -1.26
N LYS A 53 -3.25 4.20 -1.40
CA LYS A 53 -1.88 4.02 -1.96
C LYS A 53 -0.99 3.20 -1.01
N ASN A 54 -0.06 2.44 -1.59
CA ASN A 54 0.92 1.59 -0.88
C ASN A 54 0.25 0.61 0.11
N THR A 55 -0.96 0.11 -0.20
CA THR A 55 -1.78 -0.69 0.72
C THR A 55 -2.02 -2.12 0.21
N ILE A 56 -2.03 -3.07 1.13
CA ILE A 56 -2.22 -4.51 0.94
C ILE A 56 -3.20 -5.07 1.99
N GLU A 57 -4.01 -6.05 1.59
CA GLU A 57 -4.89 -6.82 2.48
C GLU A 57 -4.42 -8.28 2.56
N VAL A 58 -4.41 -8.86 3.77
CA VAL A 58 -4.14 -10.30 4.01
C VAL A 58 -4.91 -10.80 5.24
N ASN A 59 -5.53 -11.98 5.13
CA ASN A 59 -6.28 -12.65 6.20
C ASN A 59 -7.34 -11.73 6.88
N GLY A 60 -8.00 -10.89 6.08
CA GLY A 60 -9.03 -9.93 6.53
C GLY A 60 -8.52 -8.66 7.22
N LYS A 61 -7.20 -8.41 7.20
CA LYS A 61 -6.53 -7.25 7.83
C LYS A 61 -5.72 -6.43 6.83
N TYR A 62 -5.61 -5.13 7.07
CA TYR A 62 -4.90 -4.18 6.23
C TYR A 62 -3.48 -3.86 6.74
N PHE A 63 -2.57 -3.61 5.81
CA PHE A 63 -1.17 -3.28 6.02
C PHE A 63 -0.63 -2.40 4.87
N HIS A 64 0.56 -1.82 5.04
CA HIS A 64 1.29 -1.17 3.94
C HIS A 64 2.12 -2.20 3.18
N SER A 65 2.25 -2.05 1.86
CA SER A 65 3.02 -2.97 1.01
C SER A 65 4.51 -2.94 1.33
N THR A 66 5.10 -1.75 1.53
CA THR A 66 6.50 -1.58 1.96
C THR A 66 6.77 -2.13 3.37
N CYS A 67 5.82 -1.97 4.30
CA CYS A 67 5.90 -2.51 5.65
C CYS A 67 5.87 -4.06 5.63
N TYR A 68 4.80 -4.65 5.09
CA TYR A 68 4.56 -6.09 5.08
C TYR A 68 5.66 -6.89 4.36
N HIS A 69 6.20 -6.34 3.25
CA HIS A 69 7.15 -7.03 2.36
C HIS A 69 8.44 -7.51 3.04
N GLU A 70 9.19 -6.61 3.68
CA GLU A 70 10.50 -6.94 4.26
C GLU A 70 10.45 -7.21 5.78
N THR A 71 9.32 -6.91 6.44
CA THR A 71 9.16 -7.13 7.90
C THR A 71 8.82 -8.60 8.23
N SER A 72 8.03 -9.26 7.38
CA SER A 72 7.65 -10.68 7.56
C SER A 72 8.83 -11.64 7.40
N GLN A 73 8.80 -12.78 8.10
CA GLN A 73 9.74 -13.88 7.93
C GLN A 73 9.45 -14.65 6.63
N ASN A 74 9.97 -14.14 5.51
CA ASN A 74 9.84 -14.76 4.18
C ASN A 74 10.61 -16.09 4.08
N SER A 75 10.26 -16.92 3.08
CA SER A 75 10.81 -18.27 2.87
C SER A 75 11.06 -18.57 1.38
N SER A 76 11.95 -19.53 1.10
CA SER A 76 12.43 -19.94 -0.23
C SER A 76 11.33 -20.49 -1.16
N GLY A 1 17.47 12.96 -14.63
CA GLY A 1 18.40 12.73 -13.51
C GLY A 1 19.83 13.07 -13.91
N GLY A 2 20.56 13.79 -13.04
CA GLY A 2 21.94 14.24 -13.30
C GLY A 2 23.04 13.19 -13.08
N SER A 3 22.71 12.02 -12.53
CA SER A 3 23.64 10.90 -12.26
C SER A 3 22.92 9.54 -12.28
N GLU A 4 23.69 8.45 -12.31
CA GLU A 4 23.18 7.06 -12.34
C GLU A 4 22.49 6.63 -11.03
N PHE A 5 21.59 5.64 -11.12
CA PHE A 5 20.92 5.02 -9.96
C PHE A 5 21.87 4.14 -9.12
N SER A 6 21.61 4.07 -7.81
CA SER A 6 22.33 3.18 -6.87
C SER A 6 21.87 1.70 -7.00
N ASP A 7 22.63 0.78 -6.42
CA ASP A 7 22.39 -0.68 -6.45
C ASP A 7 21.29 -1.16 -5.45
N ARG A 8 20.44 -0.25 -4.97
CA ARG A 8 19.34 -0.53 -4.03
C ARG A 8 18.20 -1.34 -4.67
N SER A 9 17.46 -2.08 -3.85
CA SER A 9 16.22 -2.79 -4.22
C SER A 9 15.07 -1.82 -4.52
N ASN A 10 14.08 -2.28 -5.31
CA ASN A 10 12.93 -1.47 -5.73
C ASN A 10 11.94 -1.23 -4.58
N GLU A 11 11.61 0.04 -4.33
CA GLU A 11 10.56 0.47 -3.38
C GLU A 11 9.38 1.16 -4.07
N LEU A 12 9.57 1.76 -5.24
CA LEU A 12 8.53 2.49 -5.97
C LEU A 12 7.37 1.58 -6.42
N GLU A 13 7.66 0.37 -6.87
CA GLU A 13 6.63 -0.60 -7.25
C GLU A 13 5.91 -1.23 -6.06
N ILE A 14 6.50 -1.17 -4.86
CA ILE A 14 5.80 -1.52 -3.61
C ILE A 14 4.83 -0.39 -3.23
N ARG A 15 5.25 0.87 -3.39
CA ARG A 15 4.43 2.06 -3.09
C ARG A 15 3.23 2.17 -4.06
N GLY A 16 3.45 1.79 -5.32
CA GLY A 16 2.43 1.74 -6.37
C GLY A 16 1.33 0.67 -6.21
N LYS A 17 1.41 -0.21 -5.21
CA LYS A 17 0.31 -1.15 -4.87
C LYS A 17 -0.87 -0.39 -4.23
N TYR A 18 -2.09 -0.67 -4.66
CA TYR A 18 -3.30 -0.02 -4.12
C TYR A 18 -4.55 -0.89 -4.11
N VAL A 19 -5.56 -0.42 -3.38
CA VAL A 19 -6.92 -0.98 -3.29
C VAL A 19 -7.94 0.18 -3.34
N VAL A 20 -9.06 0.02 -4.06
CA VAL A 20 -10.04 1.12 -4.26
C VAL A 20 -10.80 1.41 -2.96
N VAL A 21 -10.90 2.71 -2.60
CA VAL A 21 -11.66 3.21 -1.45
C VAL A 21 -13.17 3.11 -1.73
N PRO A 22 -13.97 2.45 -0.87
CA PRO A 22 -15.42 2.35 -1.03
C PRO A 22 -16.14 3.63 -0.59
N GLU A 23 -17.30 3.90 -1.18
CA GLU A 23 -18.18 5.03 -0.76
C GLU A 23 -18.70 4.89 0.68
N THR A 24 -18.72 3.67 1.24
CA THR A 24 -19.10 3.36 2.63
C THR A 24 -18.00 3.66 3.67
N SER A 25 -16.76 3.93 3.24
CA SER A 25 -15.66 4.27 4.16
C SER A 25 -15.90 5.58 4.92
N GLN A 26 -15.47 5.64 6.18
CA GLN A 26 -15.43 6.88 6.97
C GLN A 26 -14.15 7.65 6.63
N ASP A 27 -14.30 8.87 6.10
CA ASP A 27 -13.22 9.82 5.74
C ASP A 27 -12.11 9.24 4.84
N MET A 28 -12.41 8.17 4.07
CA MET A 28 -11.45 7.46 3.22
C MET A 28 -10.21 6.95 3.97
N ALA A 29 -10.38 6.51 5.23
CA ALA A 29 -9.28 6.17 6.13
C ALA A 29 -9.36 4.76 6.72
N PHE A 30 -8.19 4.14 6.95
CA PHE A 30 -8.03 2.84 7.66
C PHE A 30 -6.61 2.73 8.27
N LYS A 31 -6.36 1.76 9.17
CA LYS A 31 -5.12 1.66 9.97
C LYS A 31 -4.19 0.50 9.54
N CYS A 32 -2.87 0.70 9.71
CA CYS A 32 -1.79 -0.28 9.63
C CYS A 32 -1.45 -0.82 11.03
N PRO A 33 -1.75 -2.09 11.38
CA PRO A 33 -1.39 -2.66 12.68
C PRO A 33 0.10 -2.78 12.98
N ILE A 34 0.97 -2.79 11.95
CA ILE A 34 2.43 -2.95 12.09
C ILE A 34 3.07 -1.69 12.71
N CYS A 35 2.83 -0.54 12.09
CA CYS A 35 3.39 0.75 12.52
C CYS A 35 2.36 1.66 13.25
N LYS A 36 1.12 1.18 13.41
CA LYS A 36 -0.05 1.88 13.98
C LYS A 36 -0.38 3.21 13.29
N GLU A 37 -0.37 3.22 11.94
CA GLU A 37 -0.57 4.47 11.16
C GLU A 37 -1.78 4.41 10.22
N THR A 38 -2.39 5.58 9.97
CA THR A 38 -3.60 5.72 9.15
C THR A 38 -3.29 6.01 7.68
N VAL A 39 -3.74 5.14 6.77
CA VAL A 39 -3.77 5.40 5.32
C VAL A 39 -4.97 6.28 4.97
N THR A 40 -4.83 7.13 3.95
CA THR A 40 -5.90 7.98 3.42
C THR A 40 -6.04 7.81 1.92
N GLY A 41 -7.27 7.95 1.41
CA GLY A 41 -7.61 7.80 0.00
C GLY A 41 -7.08 8.93 -0.89
N VAL A 42 -6.74 8.60 -2.13
CA VAL A 42 -6.27 9.53 -3.18
C VAL A 42 -6.98 9.27 -4.51
N TYR A 43 -7.41 10.31 -5.21
CA TYR A 43 -8.16 10.21 -6.46
C TYR A 43 -7.28 9.76 -7.64
N ASP A 44 -7.62 8.60 -8.23
CA ASP A 44 -7.03 8.17 -9.51
C ASP A 44 -7.80 8.82 -10.67
N GLU A 45 -7.13 9.75 -11.36
CA GLU A 45 -7.70 10.57 -12.43
C GLU A 45 -8.07 9.77 -13.70
N GLU A 46 -7.41 8.65 -13.96
CA GLU A 46 -7.61 7.84 -15.18
C GLU A 46 -8.86 6.95 -15.08
N SER A 47 -9.01 6.21 -13.97
CA SER A 47 -10.22 5.41 -13.68
C SER A 47 -11.37 6.28 -13.15
N GLY A 48 -11.05 7.38 -12.47
CA GLY A 48 -12.03 8.28 -11.84
C GLY A 48 -12.49 7.79 -10.46
N GLU A 49 -11.62 7.08 -9.71
CA GLU A 49 -11.96 6.44 -8.44
C GLU A 49 -10.87 6.68 -7.38
N TRP A 50 -11.26 6.82 -6.11
CA TRP A 50 -10.34 7.01 -5.00
C TRP A 50 -9.67 5.68 -4.60
N VAL A 51 -8.38 5.72 -4.26
CA VAL A 51 -7.53 4.55 -3.99
C VAL A 51 -6.65 4.74 -2.75
N TRP A 52 -6.48 3.66 -2.00
CA TRP A 52 -5.53 3.56 -0.90
C TRP A 52 -4.18 3.07 -1.46
N LYS A 53 -3.29 4.01 -1.76
CA LYS A 53 -1.92 3.74 -2.22
C LYS A 53 -1.06 3.14 -1.09
N ASN A 54 0.05 2.49 -1.44
CA ASN A 54 0.97 1.82 -0.50
C ASN A 54 0.24 0.78 0.40
N THR A 55 -0.82 0.11 -0.08
CA THR A 55 -1.73 -0.72 0.73
C THR A 55 -1.87 -2.14 0.22
N ILE A 56 -2.04 -3.11 1.14
CA ILE A 56 -2.24 -4.54 0.91
C ILE A 56 -3.24 -5.13 1.93
N GLU A 57 -4.00 -6.15 1.53
CA GLU A 57 -4.81 -6.98 2.44
C GLU A 57 -4.18 -8.38 2.60
N VAL A 58 -3.87 -8.77 3.84
CA VAL A 58 -3.16 -10.02 4.20
C VAL A 58 -3.72 -10.56 5.52
N ASN A 59 -3.83 -11.89 5.64
CA ASN A 59 -4.30 -12.61 6.85
C ASN A 59 -5.66 -12.10 7.40
N GLY A 60 -6.50 -11.53 6.53
CA GLY A 60 -7.82 -10.95 6.87
C GLY A 60 -7.83 -9.46 7.28
N LYS A 61 -6.67 -8.78 7.28
CA LYS A 61 -6.53 -7.36 7.70
C LYS A 61 -5.80 -6.50 6.66
N TYR A 62 -5.97 -5.20 6.79
CA TYR A 62 -5.24 -4.20 6.00
C TYR A 62 -3.85 -3.93 6.60
N PHE A 63 -2.91 -3.61 5.72
CA PHE A 63 -1.50 -3.34 6.00
C PHE A 63 -0.90 -2.39 4.95
N HIS A 64 0.23 -1.76 5.28
CA HIS A 64 1.05 -1.05 4.26
C HIS A 64 1.81 -2.10 3.46
N SER A 65 1.86 -1.95 2.13
CA SER A 65 2.61 -2.85 1.24
C SER A 65 4.11 -2.90 1.57
N THR A 66 4.71 -1.76 1.95
CA THR A 66 6.11 -1.66 2.39
C THR A 66 6.34 -2.31 3.76
N CYS A 67 5.54 -1.97 4.79
CA CYS A 67 5.59 -2.60 6.11
C CYS A 67 5.54 -4.13 6.02
N TYR A 68 4.53 -4.66 5.30
CA TYR A 68 4.39 -6.09 5.05
C TYR A 68 5.62 -6.67 4.34
N HIS A 69 6.06 -6.08 3.22
CA HIS A 69 7.18 -6.60 2.41
C HIS A 69 8.51 -6.63 3.17
N GLU A 70 8.79 -5.62 3.99
CA GLU A 70 9.97 -5.56 4.85
C GLU A 70 9.94 -6.56 6.03
N THR A 71 8.76 -7.08 6.39
CA THR A 71 8.56 -8.01 7.52
C THR A 71 8.42 -9.46 7.06
N SER A 72 7.34 -9.78 6.31
CA SER A 72 6.88 -11.09 5.82
C SER A 72 6.67 -12.22 6.86
N GLN A 73 7.65 -12.47 7.74
CA GLN A 73 7.68 -13.56 8.71
C GLN A 73 6.81 -13.30 9.95
N ASN A 74 6.40 -14.38 10.62
CA ASN A 74 5.76 -14.40 11.95
C ASN A 74 4.56 -13.44 12.10
N SER A 75 3.51 -13.64 11.29
CA SER A 75 2.32 -12.78 11.23
C SER A 75 1.53 -12.72 12.56
N SER A 76 1.49 -13.83 13.32
CA SER A 76 0.87 -13.93 14.66
C SER A 76 1.50 -15.04 15.52
N GLY A 1 23.41 11.57 -8.05
CA GLY A 1 24.10 10.42 -7.44
C GLY A 1 23.70 9.11 -8.09
N GLY A 2 24.64 8.15 -8.19
CA GLY A 2 24.41 6.83 -8.80
C GLY A 2 25.67 5.95 -8.75
N SER A 3 25.92 5.30 -7.61
CA SER A 3 27.09 4.44 -7.39
C SER A 3 27.07 3.16 -8.25
N GLU A 4 25.87 2.61 -8.49
CA GLU A 4 25.61 1.47 -9.38
C GLU A 4 24.18 1.55 -9.94
N PHE A 5 23.99 1.11 -11.19
CA PHE A 5 22.75 1.28 -11.97
C PHE A 5 21.76 0.10 -11.86
N SER A 6 22.10 -0.98 -11.15
CA SER A 6 21.27 -2.17 -10.98
C SER A 6 21.57 -2.92 -9.66
N ASP A 7 20.54 -3.49 -9.04
CA ASP A 7 20.62 -4.38 -7.87
C ASP A 7 19.41 -5.35 -7.85
N ARG A 8 19.48 -6.39 -7.00
CA ARG A 8 18.51 -7.51 -6.98
C ARG A 8 17.53 -7.51 -5.79
N SER A 9 17.44 -6.41 -5.03
CA SER A 9 16.50 -6.30 -3.90
C SER A 9 15.04 -6.18 -4.38
N ASN A 10 14.15 -7.01 -3.83
CA ASN A 10 12.71 -6.96 -4.13
C ASN A 10 11.99 -5.78 -3.45
N GLU A 11 12.56 -5.19 -2.39
CA GLU A 11 11.93 -4.09 -1.62
C GLU A 11 11.65 -2.83 -2.47
N LEU A 12 12.45 -2.62 -3.53
CA LEU A 12 12.25 -1.55 -4.50
C LEU A 12 10.87 -1.64 -5.20
N GLU A 13 10.44 -2.84 -5.56
CA GLU A 13 9.22 -3.10 -6.35
C GLU A 13 7.91 -2.96 -5.55
N ILE A 14 7.98 -3.00 -4.22
CA ILE A 14 6.82 -3.10 -3.32
C ILE A 14 5.91 -1.86 -3.38
N ARG A 15 6.51 -0.68 -3.55
CA ARG A 15 5.84 0.64 -3.46
C ARG A 15 4.85 0.98 -4.59
N GLY A 16 4.85 0.18 -5.66
CA GLY A 16 3.93 0.37 -6.80
C GLY A 16 2.49 -0.12 -6.56
N LYS A 17 2.25 -0.92 -5.51
CA LYS A 17 0.93 -1.51 -5.19
C LYS A 17 -0.09 -0.49 -4.68
N TYR A 18 -1.37 -0.71 -5.00
CA TYR A 18 -2.53 0.01 -4.45
C TYR A 18 -3.81 -0.85 -4.52
N VAL A 19 -4.81 -0.46 -3.73
CA VAL A 19 -6.15 -1.08 -3.66
C VAL A 19 -7.24 0.00 -3.66
N VAL A 20 -8.33 -0.21 -4.42
CA VAL A 20 -9.44 0.76 -4.53
C VAL A 20 -10.19 0.84 -3.19
N VAL A 21 -10.45 2.07 -2.73
CA VAL A 21 -11.31 2.36 -1.57
C VAL A 21 -12.79 2.16 -1.98
N PRO A 22 -13.56 1.29 -1.29
CA PRO A 22 -14.98 1.09 -1.60
C PRO A 22 -15.82 2.31 -1.22
N GLU A 23 -16.89 2.59 -2.00
CA GLU A 23 -17.85 3.65 -1.68
C GLU A 23 -18.61 3.41 -0.37
N THR A 24 -18.63 2.15 0.12
CA THR A 24 -19.10 1.77 1.45
C THR A 24 -18.33 2.50 2.56
N SER A 25 -17.03 2.79 2.34
CA SER A 25 -16.22 3.62 3.25
C SER A 25 -16.46 5.12 2.99
N GLN A 26 -17.27 5.75 3.84
CA GLN A 26 -17.50 7.21 3.79
C GLN A 26 -16.28 8.02 4.25
N ASP A 27 -15.48 7.46 5.17
CA ASP A 27 -14.31 8.13 5.76
C ASP A 27 -13.00 7.85 5.00
N MET A 28 -12.94 6.78 4.19
CA MET A 28 -11.79 6.39 3.36
C MET A 28 -10.48 6.19 4.14
N ALA A 29 -10.56 5.72 5.39
CA ALA A 29 -9.42 5.57 6.29
C ALA A 29 -9.38 4.21 7.01
N PHE A 30 -8.19 3.60 7.07
CA PHE A 30 -7.88 2.35 7.77
C PHE A 30 -6.48 2.41 8.40
N LYS A 31 -6.19 1.54 9.38
CA LYS A 31 -4.95 1.54 10.16
C LYS A 31 -3.87 0.59 9.62
N CYS A 32 -2.61 0.87 9.98
CA CYS A 32 -1.45 -0.01 9.85
C CYS A 32 -1.04 -0.43 11.27
N PRO A 33 -1.45 -1.61 11.78
CA PRO A 33 -1.04 -2.09 13.09
C PRO A 33 0.48 -2.29 13.28
N ILE A 34 1.26 -2.38 12.20
CA ILE A 34 2.73 -2.56 12.22
C ILE A 34 3.44 -1.29 12.68
N CYS A 35 3.24 -0.16 11.98
CA CYS A 35 3.87 1.13 12.30
C CYS A 35 2.93 2.13 13.03
N LYS A 36 1.69 1.69 13.31
CA LYS A 36 0.58 2.43 13.97
C LYS A 36 0.13 3.67 13.19
N GLU A 37 0.12 3.59 11.85
CA GLU A 37 -0.26 4.72 10.98
C GLU A 37 -1.70 4.61 10.45
N THR A 38 -2.20 5.63 9.77
CA THR A 38 -3.50 5.64 9.08
C THR A 38 -3.31 5.86 7.57
N VAL A 39 -3.75 4.91 6.75
CA VAL A 39 -3.86 5.05 5.29
C VAL A 39 -5.17 5.75 4.93
N THR A 40 -5.06 6.89 4.24
CA THR A 40 -6.20 7.65 3.72
C THR A 40 -6.33 7.49 2.19
N GLY A 41 -7.56 7.41 1.69
CA GLY A 41 -7.85 7.27 0.27
C GLY A 41 -7.45 8.49 -0.56
N VAL A 42 -7.07 8.25 -1.81
CA VAL A 42 -6.64 9.27 -2.79
C VAL A 42 -7.36 9.08 -4.13
N TYR A 43 -7.97 10.15 -4.67
CA TYR A 43 -8.77 10.05 -5.91
C TYR A 43 -7.91 9.90 -7.17
N ASP A 44 -8.17 8.86 -7.96
CA ASP A 44 -7.64 8.67 -9.31
C ASP A 44 -8.61 9.29 -10.32
N GLU A 45 -8.24 10.44 -10.89
CA GLU A 45 -9.06 11.18 -11.86
C GLU A 45 -9.26 10.43 -13.20
N GLU A 46 -8.33 9.56 -13.59
CA GLU A 46 -8.37 8.81 -14.85
C GLU A 46 -9.27 7.56 -14.73
N SER A 47 -9.16 6.80 -13.65
CA SER A 47 -10.04 5.65 -13.36
C SER A 47 -11.42 6.07 -12.82
N GLY A 48 -11.49 7.24 -12.17
CA GLY A 48 -12.70 7.77 -11.53
C GLY A 48 -13.03 7.11 -10.19
N GLU A 49 -11.99 6.64 -9.46
CA GLU A 49 -12.11 5.85 -8.22
C GLU A 49 -11.04 6.30 -7.19
N TRP A 50 -11.34 6.15 -5.90
CA TRP A 50 -10.37 6.41 -4.83
C TRP A 50 -9.51 5.17 -4.58
N VAL A 51 -8.23 5.36 -4.23
CA VAL A 51 -7.23 4.29 -3.97
C VAL A 51 -6.42 4.50 -2.68
N TRP A 52 -5.97 3.41 -2.08
CA TRP A 52 -5.04 3.34 -0.96
C TRP A 52 -3.69 2.90 -1.52
N LYS A 53 -2.71 3.82 -1.58
CA LYS A 53 -1.38 3.61 -2.18
C LYS A 53 -0.37 2.99 -1.19
N ASN A 54 0.59 2.20 -1.71
CA ASN A 54 1.51 1.35 -0.94
C ASN A 54 0.78 0.44 0.08
N THR A 55 -0.43 -0.01 -0.24
CA THR A 55 -1.31 -0.75 0.67
C THR A 55 -1.54 -2.20 0.20
N ILE A 56 -1.69 -3.11 1.16
CA ILE A 56 -2.02 -4.54 0.98
C ILE A 56 -3.22 -4.94 1.85
N GLU A 57 -4.13 -5.72 1.26
CA GLU A 57 -5.24 -6.40 1.95
C GLU A 57 -4.83 -7.84 2.31
N VAL A 58 -5.05 -8.25 3.57
CA VAL A 58 -4.83 -9.62 4.06
C VAL A 58 -5.78 -9.95 5.21
N ASN A 59 -6.42 -11.12 5.13
CA ASN A 59 -7.27 -11.69 6.16
C ASN A 59 -8.38 -10.73 6.67
N GLY A 60 -9.00 -9.97 5.75
CA GLY A 60 -10.06 -8.99 6.02
C GLY A 60 -9.57 -7.65 6.60
N LYS A 61 -8.25 -7.41 6.60
CA LYS A 61 -7.56 -6.28 7.26
C LYS A 61 -6.55 -5.63 6.32
N TYR A 62 -5.98 -4.49 6.74
CA TYR A 62 -5.03 -3.70 5.94
C TYR A 62 -3.68 -3.50 6.61
N PHE A 63 -2.67 -3.31 5.77
CA PHE A 63 -1.28 -3.00 6.11
C PHE A 63 -0.62 -2.20 4.98
N HIS A 64 0.53 -1.59 5.26
CA HIS A 64 1.40 -1.05 4.21
C HIS A 64 2.16 -2.22 3.59
N SER A 65 2.32 -2.25 2.28
CA SER A 65 2.99 -3.37 1.59
C SER A 65 4.47 -3.49 1.99
N THR A 66 5.16 -2.36 2.16
CA THR A 66 6.55 -2.28 2.67
C THR A 66 6.68 -2.70 4.14
N CYS A 67 5.70 -2.36 5.00
CA CYS A 67 5.65 -2.82 6.38
C CYS A 67 5.48 -4.35 6.44
N TYR A 68 4.44 -4.88 5.78
CA TYR A 68 4.11 -6.30 5.72
C TYR A 68 5.27 -7.16 5.15
N HIS A 69 6.00 -6.64 4.15
CA HIS A 69 7.17 -7.30 3.56
C HIS A 69 8.30 -7.54 4.57
N GLU A 70 8.51 -6.63 5.53
CA GLU A 70 9.50 -6.78 6.60
C GLU A 70 9.03 -7.71 7.75
N THR A 71 7.73 -7.72 8.08
CA THR A 71 7.19 -8.47 9.24
C THR A 71 6.77 -9.91 8.92
N SER A 72 6.42 -10.22 7.67
CA SER A 72 5.94 -11.55 7.25
C SER A 72 7.02 -12.63 7.45
N GLN A 73 6.69 -13.66 8.24
CA GLN A 73 7.56 -14.77 8.64
C GLN A 73 6.74 -16.06 8.85
N ASN A 74 7.41 -17.22 8.91
CA ASN A 74 6.79 -18.55 9.13
C ASN A 74 5.68 -18.89 8.11
N SER A 75 5.93 -18.60 6.83
CA SER A 75 4.97 -18.65 5.72
C SER A 75 4.48 -20.07 5.32
N SER A 76 5.10 -21.13 5.84
CA SER A 76 4.82 -22.55 5.53
C SER A 76 3.38 -22.99 5.82
N GLY A 1 16.88 1.28 -22.60
CA GLY A 1 16.71 2.09 -21.39
C GLY A 1 18.01 2.76 -20.98
N GLY A 2 17.99 4.08 -20.77
CA GLY A 2 19.16 4.88 -20.39
C GLY A 2 19.49 4.91 -18.89
N SER A 3 18.50 4.70 -18.01
CA SER A 3 18.68 4.81 -16.54
C SER A 3 17.66 4.03 -15.69
N GLU A 4 16.72 3.31 -16.30
CA GLU A 4 15.63 2.58 -15.63
C GLU A 4 16.11 1.37 -14.80
N PHE A 5 17.30 0.84 -15.10
CA PHE A 5 17.90 -0.33 -14.47
C PHE A 5 19.37 -0.08 -14.10
N SER A 6 19.78 -0.56 -12.92
CA SER A 6 21.09 -0.34 -12.30
C SER A 6 21.31 -1.37 -11.17
N ASP A 7 22.27 -1.10 -10.27
CA ASP A 7 22.47 -1.86 -9.02
C ASP A 7 21.34 -1.65 -7.97
N ARG A 8 20.30 -0.86 -8.28
CA ARG A 8 19.12 -0.60 -7.43
C ARG A 8 18.36 -1.87 -7.01
N SER A 9 17.64 -1.78 -5.90
CA SER A 9 16.67 -2.80 -5.45
C SER A 9 15.31 -2.64 -6.16
N ASN A 10 14.43 -3.63 -5.97
CA ASN A 10 13.03 -3.58 -6.39
C ASN A 10 12.11 -2.93 -5.33
N GLU A 11 12.63 -2.56 -4.16
CA GLU A 11 11.83 -2.04 -3.02
C GLU A 11 11.09 -0.73 -3.34
N LEU A 12 11.65 0.07 -4.25
CA LEU A 12 11.04 1.32 -4.75
C LEU A 12 9.70 1.07 -5.47
N GLU A 13 9.53 -0.10 -6.08
CA GLU A 13 8.32 -0.48 -6.85
C GLU A 13 7.17 -0.95 -5.94
N ILE A 14 7.46 -1.35 -4.70
CA ILE A 14 6.46 -1.77 -3.70
C ILE A 14 5.58 -0.58 -3.26
N ARG A 15 6.14 0.64 -3.25
CA ARG A 15 5.39 1.89 -3.02
C ARG A 15 4.27 2.11 -4.05
N GLY A 16 4.40 1.53 -5.24
CA GLY A 16 3.46 1.61 -6.35
C GLY A 16 2.24 0.67 -6.23
N LYS A 17 2.19 -0.24 -5.25
CA LYS A 17 0.98 -1.06 -4.97
C LYS A 17 -0.17 -0.17 -4.46
N TYR A 18 -1.41 -0.52 -4.78
CA TYR A 18 -2.61 0.10 -4.20
C TYR A 18 -3.81 -0.84 -4.15
N VAL A 19 -4.79 -0.48 -3.34
CA VAL A 19 -6.12 -1.13 -3.22
C VAL A 19 -7.22 -0.07 -3.30
N VAL A 20 -8.27 -0.33 -4.07
CA VAL A 20 -9.37 0.64 -4.31
C VAL A 20 -10.19 0.88 -3.04
N VAL A 21 -10.54 2.15 -2.78
CA VAL A 21 -11.49 2.58 -1.75
C VAL A 21 -12.91 2.57 -2.34
N PRO A 22 -13.82 1.68 -1.89
CA PRO A 22 -15.21 1.66 -2.35
C PRO A 22 -16.04 2.78 -1.69
N GLU A 23 -17.13 3.18 -2.34
CA GLU A 23 -18.09 4.15 -1.78
C GLU A 23 -18.68 3.69 -0.45
N THR A 24 -18.86 2.36 -0.30
CA THR A 24 -19.32 1.69 0.93
C THR A 24 -18.41 1.93 2.14
N SER A 25 -17.12 2.21 1.92
CA SER A 25 -16.16 2.54 3.00
C SER A 25 -16.44 3.88 3.68
N GLN A 26 -17.12 4.81 2.99
CA GLN A 26 -17.58 6.14 3.42
C GLN A 26 -16.47 7.12 3.88
N ASP A 27 -15.74 6.80 4.95
CA ASP A 27 -14.71 7.65 5.58
C ASP A 27 -13.34 7.57 4.87
N MET A 28 -13.14 6.58 3.98
CA MET A 28 -11.91 6.35 3.20
C MET A 28 -10.63 6.18 4.04
N ALA A 29 -10.73 5.74 5.29
CA ALA A 29 -9.62 5.69 6.25
C ALA A 29 -9.50 4.33 6.97
N PHE A 30 -8.26 3.92 7.25
CA PHE A 30 -7.88 2.74 8.05
C PHE A 30 -6.49 2.95 8.68
N LYS A 31 -5.94 1.98 9.43
CA LYS A 31 -4.64 2.06 10.12
C LYS A 31 -3.82 0.77 9.97
N CYS A 32 -2.54 0.92 9.65
CA CYS A 32 -1.53 -0.13 9.58
C CYS A 32 -1.18 -0.67 10.98
N PRO A 33 -1.43 -1.96 11.31
CA PRO A 33 -1.05 -2.55 12.59
C PRO A 33 0.47 -2.63 12.83
N ILE A 34 1.28 -2.70 11.77
CA ILE A 34 2.74 -2.93 11.84
C ILE A 34 3.47 -1.70 12.38
N CYS A 35 3.31 -0.54 11.73
CA CYS A 35 3.92 0.73 12.13
C CYS A 35 2.97 1.65 12.93
N LYS A 36 1.72 1.22 13.13
CA LYS A 36 0.63 1.93 13.81
C LYS A 36 0.29 3.27 13.13
N GLU A 37 0.14 3.28 11.80
CA GLU A 37 -0.07 4.53 11.04
C GLU A 37 -1.31 4.54 10.13
N THR A 38 -2.02 5.68 10.11
CA THR A 38 -3.24 5.89 9.33
C THR A 38 -2.98 5.95 7.82
N VAL A 39 -3.86 5.32 7.03
CA VAL A 39 -3.98 5.44 5.56
C VAL A 39 -5.28 6.12 5.19
N THR A 40 -5.25 7.00 4.19
CA THR A 40 -6.41 7.74 3.67
C THR A 40 -6.49 7.64 2.14
N GLY A 41 -7.70 7.56 1.60
CA GLY A 41 -7.95 7.44 0.17
C GLY A 41 -7.53 8.66 -0.65
N VAL A 42 -7.02 8.43 -1.86
CA VAL A 42 -6.66 9.46 -2.85
C VAL A 42 -7.28 9.18 -4.21
N TYR A 43 -7.59 10.21 -5.01
CA TYR A 43 -8.29 10.04 -6.29
C TYR A 43 -7.36 9.48 -7.39
N ASP A 44 -7.91 8.58 -8.22
CA ASP A 44 -7.30 8.03 -9.45
C ASP A 44 -8.12 8.44 -10.68
N GLU A 45 -7.48 9.17 -11.59
CA GLU A 45 -8.10 9.70 -12.81
C GLU A 45 -8.34 8.62 -13.89
N GLU A 46 -7.54 7.55 -13.90
CA GLU A 46 -7.64 6.45 -14.86
C GLU A 46 -8.85 5.54 -14.59
N SER A 47 -9.04 5.10 -13.35
CA SER A 47 -10.25 4.36 -12.94
C SER A 47 -11.45 5.27 -12.74
N GLY A 48 -11.21 6.53 -12.30
CA GLY A 48 -12.27 7.45 -11.86
C GLY A 48 -12.78 7.10 -10.46
N GLU A 49 -11.92 6.53 -9.62
CA GLU A 49 -12.23 6.01 -8.28
C GLU A 49 -11.22 6.53 -7.25
N TRP A 50 -11.41 6.21 -5.97
CA TRP A 50 -10.46 6.50 -4.89
C TRP A 50 -9.62 5.26 -4.54
N VAL A 51 -8.39 5.44 -4.09
CA VAL A 51 -7.38 4.38 -3.85
C VAL A 51 -6.55 4.62 -2.59
N TRP A 52 -6.16 3.53 -1.93
CA TRP A 52 -5.17 3.50 -0.84
C TRP A 52 -3.83 3.09 -1.43
N LYS A 53 -2.89 4.06 -1.55
CA LYS A 53 -1.55 3.85 -2.11
C LYS A 53 -0.58 3.27 -1.07
N ASN A 54 0.45 2.54 -1.54
CA ASN A 54 1.42 1.81 -0.71
C ASN A 54 0.72 0.83 0.28
N THR A 55 -0.43 0.24 -0.12
CA THR A 55 -1.34 -0.52 0.75
C THR A 55 -1.71 -1.89 0.16
N ILE A 56 -1.98 -2.86 1.03
CA ILE A 56 -2.34 -4.26 0.77
C ILE A 56 -3.45 -4.71 1.74
N GLU A 57 -4.35 -5.58 1.29
CA GLU A 57 -5.34 -6.28 2.12
C GLU A 57 -5.06 -7.80 2.15
N VAL A 58 -5.08 -8.41 3.33
CA VAL A 58 -4.91 -9.86 3.52
C VAL A 58 -5.52 -10.33 4.84
N ASN A 59 -6.11 -11.54 4.87
CA ASN A 59 -6.72 -12.17 6.07
C ASN A 59 -7.76 -11.27 6.80
N GLY A 60 -8.49 -10.44 6.04
CA GLY A 60 -9.48 -9.48 6.57
C GLY A 60 -8.89 -8.22 7.22
N LYS A 61 -7.59 -7.98 7.09
CA LYS A 61 -6.86 -6.82 7.64
C LYS A 61 -6.14 -6.04 6.53
N TYR A 62 -5.96 -4.74 6.78
CA TYR A 62 -5.12 -3.86 5.95
C TYR A 62 -3.72 -3.66 6.52
N PHE A 63 -2.77 -3.43 5.63
CA PHE A 63 -1.35 -3.21 5.91
C PHE A 63 -0.73 -2.33 4.83
N HIS A 64 0.42 -1.72 5.10
CA HIS A 64 1.24 -1.09 4.05
C HIS A 64 1.95 -2.19 3.25
N SER A 65 2.07 -2.03 1.94
CA SER A 65 2.72 -3.01 1.06
C SER A 65 4.20 -3.22 1.42
N THR A 66 4.92 -2.14 1.71
CA THR A 66 6.33 -2.18 2.16
C THR A 66 6.48 -2.78 3.56
N CYS A 67 5.60 -2.43 4.51
CA CYS A 67 5.56 -2.99 5.86
C CYS A 67 5.36 -4.52 5.81
N TYR A 68 4.26 -4.96 5.20
CA TYR A 68 3.89 -6.38 5.11
C TYR A 68 4.96 -7.22 4.40
N HIS A 69 5.54 -6.72 3.31
CA HIS A 69 6.58 -7.41 2.53
C HIS A 69 7.84 -7.77 3.35
N GLU A 70 8.27 -6.87 4.23
CA GLU A 70 9.46 -7.05 5.09
C GLU A 70 9.16 -7.70 6.44
N THR A 71 7.93 -7.58 6.96
CA THR A 71 7.59 -7.92 8.36
C THR A 71 6.72 -9.17 8.56
N SER A 72 5.90 -9.55 7.58
CA SER A 72 4.85 -10.59 7.74
C SER A 72 5.34 -11.95 8.24
N GLN A 73 6.06 -12.72 7.40
CA GLN A 73 6.66 -14.04 7.65
C GLN A 73 5.82 -15.04 8.47
N ASN A 74 5.95 -15.02 9.81
CA ASN A 74 5.29 -15.94 10.76
C ASN A 74 5.02 -15.26 12.12
N SER A 75 3.94 -15.65 12.80
CA SER A 75 3.59 -15.13 14.14
C SER A 75 4.51 -15.68 15.26
N SER A 76 4.92 -16.95 15.15
CA SER A 76 5.76 -17.68 16.13
C SER A 76 6.56 -18.83 15.49
N GLY A 1 18.98 0.14 -17.63
CA GLY A 1 18.07 0.59 -16.57
C GLY A 1 17.69 -0.56 -15.65
N GLY A 2 17.47 -0.27 -14.36
CA GLY A 2 17.24 -1.28 -13.32
C GLY A 2 18.55 -1.89 -12.78
N SER A 3 19.66 -1.15 -12.90
CA SER A 3 21.04 -1.61 -12.63
C SER A 3 21.97 -0.51 -12.06
N GLU A 4 21.43 0.68 -11.79
CA GLU A 4 22.09 1.81 -11.13
C GLU A 4 22.45 1.52 -9.66
N PHE A 5 23.14 2.47 -8.99
CA PHE A 5 23.53 2.37 -7.57
C PHE A 5 22.32 2.27 -6.60
N SER A 6 21.16 2.81 -6.98
CA SER A 6 19.91 2.77 -6.21
C SER A 6 19.18 1.43 -6.31
N ASP A 7 18.32 1.12 -5.34
CA ASP A 7 17.62 -0.17 -5.18
C ASP A 7 16.42 -0.36 -6.14
N ARG A 8 16.66 -0.24 -7.46
CA ARG A 8 15.67 -0.40 -8.54
C ARG A 8 15.20 -1.85 -8.79
N SER A 9 15.22 -2.69 -7.74
CA SER A 9 14.65 -4.04 -7.71
C SER A 9 13.10 -3.99 -7.65
N ASN A 10 12.44 -5.14 -7.51
CA ASN A 10 10.99 -5.27 -7.34
C ASN A 10 10.42 -4.46 -6.16
N GLU A 11 11.24 -4.12 -5.18
CA GLU A 11 10.91 -3.20 -4.07
C GLU A 11 10.41 -1.82 -4.53
N LEU A 12 10.83 -1.36 -5.72
CA LEU A 12 10.35 -0.10 -6.33
C LEU A 12 8.88 -0.18 -6.78
N GLU A 13 8.41 -1.37 -7.19
CA GLU A 13 7.02 -1.63 -7.61
C GLU A 13 6.04 -1.71 -6.43
N ILE A 14 6.53 -2.05 -5.22
CA ILE A 14 5.73 -2.12 -3.99
C ILE A 14 5.07 -0.78 -3.67
N ARG A 15 5.77 0.34 -3.93
CA ARG A 15 5.27 1.72 -3.72
C ARG A 15 4.06 2.05 -4.61
N GLY A 16 4.00 1.44 -5.80
CA GLY A 16 2.94 1.63 -6.78
C GLY A 16 1.67 0.80 -6.55
N LYS A 17 1.67 -0.12 -5.57
CA LYS A 17 0.50 -0.93 -5.21
C LYS A 17 -0.59 -0.09 -4.53
N TYR A 18 -1.85 -0.42 -4.76
CA TYR A 18 -3.01 0.20 -4.12
C TYR A 18 -4.22 -0.75 -4.07
N VAL A 19 -5.22 -0.36 -3.27
CA VAL A 19 -6.55 -0.97 -3.20
C VAL A 19 -7.64 0.12 -3.29
N VAL A 20 -8.72 -0.12 -4.03
CA VAL A 20 -9.79 0.88 -4.23
C VAL A 20 -10.60 1.12 -2.94
N VAL A 21 -10.89 2.39 -2.64
CA VAL A 21 -11.69 2.81 -1.48
C VAL A 21 -13.18 2.55 -1.75
N PRO A 22 -13.91 1.79 -0.92
CA PRO A 22 -15.34 1.56 -1.08
C PRO A 22 -16.15 2.81 -0.65
N GLU A 23 -17.32 3.04 -1.26
CA GLU A 23 -18.19 4.17 -0.91
C GLU A 23 -18.77 4.09 0.53
N THR A 24 -18.76 2.88 1.14
CA THR A 24 -19.08 2.68 2.57
C THR A 24 -18.01 3.26 3.51
N SER A 25 -16.76 3.41 3.07
CA SER A 25 -15.71 4.15 3.78
C SER A 25 -15.89 5.66 3.58
N GLN A 26 -16.86 6.24 4.28
CA GLN A 26 -17.25 7.65 4.13
C GLN A 26 -16.11 8.64 4.45
N ASP A 27 -15.25 8.28 5.41
CA ASP A 27 -14.03 9.04 5.78
C ASP A 27 -12.79 8.67 4.93
N MET A 28 -12.88 7.63 4.09
CA MET A 28 -11.80 7.09 3.24
C MET A 28 -10.50 6.77 4.00
N ALA A 29 -10.60 6.23 5.22
CA ALA A 29 -9.45 6.00 6.10
C ALA A 29 -9.34 4.57 6.66
N PHE A 30 -8.12 4.09 6.78
CA PHE A 30 -7.73 2.82 7.42
C PHE A 30 -6.39 3.01 8.15
N LYS A 31 -5.89 1.98 8.86
CA LYS A 31 -4.58 2.03 9.53
C LYS A 31 -3.78 0.72 9.49
N CYS A 32 -2.46 0.87 9.45
CA CYS A 32 -1.45 -0.18 9.53
C CYS A 32 -1.24 -0.63 10.98
N PRO A 33 -1.53 -1.88 11.37
CA PRO A 33 -1.24 -2.39 12.71
C PRO A 33 0.26 -2.63 12.97
N ILE A 34 1.09 -2.72 11.92
CA ILE A 34 2.54 -2.98 12.03
C ILE A 34 3.28 -1.75 12.59
N CYS A 35 3.10 -0.58 11.94
CA CYS A 35 3.72 0.68 12.33
C CYS A 35 2.76 1.67 13.04
N LYS A 36 1.51 1.25 13.27
CA LYS A 36 0.41 2.04 13.87
C LYS A 36 0.13 3.38 13.17
N GLU A 37 0.07 3.37 11.83
CA GLU A 37 -0.12 4.61 11.03
C GLU A 37 -1.32 4.59 10.07
N THR A 38 -1.97 5.75 9.92
CA THR A 38 -3.16 5.92 9.08
C THR A 38 -2.82 6.02 7.58
N VAL A 39 -3.71 5.49 6.74
CA VAL A 39 -3.75 5.66 5.26
C VAL A 39 -5.07 6.29 4.85
N THR A 40 -5.02 7.33 4.02
CA THR A 40 -6.18 8.05 3.48
C THR A 40 -6.35 7.82 1.97
N GLY A 41 -7.60 7.80 1.50
CA GLY A 41 -7.96 7.63 0.08
C GLY A 41 -7.63 8.83 -0.79
N VAL A 42 -7.28 8.57 -2.06
CA VAL A 42 -6.85 9.57 -3.04
C VAL A 42 -7.46 9.29 -4.41
N TYR A 43 -8.02 10.30 -5.08
CA TYR A 43 -8.61 10.13 -6.41
C TYR A 43 -7.54 9.88 -7.48
N ASP A 44 -7.49 8.66 -8.05
CA ASP A 44 -6.68 8.37 -9.23
C ASP A 44 -7.43 8.81 -10.50
N GLU A 45 -6.90 9.83 -11.16
CA GLU A 45 -7.47 10.37 -12.41
C GLU A 45 -7.34 9.42 -13.63
N GLU A 46 -6.43 8.44 -13.57
CA GLU A 46 -6.23 7.47 -14.65
C GLU A 46 -7.31 6.37 -14.67
N SER A 47 -7.55 5.72 -13.54
CA SER A 47 -8.67 4.75 -13.34
C SER A 47 -10.03 5.44 -13.17
N GLY A 48 -10.04 6.64 -12.56
CA GLY A 48 -11.24 7.41 -12.25
C GLY A 48 -11.90 7.02 -10.92
N GLU A 49 -11.11 6.57 -9.93
CA GLU A 49 -11.58 6.01 -8.66
C GLU A 49 -10.68 6.43 -7.49
N TRP A 50 -11.25 6.51 -6.27
CA TRP A 50 -10.48 6.75 -5.04
C TRP A 50 -9.72 5.49 -4.59
N VAL A 51 -8.45 5.64 -4.23
CA VAL A 51 -7.51 4.55 -3.93
C VAL A 51 -6.68 4.78 -2.67
N TRP A 52 -6.43 3.71 -1.92
CA TRP A 52 -5.50 3.62 -0.79
C TRP A 52 -4.14 3.19 -1.34
N LYS A 53 -3.22 4.14 -1.52
CA LYS A 53 -1.87 3.91 -2.05
C LYS A 53 -0.96 3.23 -1.01
N ASN A 54 0.05 2.49 -1.46
CA ASN A 54 1.02 1.78 -0.61
C ASN A 54 0.32 0.84 0.39
N THR A 55 -0.78 0.17 0.00
CA THR A 55 -1.68 -0.60 0.87
C THR A 55 -1.95 -2.01 0.32
N ILE A 56 -2.15 -2.98 1.22
CA ILE A 56 -2.41 -4.40 0.94
C ILE A 56 -3.36 -5.02 1.98
N GLU A 57 -4.20 -5.97 1.55
CA GLU A 57 -4.96 -6.85 2.42
C GLU A 57 -4.40 -8.29 2.40
N VAL A 58 -4.48 -8.96 3.54
CA VAL A 58 -4.17 -10.38 3.74
C VAL A 58 -4.85 -10.89 5.02
N ASN A 59 -5.32 -12.15 5.04
CA ASN A 59 -5.90 -12.81 6.22
C ASN A 59 -7.08 -12.03 6.87
N GLY A 60 -7.84 -11.27 6.07
CA GLY A 60 -8.94 -10.41 6.53
C GLY A 60 -8.51 -9.10 7.19
N LYS A 61 -7.24 -8.69 7.05
CA LYS A 61 -6.60 -7.57 7.75
C LYS A 61 -5.84 -6.67 6.77
N TYR A 62 -5.82 -5.37 7.05
CA TYR A 62 -5.17 -4.35 6.19
C TYR A 62 -3.81 -3.92 6.73
N PHE A 63 -2.92 -3.58 5.81
CA PHE A 63 -1.50 -3.32 6.03
C PHE A 63 -0.92 -2.36 4.97
N HIS A 64 0.26 -1.79 5.22
CA HIS A 64 1.04 -1.11 4.17
C HIS A 64 1.74 -2.16 3.30
N SER A 65 1.80 -1.96 1.99
CA SER A 65 2.47 -2.88 1.05
C SER A 65 3.96 -3.06 1.39
N THR A 66 4.66 -1.98 1.75
CA THR A 66 6.05 -1.97 2.21
C THR A 66 6.23 -2.64 3.58
N CYS A 67 5.40 -2.30 4.57
CA CYS A 67 5.48 -2.86 5.91
C CYS A 67 5.28 -4.40 5.90
N TYR A 68 4.21 -4.87 5.24
CA TYR A 68 3.92 -6.29 5.11
C TYR A 68 5.09 -7.07 4.48
N HIS A 69 5.68 -6.55 3.40
CA HIS A 69 6.83 -7.15 2.72
C HIS A 69 8.08 -7.22 3.60
N GLU A 70 8.43 -6.12 4.29
CA GLU A 70 9.60 -6.06 5.17
C GLU A 70 9.43 -6.89 6.45
N THR A 71 8.22 -6.99 6.99
CA THR A 71 7.88 -7.78 8.18
C THR A 71 7.85 -9.29 7.88
N SER A 72 7.36 -9.68 6.70
CA SER A 72 7.36 -11.07 6.21
C SER A 72 8.75 -11.49 5.67
N GLN A 73 9.76 -11.42 6.53
CA GLN A 73 11.19 -11.58 6.21
C GLN A 73 11.60 -13.02 5.82
N ASN A 74 11.24 -13.42 4.60
CA ASN A 74 11.55 -14.71 3.97
C ASN A 74 11.03 -15.94 4.77
N SER A 75 9.91 -15.79 5.47
CA SER A 75 9.21 -16.86 6.19
C SER A 75 8.60 -17.93 5.26
N SER A 76 8.43 -19.15 5.77
CA SER A 76 7.88 -20.33 5.05
C SER A 76 6.37 -20.22 4.79
N GLY A 1 15.52 19.09 -9.62
CA GLY A 1 16.39 18.39 -10.58
C GLY A 1 17.85 18.37 -10.12
N GLY A 2 18.62 17.39 -10.57
CA GLY A 2 20.04 17.21 -10.24
C GLY A 2 20.65 15.91 -10.77
N SER A 3 21.81 15.52 -10.23
CA SER A 3 22.45 14.22 -10.45
C SER A 3 21.69 13.06 -9.80
N GLU A 4 22.12 11.81 -10.04
CA GLU A 4 21.50 10.60 -9.49
C GLU A 4 21.66 10.46 -7.96
N PHE A 5 20.58 10.07 -7.28
CA PHE A 5 20.53 9.82 -5.82
C PHE A 5 19.81 8.50 -5.45
N SER A 6 19.62 7.59 -6.41
CA SER A 6 18.82 6.37 -6.27
C SER A 6 19.27 5.23 -7.21
N ASP A 7 18.83 4.01 -6.91
CA ASP A 7 18.98 2.79 -7.71
C ASP A 7 17.62 2.07 -7.84
N ARG A 8 17.39 1.35 -8.95
CA ARG A 8 16.12 0.63 -9.22
C ARG A 8 16.03 -0.70 -8.47
N SER A 9 16.24 -0.67 -7.15
CA SER A 9 16.08 -1.81 -6.24
C SER A 9 14.61 -2.21 -6.09
N ASN A 10 14.33 -3.52 -6.12
CA ASN A 10 12.95 -4.06 -6.05
C ASN A 10 12.22 -3.69 -4.73
N GLU A 11 12.97 -3.45 -3.65
CA GLU A 11 12.44 -3.02 -2.34
C GLU A 11 11.71 -1.67 -2.40
N LEU A 12 12.13 -0.77 -3.30
CA LEU A 12 11.52 0.56 -3.48
C LEU A 12 10.26 0.51 -4.36
N GLU A 13 10.15 -0.49 -5.25
CA GLU A 13 9.01 -0.67 -6.16
C GLU A 13 7.70 -1.01 -5.41
N ILE A 14 7.82 -1.61 -4.21
CA ILE A 14 6.69 -2.06 -3.36
C ILE A 14 5.69 -0.93 -3.05
N ARG A 15 6.17 0.32 -2.91
CA ARG A 15 5.35 1.52 -2.67
C ARG A 15 4.35 1.83 -3.79
N GLY A 16 4.57 1.34 -5.00
CA GLY A 16 3.65 1.51 -6.14
C GLY A 16 2.33 0.71 -6.06
N LYS A 17 2.22 -0.25 -5.13
CA LYS A 17 0.99 -1.06 -4.92
C LYS A 17 -0.14 -0.23 -4.28
N TYR A 18 -1.38 -0.56 -4.62
CA TYR A 18 -2.59 0.06 -4.05
C TYR A 18 -3.83 -0.85 -4.05
N VAL A 19 -4.84 -0.44 -3.29
CA VAL A 19 -6.18 -1.05 -3.18
C VAL A 19 -7.27 0.02 -3.21
N VAL A 20 -8.39 -0.22 -3.91
CA VAL A 20 -9.48 0.77 -4.09
C VAL A 20 -10.24 1.03 -2.77
N VAL A 21 -10.46 2.30 -2.44
CA VAL A 21 -11.35 2.75 -1.34
C VAL A 21 -12.81 2.43 -1.72
N PRO A 22 -13.57 1.68 -0.90
CA PRO A 22 -14.99 1.44 -1.13
C PRO A 22 -15.85 2.64 -0.69
N GLU A 23 -16.92 2.92 -1.44
CA GLU A 23 -17.85 4.03 -1.18
C GLU A 23 -18.56 3.93 0.19
N THR A 24 -18.70 2.70 0.73
CA THR A 24 -19.29 2.43 2.05
C THR A 24 -18.40 2.86 3.22
N SER A 25 -17.08 2.91 3.05
CA SER A 25 -16.15 3.40 4.09
C SER A 25 -16.10 4.94 4.08
N GLN A 26 -16.99 5.55 4.86
CA GLN A 26 -17.17 7.01 4.96
C GLN A 26 -15.88 7.78 5.34
N ASP A 27 -15.00 7.15 6.13
CA ASP A 27 -13.72 7.72 6.56
C ASP A 27 -12.63 7.70 5.46
N MET A 28 -12.75 6.81 4.45
CA MET A 28 -11.75 6.54 3.40
C MET A 28 -10.34 6.26 3.95
N ALA A 29 -10.28 5.63 5.13
CA ALA A 29 -9.06 5.45 5.91
C ALA A 29 -9.06 4.14 6.74
N PHE A 30 -7.86 3.63 7.02
CA PHE A 30 -7.64 2.48 7.91
C PHE A 30 -6.23 2.55 8.54
N LYS A 31 -6.04 1.91 9.70
CA LYS A 31 -4.80 1.97 10.51
C LYS A 31 -3.99 0.68 10.42
N CYS A 32 -2.78 0.75 9.85
CA CYS A 32 -1.77 -0.32 9.74
C CYS A 32 -1.44 -0.93 11.13
N PRO A 33 -1.81 -2.19 11.42
CA PRO A 33 -1.52 -2.83 12.70
C PRO A 33 -0.02 -3.00 13.00
N ILE A 34 0.84 -2.99 11.99
CA ILE A 34 2.29 -3.22 12.14
C ILE A 34 2.99 -2.00 12.76
N CYS A 35 2.86 -0.84 12.12
CA CYS A 35 3.52 0.40 12.54
C CYS A 35 2.58 1.40 13.28
N LYS A 36 1.30 1.01 13.40
CA LYS A 36 0.20 1.78 13.99
C LYS A 36 -0.08 3.09 13.24
N GLU A 37 -0.16 3.04 11.90
CA GLU A 37 -0.29 4.26 11.06
C GLU A 37 -1.52 4.29 10.15
N THR A 38 -2.22 5.43 10.11
CA THR A 38 -3.43 5.60 9.29
C THR A 38 -3.13 5.93 7.83
N VAL A 39 -3.53 5.06 6.90
CA VAL A 39 -3.57 5.33 5.46
C VAL A 39 -4.90 6.00 5.09
N THR A 40 -4.86 6.86 4.07
CA THR A 40 -6.01 7.64 3.56
C THR A 40 -6.07 7.57 2.02
N GLY A 41 -7.29 7.68 1.48
CA GLY A 41 -7.55 7.57 0.05
C GLY A 41 -7.01 8.73 -0.81
N VAL A 42 -6.83 8.48 -2.10
CA VAL A 42 -6.53 9.50 -3.12
C VAL A 42 -7.26 9.21 -4.45
N TYR A 43 -7.72 10.24 -5.15
CA TYR A 43 -8.54 10.09 -6.35
C TYR A 43 -7.75 9.64 -7.61
N ASP A 44 -8.21 8.57 -8.25
CA ASP A 44 -7.77 8.11 -9.57
C ASP A 44 -8.75 8.60 -10.65
N GLU A 45 -8.38 9.67 -11.35
CA GLU A 45 -9.20 10.29 -12.41
C GLU A 45 -9.45 9.37 -13.62
N GLU A 46 -8.56 8.42 -13.89
CA GLU A 46 -8.66 7.49 -15.04
C GLU A 46 -9.68 6.37 -14.79
N SER A 47 -9.63 5.73 -13.61
CA SER A 47 -10.63 4.74 -13.19
C SER A 47 -11.93 5.38 -12.71
N GLY A 48 -11.87 6.60 -12.17
CA GLY A 48 -13.01 7.30 -11.58
C GLY A 48 -13.31 6.85 -10.15
N GLU A 49 -12.30 6.37 -9.42
CA GLU A 49 -12.40 5.74 -8.09
C GLU A 49 -11.25 6.25 -7.19
N TRP A 50 -11.38 6.11 -5.88
CA TRP A 50 -10.32 6.46 -4.92
C TRP A 50 -9.48 5.24 -4.52
N VAL A 51 -8.20 5.43 -4.18
CA VAL A 51 -7.23 4.36 -3.90
C VAL A 51 -6.38 4.65 -2.67
N TRP A 52 -6.03 3.59 -1.93
CA TRP A 52 -5.07 3.57 -0.84
C TRP A 52 -3.69 3.20 -1.39
N LYS A 53 -2.79 4.18 -1.50
CA LYS A 53 -1.40 4.00 -1.98
C LYS A 53 -0.51 3.31 -0.92
N ASN A 54 0.53 2.59 -1.36
CA ASN A 54 1.47 1.83 -0.51
C ASN A 54 0.73 0.81 0.40
N THR A 55 -0.42 0.28 -0.03
CA THR A 55 -1.34 -0.52 0.82
C THR A 55 -1.66 -1.90 0.22
N ILE A 56 -1.91 -2.87 1.09
CA ILE A 56 -2.27 -4.25 0.80
C ILE A 56 -3.42 -4.71 1.74
N GLU A 57 -4.32 -5.55 1.24
CA GLU A 57 -5.35 -6.25 2.04
C GLU A 57 -4.98 -7.75 2.15
N VAL A 58 -4.86 -8.24 3.38
CA VAL A 58 -4.46 -9.64 3.68
C VAL A 58 -4.94 -10.03 5.08
N ASN A 59 -5.29 -11.31 5.26
CA ASN A 59 -5.87 -11.86 6.50
C ASN A 59 -7.10 -11.06 7.00
N GLY A 60 -7.92 -10.55 6.06
CA GLY A 60 -9.11 -9.75 6.30
C GLY A 60 -8.86 -8.34 6.86
N LYS A 61 -7.62 -7.84 6.81
CA LYS A 61 -7.17 -6.56 7.38
C LYS A 61 -6.31 -5.77 6.39
N TYR A 62 -6.25 -4.45 6.57
CA TYR A 62 -5.36 -3.58 5.79
C TYR A 62 -3.99 -3.39 6.45
N PHE A 63 -2.98 -3.24 5.60
CA PHE A 63 -1.58 -3.13 5.95
C PHE A 63 -0.84 -2.28 4.92
N HIS A 64 0.34 -1.75 5.24
CA HIS A 64 1.23 -1.16 4.24
C HIS A 64 1.89 -2.30 3.46
N SER A 65 2.02 -2.15 2.13
CA SER A 65 2.68 -3.13 1.26
C SER A 65 4.15 -3.35 1.66
N THR A 66 4.86 -2.27 2.02
CA THR A 66 6.25 -2.29 2.50
C THR A 66 6.40 -2.88 3.92
N CYS A 67 5.45 -2.64 4.82
CA CYS A 67 5.41 -3.23 6.16
C CYS A 67 5.22 -4.77 6.09
N TYR A 68 4.12 -5.20 5.48
CA TYR A 68 3.74 -6.62 5.38
C TYR A 68 4.86 -7.50 4.78
N HIS A 69 5.54 -7.00 3.74
CA HIS A 69 6.59 -7.72 3.01
C HIS A 69 7.81 -8.11 3.87
N GLU A 70 8.19 -7.27 4.84
CA GLU A 70 9.39 -7.47 5.68
C GLU A 70 9.08 -8.02 7.10
N THR A 71 7.83 -7.90 7.57
CA THR A 71 7.48 -8.15 8.99
C THR A 71 7.38 -9.63 9.41
N SER A 72 6.98 -10.54 8.54
CA SER A 72 6.73 -11.95 8.91
C SER A 72 7.99 -12.68 9.39
N GLN A 73 7.95 -13.23 10.61
CA GLN A 73 9.08 -13.95 11.24
C GLN A 73 8.99 -15.48 11.12
N ASN A 74 7.78 -16.03 11.00
CA ASN A 74 7.51 -17.48 11.00
C ASN A 74 7.69 -18.11 9.60
N SER A 75 7.66 -19.44 9.52
CA SER A 75 7.73 -20.24 8.29
C SER A 75 9.01 -20.02 7.46
N SER A 76 10.14 -19.77 8.16
CA SER A 76 11.49 -19.61 7.58
C SER A 76 12.02 -20.90 6.94
N GLY A 1 23.02 11.20 -17.60
CA GLY A 1 23.50 10.83 -16.26
C GLY A 1 22.54 9.88 -15.55
N GLY A 2 22.85 9.52 -14.29
CA GLY A 2 22.04 8.63 -13.45
C GLY A 2 22.20 7.13 -13.70
N SER A 3 23.11 6.73 -14.60
CA SER A 3 23.42 5.33 -14.97
C SER A 3 24.27 4.62 -13.90
N GLU A 4 23.75 4.54 -12.67
CA GLU A 4 24.45 4.03 -11.49
C GLU A 4 23.53 3.24 -10.54
N PHE A 5 24.11 2.32 -9.77
CA PHE A 5 23.40 1.49 -8.79
C PHE A 5 23.03 2.25 -7.50
N SER A 6 21.96 1.80 -6.84
CA SER A 6 21.41 2.38 -5.60
C SER A 6 20.56 1.35 -4.85
N ASP A 7 19.90 1.74 -3.76
CA ASP A 7 18.95 0.93 -2.98
C ASP A 7 17.61 0.64 -3.69
N ARG A 8 17.46 1.09 -4.95
CA ARG A 8 16.29 0.93 -5.83
C ARG A 8 16.10 -0.52 -6.33
N SER A 9 15.80 -1.43 -5.39
CA SER A 9 15.39 -2.82 -5.65
C SER A 9 13.94 -2.88 -6.17
N ASN A 10 13.16 -3.91 -5.82
CA ASN A 10 11.73 -4.07 -6.12
C ASN A 10 10.79 -3.03 -5.43
N GLU A 11 11.34 -1.97 -4.84
CA GLU A 11 10.61 -0.89 -4.16
C GLU A 11 9.50 -0.29 -5.01
N LEU A 12 9.75 -0.08 -6.31
CA LEU A 12 8.77 0.46 -7.26
C LEU A 12 7.53 -0.44 -7.40
N GLU A 13 7.71 -1.77 -7.30
CA GLU A 13 6.61 -2.73 -7.42
C GLU A 13 5.84 -2.92 -6.11
N ILE A 14 6.52 -2.86 -4.95
CA ILE A 14 5.88 -2.86 -3.63
C ILE A 14 5.05 -1.58 -3.43
N ARG A 15 5.59 -0.42 -3.85
CA ARG A 15 4.96 0.90 -3.64
C ARG A 15 3.93 1.27 -4.71
N GLY A 16 4.02 0.63 -5.88
CA GLY A 16 3.04 0.72 -6.97
C GLY A 16 1.72 -0.03 -6.69
N LYS A 17 1.65 -0.85 -5.64
CA LYS A 17 0.40 -1.50 -5.19
C LYS A 17 -0.62 -0.49 -4.67
N TYR A 18 -1.90 -0.71 -4.99
CA TYR A 18 -3.03 0.03 -4.41
C TYR A 18 -4.31 -0.81 -4.46
N VAL A 19 -5.31 -0.37 -3.68
CA VAL A 19 -6.67 -0.92 -3.63
C VAL A 19 -7.70 0.21 -3.66
N VAL A 20 -8.76 0.07 -4.46
CA VAL A 20 -9.81 1.11 -4.65
C VAL A 20 -10.62 1.29 -3.36
N VAL A 21 -10.84 2.53 -2.93
CA VAL A 21 -11.70 2.87 -1.79
C VAL A 21 -13.16 2.99 -2.26
N PRO A 22 -14.08 2.13 -1.79
CA PRO A 22 -15.50 2.22 -2.15
C PRO A 22 -16.22 3.35 -1.40
N GLU A 23 -17.41 3.75 -1.88
CA GLU A 23 -18.27 4.72 -1.18
C GLU A 23 -18.73 4.21 0.20
N THR A 24 -18.86 2.88 0.37
CA THR A 24 -19.21 2.22 1.64
C THR A 24 -18.12 2.35 2.71
N SER A 25 -16.88 2.68 2.33
CA SER A 25 -15.79 3.04 3.25
C SER A 25 -15.84 4.50 3.74
N GLN A 26 -16.83 5.29 3.29
CA GLN A 26 -17.22 6.64 3.77
C GLN A 26 -16.08 7.65 4.01
N ASP A 27 -15.44 7.62 5.18
CA ASP A 27 -14.32 8.49 5.56
C ASP A 27 -12.99 8.17 4.83
N MET A 28 -12.93 7.06 4.08
CA MET A 28 -11.78 6.61 3.28
C MET A 28 -10.48 6.42 4.06
N ALA A 29 -10.57 6.03 5.34
CA ALA A 29 -9.42 5.86 6.23
C ALA A 29 -9.33 4.43 6.82
N PHE A 30 -8.10 3.91 6.94
CA PHE A 30 -7.80 2.57 7.48
C PHE A 30 -6.43 2.54 8.17
N LYS A 31 -6.20 1.58 9.09
CA LYS A 31 -5.01 1.54 9.97
C LYS A 31 -3.96 0.50 9.56
N CYS A 32 -2.69 0.84 9.78
CA CYS A 32 -1.52 -0.04 9.73
C CYS A 32 -1.13 -0.41 11.18
N PRO A 33 -1.36 -1.65 11.64
CA PRO A 33 -0.96 -2.07 12.99
C PRO A 33 0.56 -2.21 13.15
N ILE A 34 1.34 -2.28 12.07
CA ILE A 34 2.81 -2.45 12.10
C ILE A 34 3.50 -1.14 12.54
N CYS A 35 3.27 -0.04 11.82
CA CYS A 35 3.85 1.27 12.12
C CYS A 35 2.89 2.21 12.90
N LYS A 36 1.66 1.75 13.17
CA LYS A 36 0.58 2.47 13.85
C LYS A 36 0.18 3.76 13.11
N GLU A 37 0.00 3.67 11.79
CA GLU A 37 -0.36 4.84 10.95
C GLU A 37 -1.72 4.68 10.25
N THR A 38 -2.27 5.77 9.71
CA THR A 38 -3.56 5.78 9.00
C THR A 38 -3.36 6.07 7.52
N VAL A 39 -3.74 5.12 6.64
CA VAL A 39 -3.87 5.36 5.19
C VAL A 39 -5.17 6.08 4.87
N THR A 40 -5.12 7.05 3.97
CA THR A 40 -6.30 7.80 3.47
C THR A 40 -6.42 7.63 1.96
N GLY A 41 -7.66 7.54 1.47
CA GLY A 41 -7.95 7.40 0.04
C GLY A 41 -7.56 8.64 -0.77
N VAL A 42 -7.07 8.43 -1.99
CA VAL A 42 -6.62 9.47 -2.92
C VAL A 42 -7.26 9.30 -4.29
N TYR A 43 -7.80 10.37 -4.88
CA TYR A 43 -8.48 10.31 -6.17
C TYR A 43 -7.49 10.11 -7.34
N ASP A 44 -7.62 8.98 -8.05
CA ASP A 44 -6.94 8.72 -9.32
C ASP A 44 -7.75 9.33 -10.48
N GLU A 45 -7.21 10.38 -11.10
CA GLU A 45 -7.86 11.09 -12.21
C GLU A 45 -7.94 10.26 -13.50
N GLU A 46 -7.07 9.26 -13.69
CA GLU A 46 -7.01 8.45 -14.92
C GLU A 46 -8.12 7.39 -15.00
N SER A 47 -8.41 6.71 -13.88
CA SER A 47 -9.55 5.76 -13.77
C SER A 47 -10.83 6.44 -13.24
N GLY A 48 -10.70 7.56 -12.50
CA GLY A 48 -11.82 8.29 -11.91
C GLY A 48 -12.31 7.68 -10.59
N GLU A 49 -11.41 7.08 -9.81
CA GLU A 49 -11.72 6.33 -8.58
C GLU A 49 -10.76 6.71 -7.44
N TRP A 50 -11.21 6.65 -6.19
CA TRP A 50 -10.34 6.82 -5.02
C TRP A 50 -9.57 5.54 -4.72
N VAL A 51 -8.30 5.66 -4.31
CA VAL A 51 -7.37 4.54 -4.07
C VAL A 51 -6.53 4.72 -2.79
N TRP A 52 -6.28 3.61 -2.11
CA TRP A 52 -5.36 3.47 -0.97
C TRP A 52 -4.01 2.98 -1.52
N LYS A 53 -3.05 3.90 -1.66
CA LYS A 53 -1.71 3.64 -2.22
C LYS A 53 -0.77 2.97 -1.21
N ASN A 54 0.16 2.13 -1.69
CA ASN A 54 1.05 1.29 -0.89
C ASN A 54 0.30 0.42 0.13
N THR A 55 -0.89 -0.09 -0.21
CA THR A 55 -1.80 -0.80 0.72
C THR A 55 -2.08 -2.24 0.26
N ILE A 56 -2.28 -3.13 1.22
CA ILE A 56 -2.51 -4.57 1.05
C ILE A 56 -3.48 -5.10 2.13
N GLU A 57 -4.31 -6.08 1.76
CA GLU A 57 -5.12 -6.87 2.68
C GLU A 57 -4.62 -8.33 2.67
N VAL A 58 -4.37 -8.90 3.85
CA VAL A 58 -3.85 -10.26 4.04
C VAL A 58 -4.29 -10.82 5.39
N ASN A 59 -4.73 -12.08 5.36
CA ASN A 59 -5.28 -12.79 6.51
C ASN A 59 -6.45 -12.06 7.21
N GLY A 60 -7.27 -11.34 6.42
CA GLY A 60 -8.43 -10.57 6.89
C GLY A 60 -8.10 -9.21 7.55
N LYS A 61 -6.86 -8.73 7.43
CA LYS A 61 -6.38 -7.46 8.02
C LYS A 61 -5.67 -6.58 6.99
N TYR A 62 -5.73 -5.27 7.17
CA TYR A 62 -5.07 -4.26 6.31
C TYR A 62 -3.68 -3.89 6.84
N PHE A 63 -2.78 -3.58 5.90
CA PHE A 63 -1.38 -3.23 6.14
C PHE A 63 -0.82 -2.36 5.01
N HIS A 64 0.33 -1.72 5.23
CA HIS A 64 1.13 -1.11 4.16
C HIS A 64 1.92 -2.23 3.46
N SER A 65 2.09 -2.17 2.13
CA SER A 65 2.79 -3.22 1.39
C SER A 65 4.29 -3.28 1.75
N THR A 66 4.93 -2.11 1.93
CA THR A 66 6.31 -2.00 2.44
C THR A 66 6.45 -2.53 3.88
N CYS A 67 5.53 -2.19 4.79
CA CYS A 67 5.54 -2.67 6.17
C CYS A 67 5.37 -4.21 6.22
N TYR A 68 4.37 -4.73 5.53
CA TYR A 68 4.12 -6.18 5.41
C TYR A 68 5.34 -6.91 4.84
N HIS A 69 5.98 -6.37 3.79
CA HIS A 69 7.18 -6.98 3.16
C HIS A 69 8.37 -7.04 4.12
N GLU A 70 8.60 -6.00 4.94
CA GLU A 70 9.62 -6.00 6.00
C GLU A 70 9.29 -6.94 7.17
N THR A 71 8.01 -7.04 7.55
CA THR A 71 7.55 -7.85 8.70
C THR A 71 7.51 -9.36 8.38
N SER A 72 6.97 -9.73 7.22
CA SER A 72 6.90 -11.11 6.72
C SER A 72 8.22 -11.56 6.09
N GLN A 73 9.30 -11.47 6.86
CA GLN A 73 10.68 -11.75 6.42
C GLN A 73 10.90 -13.24 6.07
N ASN A 74 11.81 -13.49 5.13
CA ASN A 74 12.16 -14.80 4.56
C ASN A 74 10.94 -15.58 3.99
N SER A 75 10.29 -16.42 4.80
CA SER A 75 9.09 -17.20 4.44
C SER A 75 8.29 -17.59 5.69
N SER A 76 6.95 -17.56 5.60
CA SER A 76 6.00 -17.87 6.70
C SER A 76 5.91 -19.36 7.04
N GLY A 1 6.22 15.01 -26.48
CA GLY A 1 6.01 13.55 -26.49
C GLY A 1 6.55 12.90 -25.22
N GLY A 2 5.88 11.84 -24.74
CA GLY A 2 6.28 11.10 -23.54
C GLY A 2 7.54 10.24 -23.73
N SER A 3 8.44 10.27 -22.73
CA SER A 3 9.70 9.51 -22.73
C SER A 3 9.49 8.00 -22.51
N GLU A 4 10.33 7.17 -23.13
CA GLU A 4 10.38 5.71 -22.90
C GLU A 4 11.21 5.37 -21.64
N PHE A 5 10.58 5.43 -20.47
CA PHE A 5 11.18 5.12 -19.17
C PHE A 5 11.38 3.60 -18.95
N SER A 6 12.25 3.22 -18.01
CA SER A 6 12.54 1.83 -17.62
C SER A 6 12.76 1.67 -16.11
N ASP A 7 12.25 0.58 -15.53
CA ASP A 7 12.27 0.31 -14.08
C ASP A 7 13.66 -0.08 -13.54
N ARG A 8 13.92 0.28 -12.27
CA ARG A 8 15.15 -0.08 -11.53
C ARG A 8 15.03 -1.41 -10.77
N SER A 9 13.86 -1.66 -10.16
CA SER A 9 13.59 -2.80 -9.27
C SER A 9 12.09 -3.02 -9.03
N ASN A 10 11.68 -4.26 -8.73
CA ASN A 10 10.33 -4.59 -8.25
C ASN A 10 10.02 -3.99 -6.86
N GLU A 11 11.02 -3.51 -6.11
CA GLU A 11 10.80 -2.79 -4.85
C GLU A 11 10.13 -1.41 -5.04
N LEU A 12 10.19 -0.83 -6.26
CA LEU A 12 9.42 0.37 -6.62
C LEU A 12 7.92 0.06 -6.79
N GLU A 13 7.60 -1.11 -7.36
CA GLU A 13 6.24 -1.58 -7.65
C GLU A 13 5.42 -1.90 -6.38
N ILE A 14 6.06 -2.03 -5.21
CA ILE A 14 5.42 -2.20 -3.90
C ILE A 14 4.46 -1.04 -3.60
N ARG A 15 4.84 0.20 -3.93
CA ARG A 15 4.02 1.41 -3.77
C ARG A 15 2.79 1.40 -4.69
N GLY A 16 2.97 0.85 -5.90
CA GLY A 16 1.96 0.73 -6.96
C GLY A 16 0.85 -0.26 -6.64
N LYS A 17 1.02 -1.12 -5.61
CA LYS A 17 -0.07 -1.96 -5.07
C LYS A 17 -0.96 -1.08 -4.20
N TYR A 18 -2.02 -0.60 -4.83
CA TYR A 18 -3.15 0.09 -4.20
C TYR A 18 -4.40 -0.79 -4.14
N VAL A 19 -5.32 -0.39 -3.27
CA VAL A 19 -6.67 -0.95 -3.12
C VAL A 19 -7.71 0.16 -3.18
N VAL A 20 -8.86 -0.08 -3.81
CA VAL A 20 -9.90 0.95 -4.00
C VAL A 20 -10.56 1.31 -2.66
N VAL A 21 -10.75 2.61 -2.40
CA VAL A 21 -11.48 3.11 -1.22
C VAL A 21 -12.98 2.76 -1.38
N PRO A 22 -13.59 1.98 -0.47
CA PRO A 22 -14.98 1.56 -0.58
C PRO A 22 -15.97 2.68 -0.22
N GLU A 23 -17.19 2.61 -0.75
CA GLU A 23 -18.27 3.54 -0.39
C GLU A 23 -18.73 3.40 1.08
N THR A 24 -18.39 2.29 1.73
CA THR A 24 -18.63 2.07 3.17
C THR A 24 -17.70 2.89 4.08
N SER A 25 -16.53 3.33 3.58
CA SER A 25 -15.64 4.24 4.32
C SER A 25 -16.15 5.69 4.24
N GLN A 26 -16.63 6.23 5.36
CA GLN A 26 -17.18 7.59 5.45
C GLN A 26 -16.08 8.68 5.37
N ASP A 27 -14.88 8.38 5.85
CA ASP A 27 -13.75 9.31 5.96
C ASP A 27 -12.60 9.02 4.96
N MET A 28 -12.71 7.95 4.15
CA MET A 28 -11.65 7.44 3.26
C MET A 28 -10.35 7.13 4.03
N ALA A 29 -10.46 6.60 5.24
CA ALA A 29 -9.34 6.37 6.15
C ALA A 29 -9.36 4.96 6.79
N PHE A 30 -8.17 4.37 6.94
CA PHE A 30 -7.93 3.11 7.63
C PHE A 30 -6.49 3.09 8.20
N LYS A 31 -6.20 2.24 9.19
CA LYS A 31 -4.93 2.26 9.96
C LYS A 31 -4.11 0.97 9.81
N CYS A 32 -2.80 1.14 9.60
CA CYS A 32 -1.79 0.11 9.65
C CYS A 32 -1.51 -0.31 11.10
N PRO A 33 -1.76 -1.57 11.52
CA PRO A 33 -1.38 -2.06 12.86
C PRO A 33 0.13 -2.27 13.04
N ILE A 34 0.92 -2.36 11.95
CA ILE A 34 2.36 -2.63 12.01
C ILE A 34 3.11 -1.37 12.52
N CYS A 35 2.93 -0.23 11.85
CA CYS A 35 3.56 1.05 12.23
C CYS A 35 2.61 2.01 12.99
N LYS A 36 1.35 1.60 13.20
CA LYS A 36 0.28 2.35 13.87
C LYS A 36 -0.12 3.65 13.14
N GLU A 37 -0.20 3.64 11.80
CA GLU A 37 -0.40 4.88 11.01
C GLU A 37 -1.62 4.83 10.08
N THR A 38 -2.37 5.93 10.03
CA THR A 38 -3.59 6.08 9.22
C THR A 38 -3.28 6.46 7.76
N VAL A 39 -3.73 5.63 6.80
CA VAL A 39 -3.76 5.95 5.36
C VAL A 39 -4.96 6.85 5.06
N THR A 40 -4.80 7.83 4.17
CA THR A 40 -5.89 8.65 3.60
C THR A 40 -6.04 8.36 2.11
N GLY A 41 -7.27 8.25 1.62
CA GLY A 41 -7.61 7.95 0.23
C GLY A 41 -7.19 9.05 -0.76
N VAL A 42 -6.90 8.66 -2.00
CA VAL A 42 -6.40 9.54 -3.08
C VAL A 42 -7.07 9.20 -4.42
N TYR A 43 -7.55 10.20 -5.18
CA TYR A 43 -8.18 9.95 -6.48
C TYR A 43 -7.20 9.45 -7.55
N ASP A 44 -7.63 8.52 -8.40
CA ASP A 44 -6.88 8.05 -9.56
C ASP A 44 -7.72 8.13 -10.84
N GLU A 45 -7.15 8.72 -11.90
CA GLU A 45 -7.78 8.83 -13.22
C GLU A 45 -7.88 7.48 -13.98
N GLU A 46 -6.98 6.53 -13.70
CA GLU A 46 -7.00 5.19 -14.34
C GLU A 46 -8.13 4.32 -13.77
N SER A 47 -8.35 4.34 -12.44
CA SER A 47 -9.50 3.71 -11.78
C SER A 47 -10.79 4.53 -11.99
N GLY A 48 -10.67 5.86 -12.10
CA GLY A 48 -11.81 6.80 -12.08
C GLY A 48 -12.43 6.92 -10.68
N GLU A 49 -11.66 6.58 -9.64
CA GLU A 49 -12.10 6.41 -8.24
C GLU A 49 -10.95 6.67 -7.24
N TRP A 50 -11.32 6.81 -5.96
CA TRP A 50 -10.39 6.96 -4.84
C TRP A 50 -9.73 5.63 -4.45
N VAL A 51 -8.46 5.69 -4.07
CA VAL A 51 -7.57 4.54 -3.79
C VAL A 51 -6.67 4.79 -2.57
N TRP A 52 -6.37 3.71 -1.86
CA TRP A 52 -5.39 3.60 -0.78
C TRP A 52 -4.09 3.05 -1.37
N LYS A 53 -3.13 3.95 -1.65
CA LYS A 53 -1.82 3.62 -2.22
C LYS A 53 -0.90 3.00 -1.17
N ASN A 54 0.07 2.19 -1.61
CA ASN A 54 0.98 1.42 -0.75
C ASN A 54 0.23 0.61 0.34
N THR A 55 -0.92 0.01 -0.01
CA THR A 55 -1.80 -0.72 0.93
C THR A 55 -2.17 -2.10 0.37
N ILE A 56 -2.16 -3.11 1.25
CA ILE A 56 -2.24 -4.54 0.95
C ILE A 56 -3.25 -5.27 1.85
N GLU A 57 -4.00 -6.19 1.27
CA GLU A 57 -4.87 -7.14 1.98
C GLU A 57 -4.16 -8.49 2.15
N VAL A 58 -4.17 -9.05 3.37
CA VAL A 58 -3.70 -10.41 3.69
C VAL A 58 -4.53 -11.03 4.80
N ASN A 59 -5.04 -12.24 4.52
CA ASN A 59 -5.79 -13.08 5.47
C ASN A 59 -7.00 -12.35 6.11
N GLY A 60 -7.69 -11.49 5.33
CA GLY A 60 -8.85 -10.71 5.78
C GLY A 60 -8.52 -9.44 6.58
N LYS A 61 -7.25 -9.06 6.67
CA LYS A 61 -6.74 -7.86 7.37
C LYS A 61 -5.93 -6.96 6.41
N TYR A 62 -5.76 -5.69 6.76
CA TYR A 62 -5.01 -4.71 5.97
C TYR A 62 -3.72 -4.23 6.64
N PHE A 63 -2.69 -4.02 5.81
CA PHE A 63 -1.34 -3.56 6.14
C PHE A 63 -0.85 -2.55 5.07
N HIS A 64 0.29 -1.89 5.27
CA HIS A 64 0.99 -1.15 4.21
C HIS A 64 1.85 -2.14 3.42
N SER A 65 1.96 -1.95 2.10
CA SER A 65 2.70 -2.89 1.24
C SER A 65 4.20 -2.90 1.55
N THR A 66 4.79 -1.74 1.81
CA THR A 66 6.19 -1.62 2.30
C THR A 66 6.37 -2.20 3.70
N CYS A 67 5.44 -1.95 4.63
CA CYS A 67 5.51 -2.48 5.99
C CYS A 67 5.53 -4.02 6.01
N TYR A 68 4.56 -4.66 5.37
CA TYR A 68 4.52 -6.12 5.22
C TYR A 68 5.83 -6.62 4.57
N HIS A 69 6.24 -6.04 3.45
CA HIS A 69 7.46 -6.42 2.73
C HIS A 69 8.74 -6.33 3.60
N GLU A 70 8.96 -5.25 4.35
CA GLU A 70 10.16 -5.09 5.18
C GLU A 70 10.10 -5.83 6.53
N THR A 71 8.90 -6.07 7.08
CA THR A 71 8.70 -6.74 8.39
C THR A 71 8.72 -8.27 8.27
N SER A 72 8.22 -8.80 7.14
CA SER A 72 8.08 -10.24 6.89
C SER A 72 8.33 -10.56 5.40
N GLN A 73 9.59 -10.44 4.99
CA GLN A 73 10.04 -10.76 3.62
C GLN A 73 10.02 -12.28 3.33
N ASN A 74 10.26 -13.11 4.37
CA ASN A 74 10.16 -14.57 4.32
C ASN A 74 8.69 -15.04 4.21
N SER A 75 8.46 -16.23 3.63
CA SER A 75 7.13 -16.82 3.38
C SER A 75 6.98 -18.22 3.97
N SER A 76 5.75 -18.56 4.38
CA SER A 76 5.33 -19.83 5.04
C SER A 76 6.11 -20.17 6.33
N GLY A 1 27.91 9.53 1.04
CA GLY A 1 29.06 8.62 0.82
C GLY A 1 28.83 7.69 -0.38
N GLY A 2 29.90 7.02 -0.83
CA GLY A 2 29.86 6.05 -1.93
C GLY A 2 29.18 4.72 -1.57
N SER A 3 28.83 3.93 -2.59
CA SER A 3 28.16 2.63 -2.48
C SER A 3 28.46 1.71 -3.67
N GLU A 4 28.38 0.40 -3.45
CA GLU A 4 28.53 -0.63 -4.47
C GLU A 4 27.26 -0.78 -5.34
N PHE A 5 27.44 -1.21 -6.60
CA PHE A 5 26.37 -1.42 -7.59
C PHE A 5 25.65 -2.79 -7.44
N SER A 6 25.91 -3.53 -6.36
CA SER A 6 25.45 -4.91 -6.14
C SER A 6 23.91 -5.02 -6.06
N ASP A 7 23.36 -5.96 -6.82
CA ASP A 7 21.90 -6.14 -6.99
C ASP A 7 21.19 -6.76 -5.77
N ARG A 8 19.92 -6.40 -5.58
CA ARG A 8 19.01 -6.88 -4.53
C ARG A 8 17.81 -7.64 -5.12
N SER A 9 17.05 -8.34 -4.26
CA SER A 9 15.90 -9.19 -4.65
C SER A 9 14.75 -8.41 -5.34
N ASN A 10 14.57 -7.14 -4.98
CA ASN A 10 13.61 -6.20 -5.60
C ASN A 10 14.18 -4.77 -5.64
N GLU A 11 13.77 -3.97 -6.63
CA GLU A 11 14.30 -2.62 -6.87
C GLU A 11 13.50 -1.52 -6.12
N LEU A 12 12.23 -1.32 -6.51
CA LEU A 12 11.37 -0.24 -5.98
C LEU A 12 9.85 -0.45 -6.04
N GLU A 13 9.41 -1.52 -6.72
CA GLU A 13 8.01 -1.78 -7.10
C GLU A 13 7.00 -1.88 -5.95
N ILE A 14 7.45 -2.19 -4.72
CA ILE A 14 6.60 -2.48 -3.55
C ILE A 14 5.57 -1.37 -3.28
N ARG A 15 5.96 -0.09 -3.39
CA ARG A 15 5.11 1.07 -3.09
C ARG A 15 4.00 1.30 -4.14
N GLY A 16 4.14 0.71 -5.33
CA GLY A 16 3.21 0.86 -6.45
C GLY A 16 1.90 0.07 -6.29
N LYS A 17 1.83 -0.84 -5.31
CA LYS A 17 0.60 -1.60 -4.97
C LYS A 17 -0.43 -0.68 -4.32
N TYR A 18 -1.67 -0.75 -4.79
CA TYR A 18 -2.83 -0.03 -4.23
C TYR A 18 -4.10 -0.89 -4.24
N VAL A 19 -5.08 -0.47 -3.47
CA VAL A 19 -6.45 -1.03 -3.42
C VAL A 19 -7.48 0.09 -3.59
N VAL A 20 -8.60 -0.13 -4.28
CA VAL A 20 -9.68 0.87 -4.41
C VAL A 20 -10.38 1.06 -3.07
N VAL A 21 -10.63 2.31 -2.66
CA VAL A 21 -11.31 2.62 -1.39
C VAL A 21 -12.75 2.06 -1.43
N PRO A 22 -13.15 1.20 -0.49
CA PRO A 22 -14.47 0.56 -0.52
C PRO A 22 -15.61 1.53 -0.17
N GLU A 23 -16.80 1.26 -0.73
CA GLU A 23 -18.01 2.07 -0.51
C GLU A 23 -18.50 2.09 0.95
N THR A 24 -18.08 1.11 1.76
CA THR A 24 -18.37 1.00 3.21
C THR A 24 -17.54 1.97 4.05
N SER A 25 -16.32 2.32 3.61
CA SER A 25 -15.41 3.21 4.35
C SER A 25 -15.66 4.68 4.03
N GLN A 26 -16.69 5.26 4.65
CA GLN A 26 -17.13 6.66 4.45
C GLN A 26 -16.04 7.70 4.74
N ASP A 27 -15.15 7.43 5.71
CA ASP A 27 -14.00 8.28 6.07
C ASP A 27 -12.81 8.16 5.09
N MET A 28 -12.83 7.14 4.21
CA MET A 28 -11.76 6.81 3.26
C MET A 28 -10.38 6.65 3.92
N ALA A 29 -10.34 6.11 5.14
CA ALA A 29 -9.13 5.92 5.92
C ALA A 29 -9.13 4.60 6.71
N PHE A 30 -7.94 4.02 6.94
CA PHE A 30 -7.77 2.79 7.72
C PHE A 30 -6.36 2.74 8.35
N LYS A 31 -6.19 2.00 9.45
CA LYS A 31 -4.92 1.94 10.21
C LYS A 31 -4.08 0.69 9.89
N CYS A 32 -2.78 0.89 9.68
CA CYS A 32 -1.74 -0.14 9.59
C CYS A 32 -1.38 -0.69 10.98
N PRO A 33 -1.63 -1.98 11.28
CA PRO A 33 -1.22 -2.58 12.56
C PRO A 33 0.30 -2.59 12.81
N ILE A 34 1.13 -2.64 11.75
CA ILE A 34 2.60 -2.78 11.87
C ILE A 34 3.24 -1.51 12.42
N CYS A 35 3.09 -0.37 11.73
CA CYS A 35 3.64 0.92 12.14
C CYS A 35 2.66 1.79 12.96
N LYS A 36 1.43 1.29 13.16
CA LYS A 36 0.31 1.95 13.85
C LYS A 36 -0.11 3.27 13.17
N GLU A 37 -0.20 3.31 11.83
CA GLU A 37 -0.44 4.57 11.09
C GLU A 37 -1.67 4.54 10.19
N THR A 38 -2.42 5.64 10.14
CA THR A 38 -3.63 5.77 9.30
C THR A 38 -3.28 6.14 7.85
N VAL A 39 -3.61 5.26 6.92
CA VAL A 39 -3.58 5.54 5.47
C VAL A 39 -4.83 6.32 5.06
N THR A 40 -4.74 7.17 4.03
CA THR A 40 -5.84 8.00 3.52
C THR A 40 -6.05 7.79 2.03
N GLY A 41 -7.31 7.81 1.59
CA GLY A 41 -7.71 7.59 0.19
C GLY A 41 -7.38 8.78 -0.71
N VAL A 42 -7.07 8.49 -1.98
CA VAL A 42 -6.70 9.48 -2.99
C VAL A 42 -7.41 9.22 -4.31
N TYR A 43 -8.03 10.23 -4.91
CA TYR A 43 -8.71 10.11 -6.20
C TYR A 43 -7.72 9.88 -7.36
N ASP A 44 -7.78 8.73 -8.01
CA ASP A 44 -7.08 8.45 -9.26
C ASP A 44 -7.92 8.92 -10.46
N GLU A 45 -7.38 9.85 -11.24
CA GLU A 45 -8.03 10.36 -12.46
C GLU A 45 -8.10 9.32 -13.59
N GLU A 46 -7.22 8.31 -13.61
CA GLU A 46 -7.18 7.28 -14.64
C GLU A 46 -8.26 6.20 -14.42
N SER A 47 -8.38 5.67 -13.19
CA SER A 47 -9.50 4.80 -12.78
C SER A 47 -10.82 5.57 -12.63
N GLY A 48 -10.72 6.85 -12.29
CA GLY A 48 -11.86 7.72 -11.97
C GLY A 48 -12.46 7.46 -10.58
N GLU A 49 -11.66 6.91 -9.65
CA GLU A 49 -12.08 6.42 -8.33
C GLU A 49 -10.99 6.59 -7.28
N TRP A 50 -11.36 6.58 -6.00
CA TRP A 50 -10.45 6.73 -4.87
C TRP A 50 -9.65 5.43 -4.60
N VAL A 51 -8.36 5.56 -4.28
CA VAL A 51 -7.43 4.45 -4.01
C VAL A 51 -6.59 4.69 -2.74
N TRP A 52 -6.22 3.59 -2.09
CA TRP A 52 -5.31 3.51 -0.95
C TRP A 52 -3.94 3.07 -1.47
N LYS A 53 -3.02 4.05 -1.60
CA LYS A 53 -1.65 3.86 -2.11
C LYS A 53 -0.78 3.09 -1.11
N ASN A 54 0.22 2.36 -1.60
CA ASN A 54 1.14 1.52 -0.82
C ASN A 54 0.40 0.57 0.15
N THR A 55 -0.72 -0.04 -0.27
CA THR A 55 -1.63 -0.82 0.61
C THR A 55 -1.84 -2.24 0.11
N ILE A 56 -2.04 -3.17 1.04
CA ILE A 56 -2.23 -4.62 0.86
C ILE A 56 -3.26 -5.15 1.87
N GLU A 57 -4.02 -6.18 1.49
CA GLU A 57 -4.90 -6.94 2.39
C GLU A 57 -4.33 -8.35 2.66
N VAL A 58 -4.25 -8.75 3.93
CA VAL A 58 -3.78 -10.08 4.37
C VAL A 58 -4.41 -10.45 5.72
N ASN A 59 -4.71 -11.74 5.93
CA ASN A 59 -5.35 -12.28 7.15
C ASN A 59 -6.69 -11.56 7.50
N GLY A 60 -7.41 -11.09 6.48
CA GLY A 60 -8.68 -10.37 6.61
C GLY A 60 -8.59 -8.91 7.07
N LYS A 61 -7.39 -8.30 7.10
CA LYS A 61 -7.12 -6.91 7.52
C LYS A 61 -6.16 -6.19 6.56
N TYR A 62 -6.16 -4.86 6.62
CA TYR A 62 -5.29 -4.01 5.81
C TYR A 62 -3.96 -3.69 6.47
N PHE A 63 -2.96 -3.50 5.62
CA PHE A 63 -1.54 -3.25 5.94
C PHE A 63 -0.90 -2.38 4.84
N HIS A 64 0.25 -1.77 5.12
CA HIS A 64 1.07 -1.12 4.09
C HIS A 64 1.91 -2.18 3.36
N SER A 65 2.05 -2.06 2.04
CA SER A 65 2.81 -3.02 1.22
C SER A 65 4.29 -3.09 1.62
N THR A 66 4.94 -1.94 1.81
CA THR A 66 6.33 -1.85 2.32
C THR A 66 6.47 -2.40 3.74
N CYS A 67 5.56 -2.07 4.67
CA CYS A 67 5.56 -2.59 6.04
C CYS A 67 5.49 -4.14 6.06
N TYR A 68 4.49 -4.70 5.37
CA TYR A 68 4.31 -6.14 5.23
C TYR A 68 5.53 -6.84 4.60
N HIS A 69 6.10 -6.28 3.52
CA HIS A 69 7.29 -6.81 2.84
C HIS A 69 8.54 -6.79 3.75
N GLU A 70 8.77 -5.71 4.50
CA GLU A 70 9.90 -5.57 5.43
C GLU A 70 9.75 -6.43 6.71
N THR A 71 8.50 -6.66 7.16
CA THR A 71 8.19 -7.54 8.29
C THR A 71 8.36 -9.02 7.94
N SER A 72 8.03 -9.42 6.70
CA SER A 72 8.24 -10.77 6.18
C SER A 72 9.75 -11.13 6.11
N GLN A 73 10.09 -12.33 6.58
CA GLN A 73 11.47 -12.84 6.68
C GLN A 73 11.54 -14.35 6.37
N ASN A 74 12.75 -14.84 6.04
CA ASN A 74 13.04 -16.24 5.70
C ASN A 74 12.20 -16.80 4.54
N SER A 75 11.86 -15.94 3.56
CA SER A 75 10.99 -16.27 2.42
C SER A 75 11.60 -17.30 1.45
N SER A 76 12.95 -17.35 1.37
CA SER A 76 13.76 -18.25 0.52
C SER A 76 13.41 -18.16 -0.97
N GLY A 1 13.05 -10.82 0.69
CA GLY A 1 13.31 -9.38 0.43
C GLY A 1 13.94 -9.18 -0.94
N GLY A 2 14.92 -8.26 -1.02
CA GLY A 2 15.67 -7.97 -2.25
C GLY A 2 16.79 -6.93 -2.05
N SER A 3 17.69 -6.83 -3.02
CA SER A 3 18.79 -5.86 -3.05
C SER A 3 18.33 -4.44 -3.43
N GLU A 4 19.19 -3.43 -3.17
CA GLU A 4 18.96 -2.03 -3.58
C GLU A 4 19.20 -1.86 -5.09
N PHE A 5 18.13 -1.96 -5.88
CA PHE A 5 18.12 -1.74 -7.34
C PHE A 5 16.76 -1.15 -7.76
N SER A 6 16.77 -0.11 -8.62
CA SER A 6 15.59 0.71 -8.93
C SER A 6 14.61 0.10 -9.95
N ASP A 7 14.90 0.24 -11.24
CA ASP A 7 13.98 -0.10 -12.35
C ASP A 7 13.96 -1.61 -12.66
N ARG A 8 12.84 -2.11 -13.22
CA ARG A 8 12.60 -3.54 -13.51
C ARG A 8 12.89 -4.45 -12.30
N SER A 9 12.45 -4.00 -11.12
CA SER A 9 12.67 -4.61 -9.81
C SER A 9 11.47 -4.39 -8.88
N ASN A 10 11.38 -5.16 -7.78
CA ASN A 10 10.30 -5.04 -6.78
C ASN A 10 10.23 -3.64 -6.12
N GLU A 11 11.34 -2.90 -6.08
CA GLU A 11 11.40 -1.51 -5.61
C GLU A 11 10.47 -0.56 -6.42
N LEU A 12 10.33 -0.80 -7.73
CA LEU A 12 9.38 -0.09 -8.59
C LEU A 12 7.95 -0.59 -8.36
N GLU A 13 7.78 -1.92 -8.27
CA GLU A 13 6.47 -2.57 -8.24
C GLU A 13 5.67 -2.34 -6.94
N ILE A 14 6.30 -2.48 -5.77
CA ILE A 14 5.62 -2.39 -4.46
C ILE A 14 4.98 -1.00 -4.26
N ARG A 15 5.59 0.06 -4.81
CA ARG A 15 5.07 1.44 -4.77
C ARG A 15 3.81 1.64 -5.62
N GLY A 16 3.70 0.88 -6.71
CA GLY A 16 2.57 0.89 -7.64
C GLY A 16 1.34 0.10 -7.16
N LYS A 17 1.46 -0.68 -6.09
CA LYS A 17 0.36 -1.45 -5.47
C LYS A 17 -0.59 -0.53 -4.70
N TYR A 18 -1.89 -0.69 -4.90
CA TYR A 18 -2.95 0.02 -4.20
C TYR A 18 -4.25 -0.79 -4.18
N VAL A 19 -5.20 -0.37 -3.33
CA VAL A 19 -6.55 -0.96 -3.22
C VAL A 19 -7.62 0.15 -3.26
N VAL A 20 -8.67 -0.05 -4.06
CA VAL A 20 -9.77 0.92 -4.24
C VAL A 20 -10.52 1.13 -2.92
N VAL A 21 -10.80 2.38 -2.56
CA VAL A 21 -11.63 2.73 -1.40
C VAL A 21 -13.10 2.36 -1.69
N PRO A 22 -13.73 1.43 -0.96
CA PRO A 22 -15.11 1.02 -1.17
C PRO A 22 -16.09 1.97 -0.46
N GLU A 23 -17.32 2.07 -0.96
CA GLU A 23 -18.40 2.83 -0.33
C GLU A 23 -18.79 2.28 1.05
N THR A 24 -18.51 1.00 1.31
CA THR A 24 -18.73 0.33 2.61
C THR A 24 -17.76 0.80 3.70
N SER A 25 -16.63 1.42 3.35
CA SER A 25 -15.67 1.98 4.35
C SER A 25 -16.21 3.26 5.00
N GLN A 26 -16.93 4.09 4.23
CA GLN A 26 -17.53 5.40 4.56
C GLN A 26 -16.53 6.50 5.00
N ASP A 27 -15.64 6.21 5.94
CA ASP A 27 -14.60 7.12 6.44
C ASP A 27 -13.35 7.20 5.53
N MET A 28 -13.23 6.31 4.53
CA MET A 28 -12.10 6.24 3.57
C MET A 28 -10.71 6.06 4.23
N ALA A 29 -10.66 5.45 5.42
CA ALA A 29 -9.45 5.29 6.21
C ALA A 29 -9.40 3.96 7.01
N PHE A 30 -8.20 3.43 7.18
CA PHE A 30 -7.85 2.24 7.98
C PHE A 30 -6.42 2.36 8.54
N LYS A 31 -6.04 1.53 9.53
CA LYS A 31 -4.73 1.57 10.19
C LYS A 31 -3.89 0.31 9.93
N CYS A 32 -2.63 0.51 9.55
CA CYS A 32 -1.58 -0.50 9.47
C CYS A 32 -1.24 -1.01 10.89
N PRO A 33 -1.53 -2.27 11.27
CA PRO A 33 -1.14 -2.80 12.58
C PRO A 33 0.38 -3.01 12.73
N ILE A 34 1.12 -3.07 11.62
CA ILE A 34 2.57 -3.35 11.59
C ILE A 34 3.37 -2.16 12.14
N CYS A 35 3.10 -0.95 11.64
CA CYS A 35 3.73 0.30 12.07
C CYS A 35 2.80 1.23 12.89
N LYS A 36 1.53 0.82 13.08
CA LYS A 36 0.45 1.56 13.77
C LYS A 36 0.14 2.90 13.11
N GLU A 37 -0.01 2.94 11.77
CA GLU A 37 -0.25 4.20 11.04
C GLU A 37 -1.48 4.17 10.12
N THR A 38 -2.19 5.30 10.07
CA THR A 38 -3.45 5.44 9.31
C THR A 38 -3.22 5.81 7.83
N VAL A 39 -3.86 5.07 6.92
CA VAL A 39 -3.99 5.41 5.49
C VAL A 39 -5.31 6.13 5.21
N THR A 40 -5.33 6.98 4.18
CA THR A 40 -6.50 7.75 3.72
C THR A 40 -6.65 7.67 2.20
N GLY A 41 -7.88 7.75 1.71
CA GLY A 41 -8.21 7.63 0.28
C GLY A 41 -7.72 8.80 -0.59
N VAL A 42 -7.30 8.51 -1.83
CA VAL A 42 -6.79 9.47 -2.81
C VAL A 42 -7.29 9.18 -4.22
N TYR A 43 -7.73 10.17 -5.00
CA TYR A 43 -8.28 9.94 -6.35
C TYR A 43 -7.19 9.57 -7.39
N ASP A 44 -7.35 8.43 -8.05
CA ASP A 44 -6.57 7.99 -9.21
C ASP A 44 -7.23 8.43 -10.52
N GLU A 45 -6.52 9.18 -11.36
CA GLU A 45 -6.99 9.62 -12.68
C GLU A 45 -7.05 8.49 -13.73
N GLU A 46 -6.26 7.42 -13.60
CA GLU A 46 -6.18 6.33 -14.58
C GLU A 46 -7.44 5.43 -14.54
N SER A 47 -7.78 4.91 -13.37
CA SER A 47 -9.03 4.16 -13.14
C SER A 47 -10.25 5.09 -12.99
N GLY A 48 -10.04 6.32 -12.53
CA GLY A 48 -11.11 7.29 -12.24
C GLY A 48 -11.82 7.04 -10.90
N GLU A 49 -11.09 6.53 -9.90
CA GLU A 49 -11.62 6.03 -8.62
C GLU A 49 -10.70 6.41 -7.44
N TRP A 50 -11.23 6.47 -6.22
CA TRP A 50 -10.44 6.68 -5.01
C TRP A 50 -9.71 5.40 -4.59
N VAL A 51 -8.45 5.54 -4.17
CA VAL A 51 -7.51 4.44 -3.84
C VAL A 51 -6.68 4.71 -2.59
N TRP A 52 -6.29 3.64 -1.91
CA TRP A 52 -5.31 3.61 -0.83
C TRP A 52 -3.94 3.25 -1.41
N LYS A 53 -3.07 4.26 -1.54
CA LYS A 53 -1.72 4.11 -2.14
C LYS A 53 -0.80 3.29 -1.23
N ASN A 54 0.12 2.51 -1.83
CA ASN A 54 1.06 1.62 -1.12
C ASN A 54 0.36 0.74 -0.06
N THR A 55 -0.80 0.14 -0.41
CA THR A 55 -1.66 -0.61 0.53
C THR A 55 -2.08 -1.97 -0.03
N ILE A 56 -2.22 -2.95 0.86
CA ILE A 56 -2.60 -4.34 0.60
C ILE A 56 -3.57 -4.84 1.70
N GLU A 57 -4.45 -5.79 1.40
CA GLU A 57 -5.30 -6.47 2.38
C GLU A 57 -4.84 -7.91 2.63
N VAL A 58 -4.44 -8.22 3.86
CA VAL A 58 -3.87 -9.52 4.27
C VAL A 58 -4.32 -9.88 5.68
N ASN A 59 -4.65 -11.15 5.86
CA ASN A 59 -5.12 -11.73 7.13
C ASN A 59 -6.35 -11.00 7.73
N GLY A 60 -7.24 -10.48 6.87
CA GLY A 60 -8.45 -9.74 7.26
C GLY A 60 -8.21 -8.29 7.73
N LYS A 61 -7.00 -7.75 7.53
CA LYS A 61 -6.60 -6.38 7.92
C LYS A 61 -5.88 -5.65 6.77
N TYR A 62 -5.89 -4.32 6.82
CA TYR A 62 -5.15 -3.49 5.87
C TYR A 62 -3.72 -3.23 6.35
N PHE A 63 -2.78 -3.45 5.43
CA PHE A 63 -1.34 -3.36 5.61
C PHE A 63 -0.75 -2.39 4.56
N HIS A 64 0.42 -1.81 4.83
CA HIS A 64 1.19 -1.10 3.79
C HIS A 64 1.94 -2.15 2.95
N SER A 65 2.03 -1.96 1.64
CA SER A 65 2.72 -2.94 0.77
C SER A 65 4.23 -2.98 1.04
N THR A 66 4.88 -1.85 1.31
CA THR A 66 6.29 -1.78 1.76
C THR A 66 6.52 -2.41 3.13
N CYS A 67 5.59 -2.24 4.08
CA CYS A 67 5.61 -2.91 5.39
C CYS A 67 5.54 -4.44 5.19
N TYR A 68 4.47 -4.93 4.55
CA TYR A 68 4.22 -6.34 4.27
C TYR A 68 5.39 -7.05 3.56
N HIS A 69 6.04 -6.38 2.60
CA HIS A 69 7.20 -6.91 1.87
C HIS A 69 8.42 -7.23 2.77
N GLU A 70 8.55 -6.54 3.91
CA GLU A 70 9.64 -6.71 4.89
C GLU A 70 9.19 -7.37 6.22
N THR A 71 7.89 -7.58 6.44
CA THR A 71 7.31 -8.08 7.71
C THR A 71 7.72 -9.52 8.01
N SER A 72 7.81 -10.38 7.00
CA SER A 72 8.19 -11.79 7.15
C SER A 72 8.87 -12.35 5.87
N GLN A 73 9.50 -13.52 5.99
CA GLN A 73 10.10 -14.27 4.88
C GLN A 73 9.06 -14.66 3.79
N ASN A 74 9.50 -14.74 2.54
CA ASN A 74 8.62 -14.98 1.39
C ASN A 74 8.26 -16.47 1.23
N SER A 75 9.06 -17.25 0.50
CA SER A 75 8.81 -18.67 0.17
C SER A 75 7.44 -18.92 -0.50
N SER A 76 6.99 -20.19 -0.53
CA SER A 76 5.70 -20.65 -1.08
C SER A 76 5.13 -21.87 -0.35
N GLY A 1 11.37 22.64 -5.63
CA GLY A 1 12.23 23.61 -6.36
C GLY A 1 13.04 22.92 -7.45
N GLY A 2 14.36 23.15 -7.47
CA GLY A 2 15.29 22.48 -8.39
C GLY A 2 15.51 20.99 -8.09
N SER A 3 16.12 20.27 -9.03
CA SER A 3 16.38 18.83 -8.95
C SER A 3 17.33 18.46 -7.80
N GLU A 4 17.02 17.38 -7.09
CA GLU A 4 17.83 16.80 -6.00
C GLU A 4 17.53 15.29 -5.91
N PHE A 5 18.57 14.44 -5.93
CA PHE A 5 18.41 12.98 -6.02
C PHE A 5 17.87 12.36 -4.73
N SER A 6 16.80 11.58 -4.86
CA SER A 6 16.19 10.72 -3.82
C SER A 6 15.30 9.66 -4.49
N ASP A 7 15.87 8.97 -5.48
CA ASP A 7 15.16 8.10 -6.44
C ASP A 7 15.77 6.69 -6.57
N ARG A 8 15.15 5.85 -7.42
CA ARG A 8 15.57 4.48 -7.80
C ARG A 8 15.60 3.43 -6.68
N SER A 9 15.16 3.78 -5.47
CA SER A 9 14.91 2.85 -4.36
C SER A 9 13.74 1.90 -4.65
N ASN A 10 13.66 0.76 -3.95
CA ASN A 10 12.56 -0.20 -4.08
C ASN A 10 11.17 0.40 -3.76
N GLU A 11 11.12 1.47 -2.96
CA GLU A 11 9.89 2.21 -2.65
C GLU A 11 9.14 2.69 -3.90
N LEU A 12 9.84 3.00 -5.01
CA LEU A 12 9.22 3.39 -6.28
C LEU A 12 8.29 2.28 -6.82
N GLU A 13 8.66 1.02 -6.63
CA GLU A 13 7.87 -0.13 -7.06
C GLU A 13 6.79 -0.53 -6.05
N ILE A 14 7.13 -0.55 -4.75
CA ILE A 14 6.19 -0.97 -3.70
C ILE A 14 5.06 0.08 -3.51
N ARG A 15 5.30 1.38 -3.80
CA ARG A 15 4.23 2.41 -3.71
C ARG A 15 3.25 2.36 -4.89
N GLY A 16 3.61 1.65 -5.97
CA GLY A 16 2.74 1.35 -7.11
C GLY A 16 1.61 0.34 -6.78
N LYS A 17 1.69 -0.35 -5.63
CA LYS A 17 0.61 -1.20 -5.10
C LYS A 17 -0.52 -0.33 -4.51
N TYR A 18 -1.75 -0.57 -4.92
CA TYR A 18 -2.94 0.07 -4.37
C TYR A 18 -4.19 -0.81 -4.45
N VAL A 19 -5.21 -0.43 -3.67
CA VAL A 19 -6.55 -1.05 -3.65
C VAL A 19 -7.61 0.06 -3.67
N VAL A 20 -8.64 -0.08 -4.51
CA VAL A 20 -9.71 0.92 -4.69
C VAL A 20 -10.56 1.04 -3.43
N VAL A 21 -10.88 2.28 -3.01
CA VAL A 21 -11.83 2.56 -1.93
C VAL A 21 -13.25 2.33 -2.47
N PRO A 22 -14.03 1.36 -1.95
CA PRO A 22 -15.41 1.16 -2.35
C PRO A 22 -16.34 2.19 -1.71
N GLU A 23 -17.45 2.54 -2.37
CA GLU A 23 -18.47 3.45 -1.79
C GLU A 23 -19.13 2.89 -0.52
N THR A 24 -19.08 1.56 -0.35
CA THR A 24 -19.50 0.85 0.87
C THR A 24 -18.63 1.18 2.11
N SER A 25 -17.36 1.54 1.92
CA SER A 25 -16.43 1.89 2.99
C SER A 25 -16.66 3.32 3.53
N GLN A 26 -16.86 3.45 4.84
CA GLN A 26 -16.90 4.74 5.54
C GLN A 26 -15.49 5.27 5.86
N ASP A 27 -15.35 6.59 5.96
CA ASP A 27 -14.13 7.35 6.32
C ASP A 27 -12.91 7.20 5.37
N MET A 28 -12.91 6.23 4.45
CA MET A 28 -11.89 6.05 3.39
C MET A 28 -10.45 5.87 3.93
N ALA A 29 -10.29 5.26 5.11
CA ALA A 29 -9.02 5.16 5.83
C ALA A 29 -8.94 3.91 6.71
N PHE A 30 -7.71 3.44 7.02
CA PHE A 30 -7.50 2.34 7.97
C PHE A 30 -6.13 2.40 8.67
N LYS A 31 -6.03 1.82 9.87
CA LYS A 31 -4.82 1.79 10.70
C LYS A 31 -3.77 0.78 10.22
N CYS A 32 -2.49 1.14 10.31
CA CYS A 32 -1.36 0.24 10.15
C CYS A 32 -0.91 -0.25 11.54
N PRO A 33 -1.15 -1.51 11.94
CA PRO A 33 -0.66 -2.03 13.22
C PRO A 33 0.87 -2.18 13.28
N ILE A 34 1.55 -2.21 12.13
CA ILE A 34 3.01 -2.42 12.04
C ILE A 34 3.77 -1.16 12.48
N CYS A 35 3.51 -0.01 11.85
CA CYS A 35 4.15 1.28 12.16
C CYS A 35 3.27 2.22 13.03
N LYS A 36 2.05 1.75 13.39
CA LYS A 36 1.05 2.47 14.20
C LYS A 36 0.60 3.78 13.56
N GLU A 37 0.35 3.76 12.23
CA GLU A 37 -0.09 4.95 11.46
C GLU A 37 -1.50 4.78 10.89
N THR A 38 -1.99 5.72 10.09
CA THR A 38 -3.26 5.62 9.34
C THR A 38 -3.03 5.87 7.85
N VAL A 39 -3.49 4.98 6.97
CA VAL A 39 -3.52 5.19 5.51
C VAL A 39 -4.86 5.79 5.07
N THR A 40 -4.85 6.62 4.03
CA THR A 40 -6.03 7.37 3.55
C THR A 40 -6.17 7.28 2.03
N GLY A 41 -7.42 7.25 1.53
CA GLY A 41 -7.72 7.16 0.10
C GLY A 41 -7.43 8.46 -0.68
N VAL A 42 -7.15 8.31 -1.98
CA VAL A 42 -6.89 9.43 -2.89
C VAL A 42 -7.48 9.20 -4.28
N TYR A 43 -8.09 10.23 -4.89
CA TYR A 43 -8.72 10.11 -6.21
C TYR A 43 -7.69 9.97 -7.35
N ASP A 44 -7.73 8.85 -8.07
CA ASP A 44 -6.96 8.63 -9.31
C ASP A 44 -7.73 9.20 -10.52
N GLU A 45 -7.13 10.14 -11.24
CA GLU A 45 -7.75 10.79 -12.40
C GLU A 45 -7.79 9.91 -13.66
N GLU A 46 -6.92 8.89 -13.77
CA GLU A 46 -6.92 7.94 -14.91
C GLU A 46 -8.05 6.89 -14.82
N SER A 47 -8.19 6.19 -13.68
CA SER A 47 -9.31 5.27 -13.43
C SER A 47 -10.60 6.01 -13.12
N GLY A 48 -10.52 7.24 -12.57
CA GLY A 48 -11.66 8.03 -12.12
C GLY A 48 -12.24 7.53 -10.79
N GLU A 49 -11.40 6.98 -9.91
CA GLU A 49 -11.79 6.28 -8.68
C GLU A 49 -10.80 6.53 -7.53
N TRP A 50 -11.28 6.49 -6.29
CA TRP A 50 -10.45 6.62 -5.09
C TRP A 50 -9.62 5.35 -4.82
N VAL A 51 -8.37 5.50 -4.42
CA VAL A 51 -7.40 4.42 -4.16
C VAL A 51 -6.62 4.61 -2.87
N TRP A 52 -6.37 3.51 -2.16
CA TRP A 52 -5.47 3.42 -1.01
C TRP A 52 -4.05 3.11 -1.52
N LYS A 53 -3.18 4.12 -1.56
CA LYS A 53 -1.79 4.00 -2.05
C LYS A 53 -0.91 3.23 -1.06
N ASN A 54 0.08 2.48 -1.57
CA ASN A 54 0.99 1.65 -0.78
C ASN A 54 0.24 0.71 0.20
N THR A 55 -0.85 0.07 -0.24
CA THR A 55 -1.76 -0.71 0.62
C THR A 55 -1.97 -2.14 0.12
N ILE A 56 -2.15 -3.06 1.07
CA ILE A 56 -2.37 -4.49 0.91
C ILE A 56 -3.44 -4.97 1.91
N GLU A 57 -4.27 -5.94 1.49
CA GLU A 57 -5.26 -6.61 2.34
C GLU A 57 -4.93 -8.11 2.44
N VAL A 58 -4.71 -8.61 3.66
CA VAL A 58 -4.29 -9.98 3.98
C VAL A 58 -4.98 -10.45 5.24
N ASN A 59 -5.55 -11.65 5.18
CA ASN A 59 -6.18 -12.35 6.30
C ASN A 59 -7.23 -11.48 7.04
N GLY A 60 -8.07 -10.79 6.27
CA GLY A 60 -9.15 -9.92 6.76
C GLY A 60 -8.70 -8.58 7.37
N LYS A 61 -7.41 -8.22 7.22
CA LYS A 61 -6.78 -7.02 7.79
C LYS A 61 -6.04 -6.21 6.73
N TYR A 62 -5.94 -4.90 6.95
CA TYR A 62 -5.16 -3.98 6.10
C TYR A 62 -3.77 -3.70 6.67
N PHE A 63 -2.83 -3.48 5.75
CA PHE A 63 -1.43 -3.14 6.03
C PHE A 63 -0.86 -2.24 4.93
N HIS A 64 0.23 -1.52 5.22
CA HIS A 64 1.03 -0.84 4.20
C HIS A 64 1.85 -1.89 3.45
N SER A 65 2.03 -1.75 2.14
CA SER A 65 2.80 -2.73 1.35
C SER A 65 4.29 -2.72 1.72
N THR A 66 4.90 -1.54 1.90
CA THR A 66 6.29 -1.39 2.40
C THR A 66 6.50 -1.99 3.79
N CYS A 67 5.52 -1.84 4.69
CA CYS A 67 5.55 -2.40 6.04
C CYS A 67 5.45 -3.93 6.00
N TYR A 68 4.38 -4.47 5.39
CA TYR A 68 4.10 -5.92 5.37
C TYR A 68 5.16 -6.71 4.57
N HIS A 69 5.72 -6.14 3.50
CA HIS A 69 6.81 -6.75 2.71
C HIS A 69 8.06 -7.07 3.54
N GLU A 70 8.39 -6.20 4.50
CA GLU A 70 9.52 -6.41 5.44
C GLU A 70 9.12 -7.17 6.72
N THR A 71 7.86 -7.10 7.13
CA THR A 71 7.35 -7.69 8.40
C THR A 71 6.99 -9.17 8.26
N SER A 72 6.42 -9.58 7.14
CA SER A 72 6.21 -11.01 6.82
C SER A 72 7.55 -11.75 6.69
N GLN A 73 7.56 -13.05 7.01
CA GLN A 73 8.78 -13.87 7.01
C GLN A 73 9.40 -14.00 5.61
N ASN A 74 10.74 -14.10 5.53
CA ASN A 74 11.49 -14.09 4.27
C ASN A 74 11.13 -15.31 3.38
N SER A 75 10.87 -15.05 2.10
CA SER A 75 10.44 -16.03 1.08
C SER A 75 11.52 -16.33 0.01
N SER A 76 12.71 -15.73 0.11
CA SER A 76 13.84 -15.84 -0.84
C SER A 76 14.36 -17.28 -1.00
N GLY A 1 12.28 -2.00 -11.07
CA GLY A 1 13.57 -1.87 -10.36
C GLY A 1 14.23 -3.23 -10.15
N GLY A 2 15.38 -3.47 -10.77
CA GLY A 2 16.09 -4.76 -10.73
C GLY A 2 17.56 -4.69 -11.19
N SER A 3 18.19 -3.52 -11.10
CA SER A 3 19.54 -3.21 -11.60
C SER A 3 20.14 -1.98 -10.89
N GLU A 4 21.44 -1.76 -11.07
CA GLU A 4 22.25 -0.58 -10.66
C GLU A 4 22.30 -0.18 -9.16
N PHE A 5 21.55 -0.84 -8.28
CA PHE A 5 21.59 -0.63 -6.81
C PHE A 5 21.42 -1.95 -6.02
N SER A 6 21.36 -1.84 -4.69
CA SER A 6 21.31 -2.94 -3.72
C SER A 6 20.26 -4.03 -4.00
N ASP A 7 20.55 -5.26 -3.58
CA ASP A 7 19.82 -6.49 -3.93
C ASP A 7 18.33 -6.55 -3.50
N ARG A 8 17.88 -5.66 -2.61
CA ARG A 8 16.45 -5.51 -2.24
C ARG A 8 15.54 -5.28 -3.45
N SER A 9 15.99 -4.50 -4.43
CA SER A 9 15.41 -4.26 -5.77
C SER A 9 13.94 -3.78 -5.85
N ASN A 10 13.00 -4.61 -5.40
CA ASN A 10 11.55 -4.45 -5.59
C ASN A 10 10.91 -3.34 -4.74
N GLU A 11 11.59 -2.79 -3.72
CA GLU A 11 11.00 -1.80 -2.79
C GLU A 11 10.43 -0.54 -3.48
N LEU A 12 10.97 -0.17 -4.65
CA LEU A 12 10.51 0.95 -5.49
C LEU A 12 9.20 0.64 -6.25
N GLU A 13 8.80 -0.63 -6.35
CA GLU A 13 7.57 -1.12 -7.00
C GLU A 13 6.53 -1.61 -6.00
N ILE A 14 6.96 -2.17 -4.85
CA ILE A 14 6.10 -2.58 -3.72
C ILE A 14 5.19 -1.42 -3.27
N ARG A 15 5.73 -0.20 -3.20
CA ARG A 15 5.00 1.03 -2.85
C ARG A 15 3.91 1.43 -3.86
N GLY A 16 4.04 0.96 -5.11
CA GLY A 16 3.14 1.26 -6.22
C GLY A 16 1.85 0.44 -6.25
N LYS A 17 1.74 -0.59 -5.39
CA LYS A 17 0.51 -1.38 -5.21
C LYS A 17 -0.57 -0.54 -4.50
N TYR A 18 -1.83 -0.72 -4.88
CA TYR A 18 -2.98 -0.04 -4.27
C TYR A 18 -4.27 -0.87 -4.36
N VAL A 19 -5.26 -0.46 -3.58
CA VAL A 19 -6.62 -1.00 -3.57
C VAL A 19 -7.65 0.14 -3.63
N VAL A 20 -8.67 0.00 -4.49
CA VAL A 20 -9.68 1.05 -4.73
C VAL A 20 -10.61 1.21 -3.50
N VAL A 21 -10.85 2.45 -3.09
CA VAL A 21 -11.80 2.81 -2.02
C VAL A 21 -13.22 2.96 -2.61
N PRO A 22 -14.22 2.17 -2.15
CA PRO A 22 -15.61 2.40 -2.49
C PRO A 22 -16.19 3.57 -1.69
N GLU A 23 -17.11 4.33 -2.29
CA GLU A 23 -17.74 5.48 -1.63
C GLU A 23 -18.57 5.08 -0.38
N THR A 24 -19.02 3.82 -0.32
CA THR A 24 -19.69 3.21 0.83
C THR A 24 -18.78 2.99 2.05
N SER A 25 -17.44 3.00 1.88
CA SER A 25 -16.44 2.92 2.97
C SER A 25 -16.29 4.23 3.79
N GLN A 26 -17.41 4.88 4.12
CA GLN A 26 -17.56 6.01 5.04
C GLN A 26 -16.52 7.15 4.83
N ASP A 27 -15.45 7.19 5.64
CA ASP A 27 -14.43 8.24 5.65
C ASP A 27 -13.18 7.95 4.80
N MET A 28 -13.16 6.83 4.04
CA MET A 28 -12.03 6.42 3.18
C MET A 28 -10.69 6.25 3.93
N ALA A 29 -10.71 5.75 5.16
CA ALA A 29 -9.50 5.60 6.00
C ALA A 29 -9.43 4.29 6.78
N PHE A 30 -8.20 3.84 7.07
CA PHE A 30 -7.87 2.70 7.93
C PHE A 30 -6.49 2.93 8.59
N LYS A 31 -6.02 2.09 9.52
CA LYS A 31 -4.71 2.22 10.18
C LYS A 31 -3.82 0.98 10.04
N CYS A 32 -2.57 1.16 9.61
CA CYS A 32 -1.52 0.14 9.54
C CYS A 32 -1.13 -0.34 10.94
N PRO A 33 -1.30 -1.64 11.30
CA PRO A 33 -0.88 -2.18 12.59
C PRO A 33 0.64 -2.15 12.84
N ILE A 34 1.47 -2.20 11.79
CA ILE A 34 2.93 -2.34 11.89
C ILE A 34 3.59 -1.03 12.35
N CYS A 35 3.34 0.08 11.64
CA CYS A 35 3.88 1.40 11.95
C CYS A 35 2.87 2.32 12.67
N LYS A 36 1.65 1.82 12.94
CA LYS A 36 0.53 2.53 13.60
C LYS A 36 0.12 3.80 12.84
N GLU A 37 0.01 3.73 11.50
CA GLU A 37 -0.24 4.94 10.68
C GLU A 37 -1.56 4.89 9.90
N THR A 38 -2.30 6.00 9.91
CA THR A 38 -3.59 6.13 9.20
C THR A 38 -3.38 6.30 7.68
N VAL A 39 -3.85 5.33 6.89
CA VAL A 39 -3.97 5.45 5.43
C VAL A 39 -5.28 6.17 5.07
N THR A 40 -5.26 6.99 4.01
CA THR A 40 -6.42 7.74 3.51
C THR A 40 -6.57 7.56 2.00
N GLY A 41 -7.80 7.52 1.50
CA GLY A 41 -8.10 7.38 0.08
C GLY A 41 -7.72 8.62 -0.72
N VAL A 42 -7.13 8.41 -1.91
CA VAL A 42 -6.62 9.48 -2.78
C VAL A 42 -7.19 9.36 -4.19
N TYR A 43 -7.53 10.48 -4.83
CA TYR A 43 -8.20 10.48 -6.14
C TYR A 43 -7.32 9.88 -7.27
N ASP A 44 -7.85 8.87 -7.94
CA ASP A 44 -7.29 8.23 -9.14
C ASP A 44 -7.77 8.99 -10.39
N GLU A 45 -6.93 9.87 -10.93
CA GLU A 45 -7.25 10.76 -12.05
C GLU A 45 -7.54 10.03 -13.38
N GLU A 46 -7.02 8.81 -13.57
CA GLU A 46 -7.21 8.02 -14.81
C GLU A 46 -8.62 7.41 -14.90
N SER A 47 -9.05 6.67 -13.86
CA SER A 47 -10.36 6.03 -13.78
C SER A 47 -11.45 6.93 -13.20
N GLY A 48 -11.07 7.97 -12.44
CA GLY A 48 -11.98 8.88 -11.73
C GLY A 48 -12.51 8.28 -10.41
N GLU A 49 -11.70 7.43 -9.76
CA GLU A 49 -12.03 6.72 -8.52
C GLU A 49 -11.19 7.25 -7.34
N TRP A 50 -11.17 6.54 -6.21
CA TRP A 50 -10.30 6.80 -5.06
C TRP A 50 -9.51 5.54 -4.69
N VAL A 51 -8.27 5.66 -4.22
CA VAL A 51 -7.34 4.54 -3.99
C VAL A 51 -6.53 4.69 -2.69
N TRP A 52 -6.28 3.55 -2.02
CA TRP A 52 -5.38 3.41 -0.88
C TRP A 52 -4.00 2.96 -1.38
N LYS A 53 -3.05 3.89 -1.46
CA LYS A 53 -1.68 3.70 -1.97
C LYS A 53 -0.79 2.93 -0.99
N ASN A 54 0.20 2.20 -1.51
CA ASN A 54 1.11 1.32 -0.75
C ASN A 54 0.35 0.37 0.21
N THR A 55 -0.79 -0.17 -0.21
CA THR A 55 -1.69 -0.98 0.67
C THR A 55 -1.87 -2.41 0.19
N ILE A 56 -1.90 -3.34 1.14
CA ILE A 56 -2.11 -4.79 0.98
C ILE A 56 -3.16 -5.29 1.99
N GLU A 57 -3.96 -6.27 1.59
CA GLU A 57 -4.88 -7.03 2.47
C GLU A 57 -4.37 -8.47 2.69
N VAL A 58 -4.34 -8.91 3.95
CA VAL A 58 -3.96 -10.29 4.33
C VAL A 58 -4.64 -10.68 5.66
N ASN A 59 -5.09 -11.93 5.76
CA ASN A 59 -5.76 -12.49 6.95
C ASN A 59 -6.96 -11.63 7.44
N GLY A 60 -7.72 -11.08 6.48
CA GLY A 60 -8.89 -10.24 6.74
C GLY A 60 -8.61 -8.81 7.25
N LYS A 61 -7.33 -8.37 7.23
CA LYS A 61 -6.86 -7.07 7.75
C LYS A 61 -5.97 -6.33 6.74
N TYR A 62 -5.93 -5.01 6.84
CA TYR A 62 -5.07 -4.15 6.02
C TYR A 62 -3.72 -3.84 6.66
N PHE A 63 -2.74 -3.66 5.78
CA PHE A 63 -1.34 -3.37 6.07
C PHE A 63 -0.74 -2.51 4.95
N HIS A 64 0.41 -1.90 5.17
CA HIS A 64 1.19 -1.26 4.11
C HIS A 64 2.04 -2.32 3.40
N SER A 65 2.18 -2.22 2.08
CA SER A 65 2.91 -3.20 1.28
C SER A 65 4.41 -3.22 1.63
N THR A 66 5.04 -2.06 1.79
CA THR A 66 6.46 -1.96 2.20
C THR A 66 6.69 -2.43 3.65
N CYS A 67 5.80 -2.06 4.58
CA CYS A 67 5.80 -2.53 5.96
C CYS A 67 5.74 -4.07 6.02
N TYR A 68 4.73 -4.66 5.37
CA TYR A 68 4.55 -6.10 5.27
C TYR A 68 5.79 -6.79 4.64
N HIS A 69 6.33 -6.25 3.56
CA HIS A 69 7.49 -6.80 2.84
C HIS A 69 8.78 -6.86 3.70
N GLU A 70 9.07 -5.82 4.46
CA GLU A 70 10.24 -5.78 5.37
C GLU A 70 10.03 -6.51 6.70
N THR A 71 8.79 -6.56 7.22
CA THR A 71 8.49 -7.07 8.58
C THR A 71 8.09 -8.55 8.58
N SER A 72 7.23 -8.97 7.66
CA SER A 72 6.56 -10.27 7.63
C SER A 72 7.28 -11.33 6.77
N GLN A 73 8.62 -11.34 6.80
CA GLN A 73 9.42 -12.34 6.08
C GLN A 73 9.14 -13.77 6.61
N ASN A 74 8.87 -14.70 5.69
CA ASN A 74 8.54 -16.10 5.98
C ASN A 74 9.72 -16.94 6.53
N SER A 75 9.37 -18.04 7.20
CA SER A 75 10.30 -19.11 7.58
C SER A 75 10.59 -20.03 6.38
N SER A 76 11.69 -20.80 6.46
CA SER A 76 12.13 -21.82 5.47
C SER A 76 12.24 -21.29 4.03
N GLY A 1 28.23 2.26 -24.65
CA GLY A 1 28.60 2.24 -23.22
C GLY A 1 27.36 2.22 -22.33
N GLY A 2 27.41 1.46 -21.23
CA GLY A 2 26.32 1.36 -20.24
C GLY A 2 26.28 2.52 -19.23
N SER A 3 25.49 2.34 -18.17
CA SER A 3 25.31 3.30 -17.06
C SER A 3 25.04 2.56 -15.73
N GLU A 4 25.58 3.05 -14.62
CA GLU A 4 25.48 2.42 -13.30
C GLU A 4 24.08 2.54 -12.66
N PHE A 5 23.58 1.44 -12.10
CA PHE A 5 22.36 1.36 -11.28
C PHE A 5 22.40 0.11 -10.36
N SER A 6 21.40 -0.05 -9.50
CA SER A 6 21.30 -1.16 -8.53
C SER A 6 19.86 -1.68 -8.39
N ASP A 7 19.68 -2.83 -7.72
CA ASP A 7 18.42 -3.57 -7.57
C ASP A 7 17.39 -2.92 -6.59
N ARG A 8 17.61 -1.67 -6.18
CA ARG A 8 16.69 -0.86 -5.36
C ARG A 8 15.35 -0.56 -6.05
N SER A 9 15.24 -0.82 -7.36
CA SER A 9 14.06 -0.54 -8.19
C SER A 9 12.77 -1.21 -7.71
N ASN A 10 12.83 -2.33 -6.96
CA ASN A 10 11.64 -2.95 -6.38
C ASN A 10 10.91 -2.06 -5.35
N GLU A 11 11.58 -1.10 -4.73
CA GLU A 11 10.95 -0.18 -3.76
C GLU A 11 9.88 0.70 -4.42
N LEU A 12 10.11 1.20 -5.64
CA LEU A 12 9.12 2.00 -6.36
C LEU A 12 7.90 1.15 -6.82
N GLU A 13 8.11 -0.16 -7.04
CA GLU A 13 7.04 -1.10 -7.36
C GLU A 13 6.14 -1.40 -6.15
N ILE A 14 6.73 -1.55 -4.96
CA ILE A 14 5.99 -1.66 -3.70
C ILE A 14 5.19 -0.38 -3.41
N ARG A 15 5.74 0.80 -3.73
CA ARG A 15 5.04 2.10 -3.61
C ARG A 15 3.93 2.25 -4.65
N GLY A 16 4.07 1.61 -5.81
CA GLY A 16 3.07 1.58 -6.89
C GLY A 16 1.87 0.66 -6.64
N LYS A 17 1.88 -0.18 -5.59
CA LYS A 17 0.71 -0.98 -5.17
C LYS A 17 -0.42 -0.08 -4.65
N TYR A 18 -1.66 -0.43 -4.97
CA TYR A 18 -2.87 0.19 -4.41
C TYR A 18 -4.07 -0.76 -4.43
N VAL A 19 -5.10 -0.40 -3.67
CA VAL A 19 -6.45 -1.00 -3.67
C VAL A 19 -7.49 0.11 -3.80
N VAL A 20 -8.52 -0.08 -4.62
CA VAL A 20 -9.59 0.94 -4.83
C VAL A 20 -10.40 1.12 -3.54
N VAL A 21 -10.66 2.38 -3.16
CA VAL A 21 -11.51 2.72 -2.02
C VAL A 21 -12.98 2.80 -2.50
N PRO A 22 -13.89 1.92 -2.04
CA PRO A 22 -15.29 1.93 -2.47
C PRO A 22 -16.09 3.08 -1.85
N GLU A 23 -17.26 3.38 -2.43
CA GLU A 23 -18.23 4.34 -1.86
C GLU A 23 -18.84 3.86 -0.53
N THR A 24 -18.78 2.54 -0.25
CA THR A 24 -19.16 1.92 1.03
C THR A 24 -18.08 2.01 2.11
N SER A 25 -16.88 2.53 1.80
CA SER A 25 -15.76 2.65 2.74
C SER A 25 -16.06 3.53 3.97
N GLN A 26 -15.44 3.19 5.11
CA GLN A 26 -15.44 4.00 6.33
C GLN A 26 -14.50 5.23 6.20
N ASP A 27 -15.06 6.33 5.68
CA ASP A 27 -14.42 7.64 5.52
C ASP A 27 -13.11 7.63 4.70
N MET A 28 -12.87 6.58 3.89
CA MET A 28 -11.63 6.34 3.14
C MET A 28 -10.34 6.31 3.98
N ALA A 29 -10.44 5.87 5.23
CA ALA A 29 -9.31 5.80 6.17
C ALA A 29 -9.26 4.46 6.92
N PHE A 30 -8.06 3.90 7.10
CA PHE A 30 -7.84 2.66 7.85
C PHE A 30 -6.43 2.57 8.46
N LYS A 31 -6.24 1.71 9.48
CA LYS A 31 -5.01 1.60 10.28
C LYS A 31 -3.98 0.61 9.72
N CYS A 32 -2.70 0.84 10.01
CA CYS A 32 -1.57 -0.08 9.83
C CYS A 32 -1.17 -0.64 11.21
N PRO A 33 -1.50 -1.90 11.56
CA PRO A 33 -1.12 -2.51 12.84
C PRO A 33 0.40 -2.66 13.07
N ILE A 34 1.21 -2.69 11.99
CA ILE A 34 2.67 -2.90 12.06
C ILE A 34 3.37 -1.64 12.60
N CYS A 35 3.14 -0.47 11.98
CA CYS A 35 3.77 0.79 12.37
C CYS A 35 2.85 1.73 13.18
N LYS A 36 1.61 1.28 13.44
CA LYS A 36 0.50 2.01 14.12
C LYS A 36 0.15 3.34 13.45
N GLU A 37 0.08 3.36 12.12
CA GLU A 37 -0.26 4.58 11.36
C GLU A 37 -1.64 4.48 10.68
N THR A 38 -2.05 5.50 9.91
CA THR A 38 -3.32 5.53 9.17
C THR A 38 -3.09 5.83 7.68
N VAL A 39 -3.62 4.96 6.81
CA VAL A 39 -3.71 5.20 5.35
C VAL A 39 -4.99 5.96 5.01
N THR A 40 -4.92 6.83 4.01
CA THR A 40 -6.07 7.60 3.49
C THR A 40 -6.16 7.50 1.96
N GLY A 41 -7.38 7.45 1.42
CA GLY A 41 -7.64 7.37 -0.02
C GLY A 41 -7.24 8.63 -0.80
N VAL A 42 -6.92 8.47 -2.09
CA VAL A 42 -6.58 9.56 -3.02
C VAL A 42 -7.22 9.35 -4.39
N TYR A 43 -7.70 10.41 -5.06
CA TYR A 43 -8.45 10.30 -6.31
C TYR A 43 -7.56 10.00 -7.54
N ASP A 44 -7.84 8.90 -8.24
CA ASP A 44 -7.25 8.58 -9.54
C ASP A 44 -8.11 9.15 -10.69
N GLU A 45 -7.54 10.04 -11.49
CA GLU A 45 -8.23 10.70 -12.62
C GLU A 45 -8.48 9.75 -13.82
N GLU A 46 -7.64 8.73 -14.02
CA GLU A 46 -7.75 7.78 -15.14
C GLU A 46 -8.90 6.78 -14.93
N SER A 47 -8.97 6.12 -13.77
CA SER A 47 -10.11 5.27 -13.40
C SER A 47 -11.35 6.10 -13.00
N GLY A 48 -11.14 7.31 -12.49
CA GLY A 48 -12.22 8.16 -11.98
C GLY A 48 -12.73 7.72 -10.60
N GLU A 49 -11.84 7.11 -9.79
CA GLU A 49 -12.17 6.49 -8.51
C GLU A 49 -11.05 6.73 -7.48
N TRP A 50 -11.38 6.65 -6.19
CA TRP A 50 -10.41 6.79 -5.10
C TRP A 50 -9.59 5.52 -4.87
N VAL A 51 -8.33 5.65 -4.47
CA VAL A 51 -7.37 4.55 -4.26
C VAL A 51 -6.57 4.71 -2.95
N TRP A 52 -6.36 3.61 -2.22
CA TRP A 52 -5.48 3.51 -1.06
C TRP A 52 -4.10 3.09 -1.58
N LYS A 53 -3.17 4.05 -1.71
CA LYS A 53 -1.79 3.81 -2.19
C LYS A 53 -0.92 3.16 -1.11
N ASN A 54 0.07 2.36 -1.54
CA ASN A 54 0.95 1.56 -0.67
C ASN A 54 0.15 0.68 0.34
N THR A 55 -0.96 0.08 -0.10
CA THR A 55 -1.89 -0.69 0.77
C THR A 55 -2.13 -2.12 0.27
N ILE A 56 -2.30 -3.05 1.21
CA ILE A 56 -2.53 -4.48 1.02
C ILE A 56 -3.52 -5.02 2.07
N GLU A 57 -4.31 -6.03 1.68
CA GLU A 57 -5.17 -6.83 2.58
C GLU A 57 -4.60 -8.26 2.69
N VAL A 58 -4.36 -8.72 3.93
CA VAL A 58 -3.77 -10.02 4.28
C VAL A 58 -4.44 -10.58 5.53
N ASN A 59 -4.88 -11.83 5.45
CA ASN A 59 -5.44 -12.61 6.55
C ASN A 59 -6.61 -11.89 7.29
N GLY A 60 -7.45 -11.18 6.53
CA GLY A 60 -8.61 -10.43 7.04
C GLY A 60 -8.28 -9.07 7.68
N LYS A 61 -7.04 -8.58 7.57
CA LYS A 61 -6.56 -7.27 8.07
C LYS A 61 -5.86 -6.47 6.98
N TYR A 62 -5.83 -5.15 7.12
CA TYR A 62 -5.14 -4.23 6.21
C TYR A 62 -3.77 -3.80 6.76
N PHE A 63 -2.83 -3.54 5.84
CA PHE A 63 -1.44 -3.22 6.10
C PHE A 63 -0.86 -2.31 5.01
N HIS A 64 0.26 -1.64 5.30
CA HIS A 64 1.08 -0.97 4.27
C HIS A 64 1.83 -2.03 3.47
N SER A 65 1.96 -1.86 2.15
CA SER A 65 2.72 -2.80 1.33
C SER A 65 4.21 -2.79 1.69
N THR A 66 4.80 -1.62 1.95
CA THR A 66 6.18 -1.50 2.48
C THR A 66 6.40 -2.17 3.84
N CYS A 67 5.49 -1.98 4.80
CA CYS A 67 5.56 -2.60 6.12
C CYS A 67 5.49 -4.14 6.04
N TYR A 68 4.48 -4.66 5.32
CA TYR A 68 4.31 -6.10 5.10
C TYR A 68 5.50 -6.72 4.35
N HIS A 69 6.02 -6.04 3.31
CA HIS A 69 7.17 -6.50 2.53
C HIS A 69 8.49 -6.49 3.33
N GLU A 70 8.68 -5.53 4.23
CA GLU A 70 9.81 -5.49 5.19
C GLU A 70 9.70 -6.58 6.27
N THR A 71 8.49 -6.92 6.70
CA THR A 71 8.21 -8.04 7.62
C THR A 71 8.45 -9.41 6.95
N SER A 72 8.10 -9.51 5.67
CA SER A 72 8.27 -10.70 4.82
C SER A 72 9.74 -10.95 4.41
N GLN A 73 10.00 -12.12 3.81
CA GLN A 73 11.30 -12.53 3.26
C GLN A 73 11.15 -13.20 1.89
N ASN A 74 12.24 -13.31 1.14
CA ASN A 74 12.32 -14.08 -0.11
C ASN A 74 12.18 -15.61 0.14
N SER A 75 12.01 -16.40 -0.92
CA SER A 75 11.80 -17.86 -0.86
C SER A 75 12.89 -18.60 -0.05
N SER A 76 12.46 -19.51 0.83
CA SER A 76 13.29 -20.23 1.81
C SER A 76 12.68 -21.60 2.18
N GLY A 1 17.41 4.42 -8.64
CA GLY A 1 18.45 4.11 -7.63
C GLY A 1 19.83 4.04 -8.27
N GLY A 2 20.82 4.73 -7.68
CA GLY A 2 22.19 4.84 -8.20
C GLY A 2 23.11 3.63 -7.90
N SER A 3 22.70 2.73 -7.00
CA SER A 3 23.47 1.55 -6.57
C SER A 3 23.16 0.28 -7.38
N GLU A 4 24.09 -0.67 -7.35
CA GLU A 4 24.00 -2.00 -7.99
C GLU A 4 23.48 -3.11 -7.04
N PHE A 5 22.95 -2.73 -5.87
CA PHE A 5 22.64 -3.62 -4.75
C PHE A 5 21.45 -4.59 -4.94
N SER A 6 20.78 -4.60 -6.11
CA SER A 6 19.71 -5.56 -6.43
C SER A 6 19.61 -5.89 -7.93
N ASP A 7 19.51 -4.87 -8.79
CA ASP A 7 19.38 -5.02 -10.26
C ASP A 7 18.22 -5.96 -10.66
N ARG A 8 17.06 -5.82 -10.00
CA ARG A 8 15.88 -6.71 -10.13
C ARG A 8 14.57 -5.91 -10.06
N SER A 9 13.58 -6.33 -10.87
CA SER A 9 12.34 -5.58 -11.10
C SER A 9 11.40 -5.48 -9.88
N ASN A 10 11.45 -6.46 -8.98
CA ASN A 10 10.56 -6.57 -7.81
C ASN A 10 10.66 -5.39 -6.82
N GLU A 11 11.77 -4.65 -6.81
CA GLU A 11 11.96 -3.42 -6.02
C GLU A 11 10.94 -2.32 -6.38
N LEU A 12 10.50 -2.25 -7.64
CA LEU A 12 9.50 -1.28 -8.13
C LEU A 12 8.06 -1.68 -7.75
N GLU A 13 7.76 -2.99 -7.76
CA GLU A 13 6.40 -3.51 -7.67
C GLU A 13 5.74 -3.28 -6.30
N ILE A 14 6.51 -3.28 -5.21
CA ILE A 14 5.99 -3.14 -3.84
C ILE A 14 5.31 -1.78 -3.63
N ARG A 15 5.85 -0.69 -4.22
CA ARG A 15 5.27 0.66 -4.11
C ARG A 15 4.20 0.96 -5.18
N GLY A 16 4.05 0.08 -6.17
CA GLY A 16 2.96 0.10 -7.15
C GLY A 16 1.62 -0.45 -6.63
N LYS A 17 1.61 -1.11 -5.47
CA LYS A 17 0.40 -1.71 -4.86
C LYS A 17 -0.60 -0.67 -4.35
N TYR A 18 -1.88 -0.89 -4.65
CA TYR A 18 -3.01 -0.14 -4.10
C TYR A 18 -4.31 -0.96 -4.11
N VAL A 19 -5.28 -0.51 -3.31
CA VAL A 19 -6.61 -1.09 -3.14
C VAL A 19 -7.67 0.01 -3.14
N VAL A 20 -8.76 -0.15 -3.90
CA VAL A 20 -9.81 0.88 -4.06
C VAL A 20 -10.58 1.11 -2.75
N VAL A 21 -10.87 2.38 -2.43
CA VAL A 21 -11.78 2.78 -1.33
C VAL A 21 -13.24 2.54 -1.78
N PRO A 22 -14.00 1.63 -1.15
CA PRO A 22 -15.41 1.41 -1.49
C PRO A 22 -16.33 2.48 -0.88
N GLU A 23 -17.53 2.67 -1.45
CA GLU A 23 -18.51 3.65 -0.97
C GLU A 23 -19.05 3.34 0.45
N THR A 24 -19.01 2.07 0.86
CA THR A 24 -19.37 1.59 2.22
C THR A 24 -18.37 2.05 3.29
N SER A 25 -17.07 2.09 2.96
CA SER A 25 -16.01 2.67 3.79
C SER A 25 -15.97 4.20 3.66
N GLN A 26 -17.08 4.87 4.00
CA GLN A 26 -17.32 6.29 3.75
C GLN A 26 -16.36 7.23 4.53
N ASP A 27 -15.69 6.74 5.58
CA ASP A 27 -14.60 7.44 6.28
C ASP A 27 -13.28 7.47 5.46
N MET A 28 -13.14 6.60 4.46
CA MET A 28 -12.01 6.49 3.52
C MET A 28 -10.63 6.27 4.18
N ALA A 29 -10.60 5.70 5.38
CA ALA A 29 -9.39 5.51 6.17
C ALA A 29 -9.34 4.17 6.93
N PHE A 30 -8.13 3.68 7.18
CA PHE A 30 -7.82 2.46 7.96
C PHE A 30 -6.40 2.56 8.54
N LYS A 31 -6.07 1.77 9.57
CA LYS A 31 -4.74 1.77 10.22
C LYS A 31 -3.84 0.60 9.75
N CYS A 32 -2.53 0.81 9.79
CA CYS A 32 -1.47 -0.19 9.62
C CYS A 32 -1.06 -0.74 10.99
N PRO A 33 -1.36 -2.01 11.33
CA PRO A 33 -0.93 -2.65 12.59
C PRO A 33 0.59 -2.79 12.78
N ILE A 34 1.41 -2.64 11.74
CA ILE A 34 2.88 -2.77 11.81
C ILE A 34 3.51 -1.49 12.37
N CYS A 35 3.34 -0.37 11.68
CA CYS A 35 3.93 0.92 12.05
C CYS A 35 2.96 1.85 12.82
N LYS A 36 1.73 1.38 13.05
CA LYS A 36 0.63 2.06 13.75
C LYS A 36 0.22 3.37 13.04
N GLU A 37 0.06 3.33 11.71
CA GLU A 37 -0.23 4.55 10.92
C GLU A 37 -1.49 4.48 10.06
N THR A 38 -2.22 5.59 9.97
CA THR A 38 -3.49 5.67 9.23
C THR A 38 -3.30 6.01 7.74
N VAL A 39 -3.78 5.15 6.84
CA VAL A 39 -3.92 5.45 5.40
C VAL A 39 -5.22 6.23 5.15
N THR A 40 -5.22 7.06 4.11
CA THR A 40 -6.41 7.80 3.62
C THR A 40 -6.57 7.65 2.11
N GLY A 41 -7.81 7.66 1.62
CA GLY A 41 -8.13 7.51 0.20
C GLY A 41 -7.62 8.66 -0.66
N VAL A 42 -7.20 8.34 -1.89
CA VAL A 42 -6.66 9.27 -2.88
C VAL A 42 -7.24 9.02 -4.27
N TYR A 43 -7.78 10.04 -4.94
CA TYR A 43 -8.39 9.89 -6.27
C TYR A 43 -7.35 9.55 -7.35
N ASP A 44 -7.47 8.37 -7.96
CA ASP A 44 -6.71 7.98 -9.16
C ASP A 44 -7.38 8.53 -10.42
N GLU A 45 -6.63 9.34 -11.18
CA GLU A 45 -7.14 10.15 -12.30
C GLU A 45 -7.55 9.31 -13.53
N GLU A 46 -6.83 8.23 -13.85
CA GLU A 46 -7.11 7.39 -15.02
C GLU A 46 -8.11 6.26 -14.72
N SER A 47 -8.09 5.69 -13.51
CA SER A 47 -9.13 4.76 -13.04
C SER A 47 -10.44 5.49 -12.76
N GLY A 48 -10.36 6.75 -12.33
CA GLY A 48 -11.49 7.60 -11.94
C GLY A 48 -12.08 7.24 -10.57
N GLU A 49 -11.26 6.71 -9.66
CA GLU A 49 -11.71 6.12 -8.38
C GLU A 49 -10.71 6.38 -7.24
N TRP A 50 -11.20 6.50 -6.02
CA TRP A 50 -10.39 6.71 -4.83
C TRP A 50 -9.69 5.41 -4.41
N VAL A 51 -8.40 5.45 -4.08
CA VAL A 51 -7.54 4.30 -3.78
C VAL A 51 -6.64 4.55 -2.57
N TRP A 52 -6.26 3.49 -1.87
CA TRP A 52 -5.26 3.48 -0.80
C TRP A 52 -3.91 3.10 -1.42
N LYS A 53 -3.04 4.09 -1.62
CA LYS A 53 -1.70 3.92 -2.23
C LYS A 53 -0.68 3.34 -1.24
N ASN A 54 0.25 2.51 -1.74
CA ASN A 54 1.25 1.79 -0.92
C ASN A 54 0.58 0.84 0.10
N THR A 55 -0.53 0.20 -0.28
CA THR A 55 -1.40 -0.59 0.61
C THR A 55 -1.68 -1.99 0.06
N ILE A 56 -1.87 -2.94 0.98
CA ILE A 56 -2.19 -4.36 0.75
C ILE A 56 -3.30 -4.81 1.70
N GLU A 57 -4.17 -5.71 1.22
CA GLU A 57 -5.16 -6.42 2.04
C GLU A 57 -4.72 -7.89 2.21
N VAL A 58 -4.62 -8.36 3.46
CA VAL A 58 -4.13 -9.70 3.82
C VAL A 58 -4.74 -10.18 5.13
N ASN A 59 -5.19 -11.44 5.12
CA ASN A 59 -5.83 -12.11 6.23
C ASN A 59 -7.04 -11.33 6.83
N GLY A 60 -7.80 -10.65 5.98
CA GLY A 60 -8.99 -9.86 6.34
C GLY A 60 -8.71 -8.46 6.91
N LYS A 61 -7.46 -8.01 6.92
CA LYS A 61 -7.03 -6.69 7.45
C LYS A 61 -6.14 -5.93 6.45
N TYR A 62 -6.07 -4.60 6.62
CA TYR A 62 -5.22 -3.72 5.81
C TYR A 62 -3.85 -3.49 6.44
N PHE A 63 -2.87 -3.28 5.56
CA PHE A 63 -1.46 -3.09 5.87
C PHE A 63 -0.80 -2.23 4.78
N HIS A 64 0.35 -1.62 5.05
CA HIS A 64 1.17 -1.00 3.99
C HIS A 64 1.89 -2.11 3.24
N SER A 65 2.00 -2.01 1.91
CA SER A 65 2.64 -3.04 1.08
C SER A 65 4.13 -3.19 1.40
N THR A 66 4.85 -2.09 1.63
CA THR A 66 6.26 -2.08 2.05
C THR A 66 6.47 -2.59 3.49
N CYS A 67 5.61 -2.21 4.44
CA CYS A 67 5.61 -2.72 5.81
C CYS A 67 5.45 -4.25 5.83
N TYR A 68 4.39 -4.76 5.19
CA TYR A 68 4.11 -6.19 5.08
C TYR A 68 5.29 -6.96 4.46
N HIS A 69 5.83 -6.49 3.34
CA HIS A 69 6.93 -7.14 2.64
C HIS A 69 8.23 -7.19 3.48
N GLU A 70 8.55 -6.12 4.20
CA GLU A 70 9.72 -6.05 5.09
C GLU A 70 9.54 -6.92 6.37
N THR A 71 8.32 -6.96 6.93
CA THR A 71 8.02 -7.58 8.23
C THR A 71 7.74 -9.08 8.14
N SER A 72 7.16 -9.56 7.04
CA SER A 72 6.78 -10.98 6.87
C SER A 72 8.03 -11.89 6.85
N GLN A 73 8.07 -12.86 7.77
CA GLN A 73 9.16 -13.83 7.89
C GLN A 73 9.05 -14.96 6.85
N ASN A 74 10.19 -15.44 6.34
CA ASN A 74 10.26 -16.58 5.41
C ASN A 74 9.87 -17.92 6.06
N SER A 75 10.07 -18.07 7.37
CA SER A 75 9.79 -19.29 8.16
C SER A 75 10.56 -20.54 7.65
N SER A 76 10.17 -21.74 8.09
CA SER A 76 10.76 -23.04 7.73
C SER A 76 10.49 -23.47 6.27
#